data_2WCC
#
_entry.id   2WCC
#
_cell.length_a   1.000
_cell.length_b   1.000
_cell.length_c   1.000
_cell.angle_alpha   90.00
_cell.angle_beta   90.00
_cell.angle_gamma   90.00
#
_symmetry.space_group_name_H-M   'P 1'
#
loop_
_entity.id
_entity.type
_entity.pdbx_description
1 polymer "DNA (5'-D(*DCP*DGP*DAP*DGP*DTP*DCP*DAP *DAP*DAP*DAP*DTP*DC)-3')"
2 polymer "DNA (5'-D(*DGP*DAP*DTP*DTP*DTP*DTP*DGP *DAP*DCP*DTP*DGP*DC)-3')"
3 polymer INTEGRASE
#
loop_
_entity_poly.entity_id
_entity_poly.type
_entity_poly.pdbx_seq_one_letter_code
_entity_poly.pdbx_strand_id
1 'polydeoxyribonucleotide' (DG)(DC)(DA)(DG)(DT)(DC)(DA)(DA)(DA)(DA)(DT)(DC) 1
2 'polydeoxyribonucleotide' (DG)(DA)(DT)(DT)(DT)(DT)(DG)(DA)(DC)(DT)(DG)(DC) 2
3 'polypeptide(L)' MGRRRSHERRDLPPNLYIRNNGYYCYRDPRTGKEFGLGRDRRIAITEAIQANIELFSGHKHKPL 3
#
loop_
_chem_comp.id
_chem_comp.type
_chem_comp.name
_chem_comp.formula
DA DNA linking 2'-DEOXYADENOSINE-5'-MONOPHOSPHATE 'C10 H14 N5 O6 P'
DC DNA linking 2'-DEOXYCYTIDINE-5'-MONOPHOSPHATE 'C9 H14 N3 O7 P'
DG DNA linking 2'-DEOXYGUANOSINE-5'-MONOPHOSPHATE 'C10 H14 N5 O7 P'
DT DNA linking THYMIDINE-5'-MONOPHOSPHATE 'C10 H15 N2 O8 P'
#
# COMPACT_ATOMS: atom_id res chain seq x y z
N MET C 1 -9.68 -3.80 14.67
CA MET C 1 -10.40 -2.96 13.68
C MET C 1 -11.42 -3.81 12.91
N GLY C 2 -11.86 -3.37 11.76
CA GLY C 2 -12.86 -4.17 10.99
C GLY C 2 -12.15 -5.26 10.19
N ARG C 3 -11.08 -4.92 9.52
CA ARG C 3 -10.36 -5.95 8.72
C ARG C 3 -8.87 -5.94 9.08
N ARG C 4 -8.41 -6.95 9.77
CA ARG C 4 -6.97 -6.99 10.16
C ARG C 4 -6.13 -7.53 9.01
N ARG C 5 -6.35 -8.76 8.62
CA ARG C 5 -5.55 -9.34 7.50
C ARG C 5 -6.47 -10.09 6.52
N SER C 6 -6.14 -10.05 5.26
CA SER C 6 -6.99 -10.76 4.25
C SER C 6 -6.12 -11.67 3.38
N HIS C 7 -6.72 -12.35 2.44
CA HIS C 7 -5.93 -13.25 1.55
C HIS C 7 -5.25 -12.44 0.45
N GLU C 8 -5.91 -11.46 -0.09
CA GLU C 8 -5.29 -10.63 -1.16
C GLU C 8 -4.23 -9.72 -0.55
N ARG C 9 -4.51 -9.20 0.60
CA ARG C 9 -3.51 -8.32 1.29
C ARG C 9 -2.27 -9.14 1.64
N ARG C 10 -2.34 -10.44 1.58
CA ARG C 10 -1.16 -11.27 1.91
C ARG C 10 -0.05 -11.03 0.88
N ASP C 11 -0.43 -10.67 -0.31
CA ASP C 11 0.60 -10.41 -1.36
C ASP C 11 0.70 -8.91 -1.66
N LEU C 12 0.04 -8.09 -0.89
CA LEU C 12 0.11 -6.62 -1.14
C LEU C 12 0.94 -5.93 -0.06
N PRO C 13 1.46 -4.79 -0.43
CA PRO C 13 2.28 -3.99 0.50
C PRO C 13 1.36 -3.15 1.38
N PRO C 14 1.93 -2.44 2.31
CA PRO C 14 1.12 -1.57 3.19
C PRO C 14 0.60 -0.37 2.38
N ASN C 15 -0.60 0.06 2.67
CA ASN C 15 -1.22 1.22 1.95
C ASN C 15 -1.64 0.81 0.52
N LEU C 16 -1.90 -0.45 0.29
CA LEU C 16 -2.34 -0.88 -1.06
C LEU C 16 -3.30 -2.08 -0.94
N TYR C 17 -4.46 -1.98 -1.53
CA TYR C 17 -5.44 -3.10 -1.45
C TYR C 17 -6.05 -3.38 -2.83
N ILE C 18 -6.60 -4.54 -3.01
CA ILE C 18 -7.22 -4.87 -4.33
C ILE C 18 -8.75 -4.79 -4.23
N ARG C 19 -9.38 -4.26 -5.24
CA ARG C 19 -10.86 -4.15 -5.23
C ARG C 19 -11.46 -5.43 -5.79
N ASN C 20 -12.73 -5.45 -6.01
CA ASN C 20 -13.35 -6.68 -6.54
C ASN C 20 -13.16 -6.74 -8.07
N ASN C 21 -12.89 -5.61 -8.68
CA ASN C 21 -12.68 -5.60 -10.16
C ASN C 21 -11.24 -5.98 -10.52
N GLY C 22 -10.47 -6.48 -9.58
CA GLY C 22 -9.07 -6.85 -9.89
C GLY C 22 -8.21 -5.59 -10.04
N TYR C 23 -8.67 -4.48 -9.51
CA TYR C 23 -7.88 -3.22 -9.60
C TYR C 23 -7.26 -2.87 -8.23
N TYR C 24 -6.01 -2.53 -8.19
CA TYR C 24 -5.37 -2.19 -6.89
C TYR C 24 -5.53 -0.69 -6.60
N CYS C 25 -5.40 -0.29 -5.37
CA CYS C 25 -5.54 1.16 -5.03
C CYS C 25 -4.64 1.55 -3.87
N TYR C 26 -4.15 2.76 -3.84
CA TYR C 26 -3.25 3.20 -2.74
C TYR C 26 -3.99 4.11 -1.76
N ARG C 27 -4.11 3.71 -0.52
CA ARG C 27 -4.82 4.56 0.49
C ARG C 27 -3.86 5.57 1.13
N ASP C 28 -4.21 6.83 1.12
CA ASP C 28 -3.32 7.85 1.75
C ASP C 28 -3.55 7.88 3.27
N PRO C 29 -2.48 8.08 4.00
CA PRO C 29 -2.57 8.13 5.48
C PRO C 29 -3.11 9.49 5.94
N ARG C 30 -3.30 10.42 5.04
CA ARG C 30 -3.81 11.75 5.42
C ARG C 30 -5.32 11.71 5.58
N THR C 31 -5.99 10.98 4.72
CA THR C 31 -7.47 10.93 4.81
C THR C 31 -8.00 9.49 4.70
N GLY C 32 -7.20 8.56 4.23
CA GLY C 32 -7.68 7.16 4.11
C GLY C 32 -8.35 6.93 2.74
N LYS C 33 -8.45 7.95 1.92
CA LYS C 33 -9.07 7.75 0.58
C LYS C 33 -8.03 7.18 -0.37
N GLU C 34 -8.35 6.90 -1.61
CA GLU C 34 -7.30 6.30 -2.48
C GLU C 34 -7.52 6.55 -3.97
N PHE C 35 -6.63 6.04 -4.77
CA PHE C 35 -6.74 6.21 -6.24
C PHE C 35 -6.42 4.87 -6.92
N GLY C 36 -6.85 4.66 -8.12
CA GLY C 36 -6.57 3.37 -8.82
C GLY C 36 -5.08 3.30 -9.21
N LEU C 37 -4.42 2.24 -8.84
CA LEU C 37 -2.97 2.09 -9.21
C LEU C 37 -2.85 1.39 -10.56
N GLY C 38 -3.06 0.10 -10.59
CA GLY C 38 -2.97 -0.64 -11.87
C GLY C 38 -3.68 -1.98 -11.71
N ARG C 39 -4.00 -2.62 -12.81
CA ARG C 39 -4.70 -3.94 -12.70
C ARG C 39 -3.67 -5.06 -12.54
N ASP C 40 -2.41 -4.76 -12.72
CA ASP C 40 -1.36 -5.82 -12.55
C ASP C 40 -1.04 -5.97 -11.07
N ARG C 41 -0.71 -7.16 -10.65
CA ARG C 41 -0.41 -7.42 -9.22
C ARG C 41 1.00 -6.95 -8.88
N ARG C 42 1.98 -7.39 -9.63
CA ARG C 42 3.37 -6.97 -9.33
C ARG C 42 3.54 -5.48 -9.60
N ILE C 43 2.69 -4.93 -10.43
CA ILE C 43 2.77 -3.48 -10.75
C ILE C 43 2.24 -2.63 -9.59
N ALA C 44 0.97 -2.75 -9.29
CA ALA C 44 0.40 -1.93 -8.18
C ALA C 44 1.19 -2.20 -6.89
N ILE C 45 1.52 -3.43 -6.63
CA ILE C 45 2.30 -3.75 -5.39
C ILE C 45 3.67 -3.06 -5.45
N THR C 46 4.37 -3.22 -6.54
CA THR C 46 5.71 -2.57 -6.67
C THR C 46 5.60 -1.07 -6.43
N GLU C 47 4.58 -0.46 -6.98
CA GLU C 47 4.39 1.01 -6.81
C GLU C 47 4.21 1.35 -5.33
N ALA C 48 3.27 0.74 -4.68
CA ALA C 48 3.03 1.04 -3.23
C ALA C 48 4.28 0.73 -2.42
N ILE C 49 5.03 -0.28 -2.80
CA ILE C 49 6.25 -0.61 -2.04
C ILE C 49 7.24 0.55 -2.10
N GLN C 50 7.39 1.16 -3.24
CA GLN C 50 8.34 2.31 -3.36
C GLN C 50 7.91 3.43 -2.42
N ALA C 51 6.67 3.81 -2.50
CA ALA C 51 6.19 4.90 -1.61
C ALA C 51 6.43 4.49 -0.15
N ASN C 52 6.24 3.24 0.16
CA ASN C 52 6.48 2.78 1.56
C ASN C 52 7.94 3.00 1.93
N ILE C 53 8.83 2.95 0.97
CA ILE C 53 10.27 3.18 1.29
C ILE C 53 10.41 4.60 1.80
N GLU C 54 9.84 5.54 1.08
CA GLU C 54 9.91 6.95 1.54
C GLU C 54 9.14 7.09 2.86
N LEU C 55 7.96 6.53 2.92
CA LEU C 55 7.15 6.60 4.18
C LEU C 55 7.93 5.97 5.33
N PHE C 56 8.88 5.12 5.03
CA PHE C 56 9.67 4.46 6.11
C PHE C 56 11.02 5.17 6.30
N SER C 57 11.24 6.27 5.64
CA SER C 57 12.54 6.99 5.78
C SER C 57 12.93 7.11 7.25
N GLY C 58 11.98 7.11 8.15
CA GLY C 58 12.31 7.23 9.59
C GLY C 58 12.08 5.88 10.28
N HIS C 59 13.14 5.24 10.72
CA HIS C 59 12.98 3.92 11.39
C HIS C 59 14.18 3.64 12.30
N LYS C 60 15.37 3.93 11.83
CA LYS C 60 16.58 3.68 12.67
C LYS C 60 16.42 4.32 14.04
N HIS C 61 16.52 3.53 15.07
CA HIS C 61 16.39 4.08 16.46
C HIS C 61 17.52 3.50 17.32
N LYS C 62 18.73 3.61 16.85
CA LYS C 62 19.89 3.06 17.62
C LYS C 62 19.78 1.53 17.67
N PRO C 63 19.60 0.92 16.53
CA PRO C 63 19.49 -0.56 16.46
C PRO C 63 20.84 -1.21 16.76
N LEU C 64 20.87 -2.50 16.97
CA LEU C 64 22.15 -3.18 17.27
C LEU C 64 22.14 -4.61 16.69
N MET C 1 -9.90 -4.07 15.34
CA MET C 1 -10.66 -3.32 14.31
C MET C 1 -11.53 -4.28 13.49
N GLY C 2 -11.97 -3.87 12.32
CA GLY C 2 -12.80 -4.77 11.49
C GLY C 2 -11.89 -5.69 10.68
N ARG C 3 -11.67 -5.37 9.43
CA ARG C 3 -10.78 -6.22 8.59
C ARG C 3 -9.31 -5.85 8.91
N ARG C 4 -8.72 -6.51 9.86
CA ARG C 4 -7.31 -6.18 10.23
C ARG C 4 -6.32 -6.85 9.29
N ARG C 5 -6.42 -8.14 9.10
CA ARG C 5 -5.46 -8.83 8.20
C ARG C 5 -6.19 -9.74 7.22
N SER C 6 -5.76 -9.76 5.98
CA SER C 6 -6.41 -10.64 4.97
C SER C 6 -5.35 -11.44 4.22
N HIS C 7 -5.76 -12.43 3.48
CA HIS C 7 -4.76 -13.24 2.73
C HIS C 7 -4.16 -12.44 1.58
N GLU C 8 -4.93 -11.57 0.99
CA GLU C 8 -4.39 -10.74 -0.14
C GLU C 8 -3.38 -9.73 0.40
N ARG C 9 -3.70 -9.13 1.53
CA ARG C 9 -2.76 -8.15 2.13
C ARG C 9 -1.42 -8.83 2.41
N ARG C 10 -1.39 -10.14 2.44
CA ARG C 10 -0.11 -10.84 2.71
C ARG C 10 0.91 -10.52 1.61
N ASP C 11 0.44 -10.16 0.45
CA ASP C 11 1.37 -9.83 -0.67
C ASP C 11 1.35 -8.33 -0.96
N LEU C 12 0.37 -7.62 -0.46
CA LEU C 12 0.32 -6.15 -0.72
C LEU C 12 1.20 -5.40 0.28
N PRO C 13 1.77 -4.32 -0.19
CA PRO C 13 2.63 -3.47 0.67
C PRO C 13 1.73 -2.56 1.50
N PRO C 14 2.32 -1.81 2.39
CA PRO C 14 1.53 -0.88 3.21
C PRO C 14 1.02 0.27 2.33
N ASN C 15 -0.18 0.72 2.58
CA ASN C 15 -0.78 1.85 1.77
C ASN C 15 -1.17 1.37 0.37
N LEU C 16 -1.38 0.09 0.19
CA LEU C 16 -1.80 -0.43 -1.14
C LEU C 16 -2.79 -1.57 -0.96
N TYR C 17 -3.94 -1.45 -1.53
CA TYR C 17 -4.96 -2.53 -1.38
C TYR C 17 -5.60 -2.86 -2.73
N ILE C 18 -6.19 -4.01 -2.85
CA ILE C 18 -6.83 -4.37 -4.14
C ILE C 18 -8.35 -4.22 -4.01
N ARG C 19 -9.00 -3.74 -5.04
CA ARG C 19 -10.47 -3.57 -4.97
C ARG C 19 -11.12 -4.86 -5.41
N ASN C 20 -12.41 -4.88 -5.58
CA ASN C 20 -13.06 -6.13 -6.01
C ASN C 20 -12.94 -6.29 -7.53
N ASN C 21 -12.62 -5.22 -8.22
CA ASN C 21 -12.48 -5.31 -9.71
C ASN C 21 -11.08 -5.82 -10.09
N GLY C 22 -10.33 -6.33 -9.15
CA GLY C 22 -8.97 -6.83 -9.49
C GLY C 22 -8.02 -5.64 -9.71
N TYR C 23 -8.42 -4.46 -9.30
CA TYR C 23 -7.55 -3.27 -9.49
C TYR C 23 -6.79 -2.97 -8.19
N TYR C 24 -5.52 -2.66 -8.28
CA TYR C 24 -4.75 -2.35 -7.05
C TYR C 24 -4.66 -0.84 -6.85
N CYS C 25 -5.39 -0.30 -5.91
CA CYS C 25 -5.33 1.17 -5.67
C CYS C 25 -4.48 1.48 -4.45
N TYR C 26 -4.00 2.69 -4.34
CA TYR C 26 -3.15 3.04 -3.17
C TYR C 26 -3.95 3.89 -2.18
N ARG C 27 -4.03 3.48 -0.95
CA ARG C 27 -4.79 4.27 0.05
C ARG C 27 -3.87 5.32 0.67
N ASP C 28 -4.14 6.58 0.42
CA ASP C 28 -3.26 7.64 0.99
C ASP C 28 -3.59 7.85 2.47
N PRO C 29 -2.56 8.01 3.26
CA PRO C 29 -2.76 8.23 4.72
C PRO C 29 -3.19 9.67 4.98
N ARG C 30 -3.01 10.54 4.02
CA ARG C 30 -3.39 11.97 4.21
C ARG C 30 -4.87 12.15 3.86
N THR C 31 -5.41 11.26 3.08
CA THR C 31 -6.85 11.40 2.69
C THR C 31 -7.60 10.09 2.95
N GLY C 32 -6.98 8.98 2.72
CA GLY C 32 -7.66 7.67 2.96
C GLY C 32 -8.39 7.21 1.69
N LYS C 33 -8.41 8.00 0.65
CA LYS C 33 -9.10 7.58 -0.59
C LYS C 33 -8.18 6.68 -1.42
N GLU C 34 -8.64 6.23 -2.56
CA GLU C 34 -7.78 5.31 -3.36
C GLU C 34 -7.19 5.99 -4.60
N PHE C 35 -6.30 5.29 -5.26
CA PHE C 35 -5.67 5.83 -6.48
C PHE C 35 -5.44 4.68 -7.46
N GLY C 36 -6.21 4.62 -8.52
CA GLY C 36 -6.04 3.51 -9.50
C GLY C 36 -4.60 3.46 -10.01
N LEU C 37 -3.83 2.50 -9.57
CA LEU C 37 -2.43 2.39 -10.07
C LEU C 37 -2.42 1.60 -11.37
N GLY C 38 -2.73 0.34 -11.28
CA GLY C 38 -2.77 -0.51 -12.50
C GLY C 38 -3.51 -1.80 -12.18
N ARG C 39 -3.92 -2.53 -13.17
CA ARG C 39 -4.63 -3.81 -12.90
C ARG C 39 -3.61 -4.92 -12.64
N ASP C 40 -2.34 -4.62 -12.78
CA ASP C 40 -1.29 -5.65 -12.53
C ASP C 40 -1.00 -5.70 -11.03
N ARG C 41 -0.76 -6.87 -10.53
CA ARG C 41 -0.48 -7.03 -9.07
C ARG C 41 0.95 -6.62 -8.73
N ARG C 42 1.91 -7.18 -9.41
CA ARG C 42 3.33 -6.83 -9.13
C ARG C 42 3.58 -5.36 -9.47
N ILE C 43 2.81 -4.82 -10.37
CA ILE C 43 3.00 -3.41 -10.79
C ILE C 43 2.49 -2.42 -9.72
N ALA C 44 1.22 -2.42 -9.44
CA ALA C 44 0.67 -1.48 -8.44
C ALA C 44 1.38 -1.65 -7.09
N ILE C 45 1.51 -2.85 -6.62
CA ILE C 45 2.20 -3.07 -5.31
C ILE C 45 3.64 -2.57 -5.40
N THR C 46 4.32 -2.88 -6.46
CA THR C 46 5.73 -2.40 -6.61
C THR C 46 5.78 -0.88 -6.45
N GLU C 47 4.89 -0.18 -7.11
CA GLU C 47 4.87 1.30 -7.00
C GLU C 47 4.62 1.72 -5.55
N ALA C 48 3.63 1.14 -4.92
CA ALA C 48 3.34 1.50 -3.51
C ALA C 48 4.54 1.19 -2.62
N ILE C 49 5.27 0.15 -2.93
CA ILE C 49 6.46 -0.19 -2.10
C ILE C 49 7.46 0.95 -2.15
N GLN C 50 7.68 1.52 -3.31
CA GLN C 50 8.65 2.64 -3.42
C GLN C 50 8.19 3.81 -2.55
N ALA C 51 6.97 4.20 -2.69
CA ALA C 51 6.46 5.33 -1.86
C ALA C 51 6.61 4.97 -0.39
N ASN C 52 6.39 3.73 -0.06
CA ASN C 52 6.55 3.31 1.36
C ASN C 52 7.99 3.53 1.80
N ILE C 53 8.93 3.45 0.90
CA ILE C 53 10.34 3.67 1.29
C ILE C 53 10.49 5.12 1.74
N GLU C 54 10.01 6.03 0.94
CA GLU C 54 10.08 7.46 1.33
C GLU C 54 9.23 7.68 2.58
N LEU C 55 8.05 7.11 2.60
CA LEU C 55 7.15 7.25 3.79
C LEU C 55 7.87 6.73 5.03
N PHE C 56 8.75 5.78 4.86
CA PHE C 56 9.47 5.21 6.04
C PHE C 56 10.79 5.94 6.27
N SER C 57 11.04 7.01 5.55
CA SER C 57 12.31 7.77 5.73
C SER C 57 12.66 7.94 7.21
N GLY C 58 11.66 8.08 8.05
CA GLY C 58 11.94 8.24 9.51
C GLY C 58 11.50 6.98 10.26
N HIS C 59 12.39 6.41 11.04
CA HIS C 59 12.02 5.18 11.80
C HIS C 59 13.19 4.73 12.67
N LYS C 60 13.12 3.53 13.19
CA LYS C 60 14.23 3.03 14.05
C LYS C 60 14.99 1.92 13.35
N HIS C 61 16.28 2.08 13.17
CA HIS C 61 17.08 1.02 12.50
C HIS C 61 17.76 0.16 13.57
N LYS C 62 17.00 -0.24 14.55
CA LYS C 62 17.58 -1.06 15.65
C LYS C 62 18.61 -0.24 16.44
N PRO C 63 18.20 0.93 16.86
CA PRO C 63 19.11 1.82 17.63
C PRO C 63 19.32 1.26 19.04
N LEU C 64 20.51 1.38 19.56
CA LEU C 64 20.78 0.86 20.94
C LEU C 64 21.78 1.76 21.65
N MET C 1 -8.86 -3.58 14.63
CA MET C 1 -9.78 -2.77 13.78
C MET C 1 -10.84 -3.68 13.13
N GLY C 2 -11.43 -3.26 12.05
CA GLY C 2 -12.47 -4.12 11.40
C GLY C 2 -11.79 -5.13 10.48
N ARG C 3 -10.64 -4.81 9.97
CA ARG C 3 -9.92 -5.75 9.08
C ARG C 3 -8.44 -5.77 9.45
N ARG C 4 -8.01 -6.77 10.18
CA ARG C 4 -6.57 -6.82 10.58
C ARG C 4 -5.69 -7.32 9.43
N ARG C 5 -5.89 -8.53 8.99
CA ARG C 5 -5.05 -9.05 7.87
C ARG C 5 -5.88 -9.87 6.88
N SER C 6 -5.40 -9.99 5.67
CA SER C 6 -6.14 -10.79 4.64
C SER C 6 -5.15 -11.59 3.81
N HIS C 7 -5.56 -12.73 3.31
CA HIS C 7 -4.62 -13.55 2.49
C HIS C 7 -4.01 -12.71 1.37
N GLU C 8 -4.80 -11.87 0.75
CA GLU C 8 -4.24 -11.03 -0.35
C GLU C 8 -3.31 -9.98 0.23
N ARG C 9 -3.66 -9.43 1.36
CA ARG C 9 -2.80 -8.42 1.99
C ARG C 9 -1.43 -9.04 2.31
N ARG C 10 -1.36 -10.35 2.34
CA ARG C 10 -0.05 -11.01 2.61
C ARG C 10 0.95 -10.63 1.53
N ASP C 11 0.48 -10.25 0.37
CA ASP C 11 1.41 -9.87 -0.73
C ASP C 11 1.36 -8.36 -0.95
N LEU C 12 0.30 -7.72 -0.55
CA LEU C 12 0.20 -6.24 -0.74
C LEU C 12 0.97 -5.51 0.36
N PRO C 13 1.60 -4.43 -0.03
CA PRO C 13 2.36 -3.61 0.93
C PRO C 13 1.38 -2.77 1.75
N PRO C 14 1.89 -2.05 2.71
CA PRO C 14 1.02 -1.17 3.51
C PRO C 14 0.57 0.02 2.65
N ASN C 15 -0.61 0.52 2.90
CA ASN C 15 -1.16 1.68 2.11
C ASN C 15 -1.56 1.23 0.70
N LEU C 16 -1.79 -0.04 0.50
CA LEU C 16 -2.22 -0.53 -0.85
C LEU C 16 -3.16 -1.72 -0.68
N TYR C 17 -4.31 -1.65 -1.29
CA TYR C 17 -5.29 -2.76 -1.18
C TYR C 17 -5.86 -3.10 -2.55
N ILE C 18 -6.41 -4.27 -2.71
CA ILE C 18 -6.98 -4.65 -4.04
C ILE C 18 -8.51 -4.56 -3.99
N ARG C 19 -9.10 -4.06 -5.04
CA ARG C 19 -10.57 -3.95 -5.11
C ARG C 19 -11.16 -5.24 -5.63
N ASN C 20 -12.43 -5.25 -5.90
CA ASN C 20 -13.03 -6.49 -6.41
C ASN C 20 -12.79 -6.60 -7.91
N ASN C 21 -12.52 -5.49 -8.56
CA ASN C 21 -12.26 -5.53 -10.03
C ASN C 21 -10.80 -5.89 -10.32
N GLY C 22 -10.06 -6.32 -9.33
CA GLY C 22 -8.64 -6.69 -9.58
C GLY C 22 -7.80 -5.42 -9.72
N TYR C 23 -8.29 -4.30 -9.25
CA TYR C 23 -7.50 -3.04 -9.34
C TYR C 23 -6.76 -2.76 -8.03
N TYR C 24 -5.48 -2.52 -8.09
CA TYR C 24 -4.71 -2.24 -6.84
C TYR C 24 -4.66 -0.74 -6.57
N CYS C 25 -5.46 -0.25 -5.66
CA CYS C 25 -5.45 1.21 -5.36
C CYS C 25 -4.66 1.50 -4.07
N TYR C 26 -4.04 2.64 -4.00
CA TYR C 26 -3.26 2.99 -2.78
C TYR C 26 -4.03 4.00 -1.92
N ARG C 27 -4.20 3.71 -0.67
CA ARG C 27 -4.96 4.65 0.22
C ARG C 27 -4.00 5.69 0.80
N ASP C 28 -4.28 6.94 0.63
CA ASP C 28 -3.38 8.00 1.19
C ASP C 28 -3.65 8.20 2.68
N PRO C 29 -2.60 8.49 3.41
CA PRO C 29 -2.72 8.70 4.86
C PRO C 29 -3.28 10.10 5.18
N ARG C 30 -3.24 10.99 4.22
CA ARG C 30 -3.76 12.37 4.47
C ARG C 30 -5.26 12.38 4.21
N THR C 31 -5.67 11.82 3.11
CA THR C 31 -7.12 11.82 2.78
C THR C 31 -7.75 10.47 3.16
N GLY C 32 -7.03 9.39 2.97
CA GLY C 32 -7.60 8.06 3.32
C GLY C 32 -8.41 7.50 2.14
N LYS C 33 -8.57 8.25 1.08
CA LYS C 33 -9.35 7.73 -0.08
C LYS C 33 -8.46 6.85 -0.96
N GLU C 34 -9.00 6.29 -2.02
CA GLU C 34 -8.18 5.37 -2.85
C GLU C 34 -7.68 6.01 -4.15
N PHE C 35 -6.77 5.35 -4.81
CA PHE C 35 -6.21 5.86 -6.09
C PHE C 35 -5.82 4.68 -7.00
N GLY C 36 -6.48 4.50 -8.11
CA GLY C 36 -6.14 3.36 -9.01
C GLY C 36 -4.62 3.30 -9.23
N LEU C 37 -3.95 2.37 -8.61
CA LEU C 37 -2.47 2.25 -8.79
C LEU C 37 -2.16 1.21 -9.89
N GLY C 38 -2.92 1.21 -10.95
CA GLY C 38 -2.67 0.23 -12.04
C GLY C 38 -3.38 -1.09 -11.73
N ARG C 39 -3.68 -1.85 -12.75
CA ARG C 39 -4.38 -3.15 -12.52
C ARG C 39 -3.37 -4.28 -12.32
N ASP C 40 -2.09 -4.00 -12.46
CA ASP C 40 -1.08 -5.08 -12.28
C ASP C 40 -0.81 -5.28 -10.78
N ARG C 41 -0.63 -6.50 -10.39
CA ARG C 41 -0.38 -6.81 -8.95
C ARG C 41 1.08 -6.52 -8.58
N ARG C 42 2.00 -7.06 -9.31
CA ARG C 42 3.44 -6.82 -8.99
C ARG C 42 3.75 -5.33 -9.18
N ILE C 43 3.05 -4.69 -10.06
CA ILE C 43 3.28 -3.24 -10.33
C ILE C 43 2.75 -2.38 -9.18
N ALA C 44 1.46 -2.39 -8.97
CA ALA C 44 0.88 -1.56 -7.87
C ALA C 44 1.56 -1.87 -6.55
N ILE C 45 1.73 -3.12 -6.24
CA ILE C 45 2.41 -3.48 -4.95
C ILE C 45 3.83 -2.90 -4.94
N THR C 46 4.57 -3.12 -6.00
CA THR C 46 5.96 -2.58 -6.06
C THR C 46 5.94 -1.07 -5.86
N GLU C 47 4.97 -0.40 -6.42
CA GLU C 47 4.87 1.07 -6.27
C GLU C 47 4.71 1.45 -4.80
N ALA C 48 3.72 0.89 -4.14
CA ALA C 48 3.50 1.23 -2.70
C ALA C 48 4.71 0.82 -1.87
N ILE C 49 5.40 -0.23 -2.24
CA ILE C 49 6.58 -0.65 -1.43
C ILE C 49 7.63 0.46 -1.43
N GLN C 50 7.97 0.96 -2.59
CA GLN C 50 9.00 2.04 -2.63
C GLN C 50 8.51 3.24 -1.82
N ALA C 51 7.29 3.63 -2.02
CA ALA C 51 6.74 4.79 -1.26
C ALA C 51 6.81 4.46 0.23
N ASN C 52 6.55 3.24 0.60
CA ASN C 52 6.62 2.86 2.03
C ASN C 52 8.04 3.06 2.54
N ILE C 53 9.02 2.93 1.70
CA ILE C 53 10.42 3.12 2.17
C ILE C 53 10.57 4.59 2.58
N GLU C 54 10.15 5.48 1.74
CA GLU C 54 10.23 6.93 2.09
C GLU C 54 9.29 7.22 3.26
N LEU C 55 8.09 6.71 3.19
CA LEU C 55 7.10 6.94 4.28
C LEU C 55 7.66 6.41 5.61
N PHE C 56 8.31 5.29 5.59
CA PHE C 56 8.86 4.72 6.85
C PHE C 56 10.37 4.95 6.95
N SER C 57 10.93 5.73 6.06
CA SER C 57 12.40 6.00 6.09
C SER C 57 12.90 6.23 7.53
N GLY C 58 12.04 6.74 8.38
CA GLY C 58 12.46 6.98 9.79
C GLY C 58 12.36 5.67 10.59
N HIS C 59 13.45 4.96 10.72
CA HIS C 59 13.43 3.67 11.47
C HIS C 59 14.41 3.71 12.64
N LYS C 60 14.47 2.65 13.41
CA LYS C 60 15.41 2.62 14.56
C LYS C 60 16.55 1.62 14.30
N HIS C 61 17.77 2.07 14.32
CA HIS C 61 18.90 1.13 14.09
C HIS C 61 19.28 0.47 15.41
N LYS C 62 19.45 1.27 16.44
CA LYS C 62 19.81 0.72 17.77
C LYS C 62 19.61 1.78 18.86
N PRO C 63 18.46 2.38 18.87
CA PRO C 63 18.16 3.44 19.87
C PRO C 63 17.98 2.81 21.25
N LEU C 64 18.88 3.09 22.15
CA LEU C 64 18.76 2.51 23.53
C LEU C 64 17.99 3.46 24.44
N MET C 1 -10.16 -4.35 13.72
CA MET C 1 -10.58 -3.13 12.98
C MET C 1 -10.98 -3.48 11.54
N GLY C 2 -12.22 -3.30 11.19
CA GLY C 2 -12.67 -3.62 9.81
C GLY C 2 -12.21 -5.02 9.42
N ARG C 3 -11.47 -5.12 8.34
CA ARG C 3 -10.97 -6.45 7.89
C ARG C 3 -9.53 -6.66 8.34
N ARG C 4 -9.29 -7.70 9.09
CA ARG C 4 -7.90 -7.96 9.58
C ARG C 4 -6.99 -8.43 8.44
N ARG C 5 -7.29 -9.56 7.85
CA ARG C 5 -6.42 -10.06 6.74
C ARG C 5 -7.27 -10.64 5.61
N SER C 6 -6.75 -10.63 4.41
CA SER C 6 -7.51 -11.18 3.26
C SER C 6 -6.57 -11.99 2.35
N HIS C 7 -7.10 -12.59 1.31
CA HIS C 7 -6.22 -13.38 0.40
C HIS C 7 -5.41 -12.45 -0.49
N GLU C 8 -6.04 -11.48 -1.09
CA GLU C 8 -5.27 -10.54 -1.97
C GLU C 8 -4.27 -9.74 -1.14
N ARG C 9 -4.59 -9.45 0.09
CA ARG C 9 -3.65 -8.68 0.95
C ARG C 9 -2.44 -9.55 1.33
N ARG C 10 -2.50 -10.82 1.03
CA ARG C 10 -1.36 -11.70 1.38
C ARG C 10 -0.20 -11.46 0.41
N ASP C 11 -0.48 -10.92 -0.74
CA ASP C 11 0.60 -10.66 -1.73
C ASP C 11 0.69 -9.16 -2.04
N LEU C 12 0.08 -8.32 -1.25
CA LEU C 12 0.14 -6.86 -1.53
C LEU C 12 0.99 -6.15 -0.47
N PRO C 13 1.58 -5.07 -0.87
CA PRO C 13 2.41 -4.26 0.04
C PRO C 13 1.51 -3.40 0.92
N PRO C 14 2.11 -2.70 1.83
CA PRO C 14 1.32 -1.81 2.71
C PRO C 14 0.81 -0.62 1.89
N ASN C 15 -0.35 -0.12 2.21
CA ASN C 15 -0.95 1.03 1.47
C ASN C 15 -1.41 0.60 0.07
N LEU C 16 -1.72 -0.66 -0.10
CA LEU C 16 -2.21 -1.13 -1.43
C LEU C 16 -3.18 -2.30 -1.26
N TYR C 17 -4.36 -2.17 -1.81
CA TYR C 17 -5.38 -3.26 -1.69
C TYR C 17 -6.04 -3.51 -3.05
N ILE C 18 -6.64 -4.65 -3.24
CA ILE C 18 -7.28 -4.93 -4.56
C ILE C 18 -8.80 -4.80 -4.45
N ARG C 19 -9.41 -4.26 -5.48
CA ARG C 19 -10.89 -4.09 -5.47
C ARG C 19 -11.52 -5.35 -6.05
N ASN C 20 -12.79 -5.33 -6.28
CA ASN C 20 -13.44 -6.54 -6.84
C ASN C 20 -13.25 -6.59 -8.36
N ASN C 21 -12.90 -5.47 -8.96
CA ASN C 21 -12.68 -5.46 -10.42
C ASN C 21 -11.25 -5.91 -10.78
N GLY C 22 -10.55 -6.52 -9.86
CA GLY C 22 -9.17 -6.97 -10.16
C GLY C 22 -8.27 -5.74 -10.33
N TYR C 23 -8.68 -4.62 -9.79
CA TYR C 23 -7.85 -3.39 -9.91
C TYR C 23 -7.13 -3.09 -8.59
N TYR C 24 -5.86 -2.78 -8.64
CA TYR C 24 -5.11 -2.47 -7.40
C TYR C 24 -5.24 -0.97 -7.10
N CYS C 25 -5.07 -0.58 -5.86
CA CYS C 25 -5.20 0.87 -5.53
C CYS C 25 -4.26 1.23 -4.38
N TYR C 26 -3.79 2.45 -4.34
CA TYR C 26 -2.87 2.86 -3.24
C TYR C 26 -3.64 3.68 -2.20
N ARG C 27 -3.58 3.28 -0.95
CA ARG C 27 -4.31 4.03 0.11
C ARG C 27 -3.46 5.18 0.65
N ASP C 28 -4.02 6.35 0.73
CA ASP C 28 -3.24 7.51 1.27
C ASP C 28 -3.27 7.48 2.80
N PRO C 29 -2.13 7.73 3.39
CA PRO C 29 -2.03 7.73 4.87
C PRO C 29 -2.62 9.01 5.46
N ARG C 30 -3.02 9.94 4.64
CA ARG C 30 -3.60 11.21 5.15
C ARG C 30 -5.06 11.02 5.51
N THR C 31 -5.83 10.38 4.67
CA THR C 31 -7.26 10.19 4.99
C THR C 31 -7.74 8.77 4.68
N GLY C 32 -6.93 7.94 4.08
CA GLY C 32 -7.37 6.56 3.77
C GLY C 32 -8.03 6.47 2.40
N LYS C 33 -8.11 7.56 1.67
CA LYS C 33 -8.74 7.49 0.32
C LYS C 33 -7.72 6.89 -0.64
N GLU C 34 -8.04 6.66 -1.89
CA GLU C 34 -7.01 6.02 -2.76
C GLU C 34 -7.10 6.43 -4.23
N PHE C 35 -6.26 5.84 -5.04
CA PHE C 35 -6.25 6.13 -6.49
C PHE C 35 -6.02 4.83 -7.27
N GLY C 36 -6.65 4.64 -8.39
CA GLY C 36 -6.44 3.38 -9.16
C GLY C 36 -4.96 3.22 -9.49
N LEU C 37 -4.38 2.11 -9.12
CA LEU C 37 -2.93 1.88 -9.42
C LEU C 37 -2.80 1.20 -10.78
N GLY C 38 -2.96 -0.10 -10.82
CA GLY C 38 -2.84 -0.82 -12.12
C GLY C 38 -3.50 -2.19 -11.98
N ARG C 39 -3.86 -2.81 -13.07
CA ARG C 39 -4.51 -4.15 -12.98
C ARG C 39 -3.42 -5.23 -12.93
N ASP C 40 -2.17 -4.87 -13.12
CA ASP C 40 -1.09 -5.89 -13.06
C ASP C 40 -0.70 -6.14 -11.60
N ARG C 41 -0.28 -7.34 -11.32
CA ARG C 41 0.10 -7.72 -9.92
C ARG C 41 1.48 -7.19 -9.57
N ARG C 42 2.47 -7.49 -10.36
CA ARG C 42 3.84 -7.01 -10.06
C ARG C 42 3.91 -5.50 -10.21
N ILE C 43 3.10 -4.95 -11.07
CA ILE C 43 3.10 -3.48 -11.30
C ILE C 43 2.48 -2.73 -10.11
N ALA C 44 1.22 -2.94 -9.86
CA ALA C 44 0.54 -2.23 -8.74
C ALA C 44 1.30 -2.43 -7.43
N ILE C 45 1.61 -3.65 -7.09
CA ILE C 45 2.36 -3.90 -5.81
C ILE C 45 3.72 -3.20 -5.86
N THR C 46 4.42 -3.30 -6.95
CA THR C 46 5.75 -2.64 -7.05
C THR C 46 5.61 -1.14 -6.78
N GLU C 47 4.55 -0.55 -7.27
CA GLU C 47 4.36 0.91 -7.06
C GLU C 47 4.23 1.23 -5.56
N ALA C 48 3.36 0.55 -4.87
CA ALA C 48 3.19 0.83 -3.41
C ALA C 48 4.52 0.59 -2.66
N ILE C 49 5.23 -0.44 -3.01
CA ILE C 49 6.53 -0.71 -2.32
C ILE C 49 7.47 0.48 -2.51
N GLN C 50 7.64 0.92 -3.72
CA GLN C 50 8.55 2.08 -3.97
C GLN C 50 8.05 3.30 -3.21
N ALA C 51 6.77 3.53 -3.23
CA ALA C 51 6.21 4.69 -2.49
C ALA C 51 6.52 4.54 -1.00
N ASN C 52 6.45 3.34 -0.50
CA ASN C 52 6.75 3.11 0.94
C ASN C 52 8.19 3.54 1.23
N ILE C 53 9.06 3.40 0.27
CA ILE C 53 10.48 3.81 0.50
C ILE C 53 10.54 5.32 0.68
N GLU C 54 9.99 6.05 -0.26
CA GLU C 54 9.98 7.53 -0.14
C GLU C 54 9.14 7.95 1.07
N LEU C 55 8.11 7.20 1.36
CA LEU C 55 7.24 7.54 2.52
C LEU C 55 8.07 7.58 3.81
N PHE C 56 8.97 6.66 3.98
CA PHE C 56 9.80 6.65 5.21
C PHE C 56 11.06 7.51 5.03
N SER C 57 11.17 8.19 3.92
CA SER C 57 12.38 9.03 3.68
C SER C 57 12.58 10.00 4.86
N GLY C 58 11.51 10.43 5.47
CA GLY C 58 11.64 11.37 6.62
C GLY C 58 10.72 12.57 6.40
N HIS C 59 9.89 12.88 7.36
CA HIS C 59 8.97 14.04 7.22
C HIS C 59 8.39 14.43 8.57
N LYS C 60 9.21 14.87 9.49
CA LYS C 60 8.70 15.26 10.83
C LYS C 60 8.96 16.74 11.09
N HIS C 61 7.94 17.50 11.34
CA HIS C 61 8.13 18.95 11.63
C HIS C 61 8.16 19.15 13.14
N LYS C 62 8.89 18.32 13.82
CA LYS C 62 8.97 18.43 15.32
C LYS C 62 7.61 18.13 15.94
N PRO C 63 7.04 17.01 15.55
CA PRO C 63 5.71 16.61 16.08
C PRO C 63 5.83 16.18 17.55
N LEU C 64 4.84 16.44 18.34
CA LEU C 64 4.90 16.05 19.78
C LEU C 64 3.69 15.18 20.15
N MET C 1 -11.06 -4.53 14.74
CA MET C 1 -11.47 -3.59 13.66
C MET C 1 -12.34 -4.31 12.63
N GLY C 2 -12.50 -3.73 11.46
CA GLY C 2 -13.35 -4.40 10.43
C GLY C 2 -12.52 -5.43 9.67
N ARG C 3 -11.37 -5.05 9.22
CA ARG C 3 -10.50 -6.01 8.47
C ARG C 3 -9.08 -5.98 9.05
N ARG C 4 -8.69 -7.01 9.76
CA ARG C 4 -7.33 -7.03 10.37
C ARG C 4 -6.26 -7.37 9.33
N ARG C 5 -6.29 -8.56 8.79
CA ARG C 5 -5.26 -8.93 7.78
C ARG C 5 -5.89 -9.77 6.66
N SER C 6 -5.21 -9.90 5.56
CA SER C 6 -5.76 -10.71 4.43
C SER C 6 -4.63 -11.52 3.77
N HIS C 7 -4.97 -12.58 3.08
CA HIS C 7 -3.92 -13.40 2.42
C HIS C 7 -3.19 -12.58 1.36
N GLU C 8 -3.90 -11.74 0.65
CA GLU C 8 -3.23 -10.92 -0.41
C GLU C 8 -2.40 -9.80 0.24
N ARG C 9 -2.79 -9.35 1.41
CA ARG C 9 -2.01 -8.30 2.08
C ARG C 9 -0.71 -8.89 2.63
N ARG C 10 -0.59 -10.20 2.63
CA ARG C 10 0.65 -10.84 3.15
C ARG C 10 1.81 -10.55 2.20
N ASP C 11 1.53 -10.24 0.96
CA ASP C 11 2.62 -9.96 -0.01
C ASP C 11 2.55 -8.50 -0.48
N LEU C 12 1.42 -7.88 -0.36
CA LEU C 12 1.29 -6.46 -0.80
C LEU C 12 1.93 -5.52 0.23
N PRO C 13 2.46 -4.43 -0.25
CA PRO C 13 3.10 -3.43 0.63
C PRO C 13 2.02 -2.62 1.35
N PRO C 14 2.45 -1.77 2.24
CA PRO C 14 1.49 -0.91 2.97
C PRO C 14 0.93 0.16 2.02
N ASN C 15 -0.29 0.55 2.23
CA ASN C 15 -0.93 1.59 1.36
C ASN C 15 -1.28 1.01 -0.01
N LEU C 16 -1.53 -0.27 -0.08
CA LEU C 16 -1.90 -0.91 -1.37
C LEU C 16 -2.88 -2.04 -1.12
N TYR C 17 -4.06 -1.95 -1.67
CA TYR C 17 -5.08 -3.02 -1.44
C TYR C 17 -5.74 -3.44 -2.75
N ILE C 18 -6.34 -4.59 -2.77
CA ILE C 18 -6.99 -5.07 -4.02
C ILE C 18 -8.51 -4.95 -3.89
N ARG C 19 -9.17 -4.55 -4.94
CA ARG C 19 -10.64 -4.42 -4.93
C ARG C 19 -11.26 -5.73 -5.35
N ASN C 20 -12.54 -5.75 -5.56
CA ASN C 20 -13.17 -7.02 -5.97
C ASN C 20 -12.97 -7.23 -7.47
N ASN C 21 -12.74 -6.18 -8.21
CA ASN C 21 -12.54 -6.32 -9.68
C ASN C 21 -11.08 -6.66 -10.00
N GLY C 22 -10.30 -7.07 -9.03
CA GLY C 22 -8.88 -7.39 -9.31
C GLY C 22 -8.08 -6.12 -9.57
N TYR C 23 -8.59 -4.99 -9.14
CA TYR C 23 -7.86 -3.71 -9.35
C TYR C 23 -7.20 -3.25 -8.04
N TYR C 24 -5.92 -2.95 -8.06
CA TYR C 24 -5.24 -2.50 -6.81
C TYR C 24 -5.35 -0.97 -6.69
N CYS C 25 -5.15 -0.44 -5.51
CA CYS C 25 -5.23 1.03 -5.33
C CYS C 25 -4.26 1.50 -4.24
N TYR C 26 -3.87 2.76 -4.27
CA TYR C 26 -2.95 3.27 -3.23
C TYR C 26 -3.73 4.05 -2.17
N ARG C 27 -3.74 3.57 -0.95
CA ARG C 27 -4.50 4.27 0.13
C ARG C 27 -3.63 5.35 0.78
N ASP C 28 -4.08 6.58 0.76
CA ASP C 28 -3.29 7.68 1.39
C ASP C 28 -3.50 7.67 2.91
N PRO C 29 -2.44 7.93 3.62
CA PRO C 29 -2.51 7.96 5.11
C PRO C 29 -3.18 9.25 5.60
N ARG C 30 -3.51 10.15 4.70
CA ARG C 30 -4.16 11.41 5.12
C ARG C 30 -5.64 11.18 5.37
N THR C 31 -6.29 10.46 4.50
CA THR C 31 -7.75 10.23 4.71
C THR C 31 -8.15 8.79 4.36
N GLY C 32 -7.22 7.96 3.96
CA GLY C 32 -7.59 6.55 3.63
C GLY C 32 -8.16 6.48 2.21
N LYS C 33 -8.23 7.60 1.51
CA LYS C 33 -8.78 7.57 0.12
C LYS C 33 -7.70 7.05 -0.82
N GLU C 34 -7.96 6.88 -2.10
CA GLU C 34 -6.86 6.32 -2.95
C GLU C 34 -6.99 6.68 -4.43
N PHE C 35 -6.19 6.02 -5.23
CA PHE C 35 -6.20 6.26 -6.70
C PHE C 35 -5.99 4.92 -7.42
N GLY C 36 -6.71 4.66 -8.48
CA GLY C 36 -6.52 3.37 -9.20
C GLY C 36 -5.07 3.23 -9.65
N LEU C 37 -4.40 2.21 -9.22
CA LEU C 37 -2.97 2.01 -9.63
C LEU C 37 -2.94 1.21 -10.94
N GLY C 38 -3.11 -0.07 -10.85
CA GLY C 38 -3.10 -0.91 -12.09
C GLY C 38 -3.74 -2.26 -11.78
N ARG C 39 -4.10 -2.99 -12.80
CA ARG C 39 -4.71 -4.33 -12.55
C ARG C 39 -3.60 -5.37 -12.38
N ASP C 40 -2.38 -5.00 -12.60
CA ASP C 40 -1.25 -5.96 -12.43
C ASP C 40 -0.87 -6.03 -10.96
N ARG C 41 -0.48 -7.19 -10.50
CA ARG C 41 -0.11 -7.36 -9.07
C ARG C 41 1.31 -6.83 -8.81
N ARG C 42 2.26 -7.29 -9.56
CA ARG C 42 3.65 -6.82 -9.35
C ARG C 42 3.74 -5.33 -9.64
N ILE C 43 2.91 -4.86 -10.52
CA ILE C 43 2.92 -3.41 -10.87
C ILE C 43 2.32 -2.58 -9.73
N ALA C 44 1.06 -2.76 -9.43
CA ALA C 44 0.42 -1.96 -8.34
C ALA C 44 1.25 -2.10 -7.05
N ILE C 45 1.69 -3.28 -6.74
CA ILE C 45 2.50 -3.48 -5.50
C ILE C 45 3.80 -2.68 -5.60
N THR C 46 4.53 -2.87 -6.66
CA THR C 46 5.82 -2.14 -6.84
C THR C 46 5.60 -0.63 -6.67
N GLU C 47 4.54 -0.11 -7.22
CA GLU C 47 4.26 1.34 -7.09
C GLU C 47 4.13 1.75 -5.62
N ALA C 48 3.33 1.03 -4.87
CA ALA C 48 3.16 1.38 -3.42
C ALA C 48 4.50 1.28 -2.68
N ILE C 49 5.32 0.34 -3.04
CA ILE C 49 6.63 0.20 -2.33
C ILE C 49 7.47 1.47 -2.52
N GLN C 50 7.53 1.98 -3.71
CA GLN C 50 8.33 3.21 -3.94
C GLN C 50 7.78 4.35 -3.09
N ALA C 51 6.49 4.51 -3.07
CA ALA C 51 5.89 5.59 -2.25
C ALA C 51 6.29 5.40 -0.79
N ASN C 52 6.30 4.17 -0.33
CA ASN C 52 6.69 3.89 1.07
C ASN C 52 8.13 4.38 1.30
N ILE C 53 8.95 4.33 0.29
CA ILE C 53 10.36 4.80 0.47
C ILE C 53 10.33 6.30 0.77
N GLU C 54 9.65 7.05 -0.05
CA GLU C 54 9.57 8.52 0.20
C GLU C 54 8.84 8.77 1.52
N LEU C 55 7.84 7.97 1.80
CA LEU C 55 7.08 8.13 3.08
C LEU C 55 8.04 8.02 4.26
N PHE C 56 9.02 7.18 4.17
CA PHE C 56 9.98 7.01 5.29
C PHE C 56 11.28 7.79 5.01
N SER C 57 11.31 8.57 3.95
CA SER C 57 12.53 9.36 3.62
C SER C 57 13.06 10.06 4.87
N GLY C 58 12.19 10.51 5.73
CA GLY C 58 12.64 11.20 6.96
C GLY C 58 13.24 10.16 7.92
N HIS C 59 14.15 10.56 8.76
CA HIS C 59 14.76 9.59 9.71
C HIS C 59 15.58 10.32 10.78
N LYS C 60 15.44 9.93 12.02
CA LYS C 60 16.20 10.59 13.10
C LYS C 60 17.11 9.59 13.79
N HIS C 61 18.38 9.84 13.81
CA HIS C 61 19.34 8.91 14.47
C HIS C 61 20.33 9.71 15.31
N LYS C 62 20.82 10.80 14.77
CA LYS C 62 21.78 11.65 15.53
C LYS C 62 21.83 13.05 14.93
N PRO C 63 20.67 13.64 14.74
CA PRO C 63 20.59 15.01 14.17
C PRO C 63 21.11 16.04 15.17
N LEU C 64 21.74 17.09 14.69
CA LEU C 64 22.28 18.12 15.61
C LEU C 64 21.38 19.37 15.58
N MET C 1 -10.78 -3.76 14.88
CA MET C 1 -11.27 -2.96 13.70
C MET C 1 -12.10 -3.85 12.78
N GLY C 2 -12.33 -3.42 11.57
CA GLY C 2 -13.15 -4.25 10.64
C GLY C 2 -12.25 -5.28 9.95
N ARG C 3 -11.22 -4.83 9.28
CA ARG C 3 -10.32 -5.78 8.59
C ARG C 3 -8.87 -5.54 9.02
N ARG C 4 -8.42 -6.23 10.03
CA ARG C 4 -7.01 -6.04 10.50
C ARG C 4 -6.02 -6.73 9.57
N ARG C 5 -6.17 -8.01 9.38
CA ARG C 5 -5.24 -8.74 8.46
C ARG C 5 -6.03 -9.65 7.51
N SER C 6 -5.59 -9.77 6.29
CA SER C 6 -6.33 -10.63 5.32
C SER C 6 -5.34 -11.44 4.47
N HIS C 7 -5.85 -12.24 3.56
CA HIS C 7 -4.94 -13.05 2.70
C HIS C 7 -4.33 -12.18 1.60
N GLU C 8 -5.08 -11.25 1.08
CA GLU C 8 -4.52 -10.37 0.01
C GLU C 8 -3.50 -9.43 0.60
N ARG C 9 -3.77 -8.89 1.75
CA ARG C 9 -2.81 -7.98 2.40
C ARG C 9 -1.51 -8.71 2.71
N ARG C 10 -1.52 -10.02 2.66
CA ARG C 10 -0.27 -10.79 2.95
C ARG C 10 0.76 -10.51 1.86
N ASP C 11 0.31 -10.10 0.70
CA ASP C 11 1.26 -9.81 -0.40
C ASP C 11 1.24 -8.31 -0.73
N LEU C 12 0.20 -7.61 -0.34
CA LEU C 12 0.14 -6.14 -0.64
C LEU C 12 0.98 -5.36 0.38
N PRO C 13 1.59 -4.31 -0.10
CA PRO C 13 2.41 -3.45 0.78
C PRO C 13 1.47 -2.48 1.51
N PRO C 14 2.03 -1.72 2.41
CA PRO C 14 1.23 -0.73 3.14
C PRO C 14 0.83 0.40 2.18
N ASN C 15 -0.32 0.97 2.36
CA ASN C 15 -0.81 2.07 1.45
C ASN C 15 -1.19 1.51 0.08
N LEU C 16 -1.50 0.24 0.03
CA LEU C 16 -1.92 -0.39 -1.27
C LEU C 16 -2.93 -1.51 -1.00
N TYR C 17 -4.10 -1.41 -1.56
CA TYR C 17 -5.12 -2.47 -1.33
C TYR C 17 -5.78 -2.86 -2.64
N ILE C 18 -6.36 -4.03 -2.72
CA ILE C 18 -7.00 -4.46 -3.99
C ILE C 18 -8.52 -4.37 -3.91
N ARG C 19 -9.15 -3.99 -4.98
CA ARG C 19 -10.63 -3.89 -5.01
C ARG C 19 -11.20 -5.22 -5.49
N ASN C 20 -12.46 -5.27 -5.74
CA ASN C 20 -13.05 -6.55 -6.20
C ASN C 20 -12.81 -6.71 -7.71
N ASN C 21 -12.54 -5.63 -8.40
CA ASN C 21 -12.28 -5.73 -9.87
C ASN C 21 -10.81 -6.07 -10.15
N GLY C 22 -10.09 -6.56 -9.18
CA GLY C 22 -8.66 -6.89 -9.42
C GLY C 22 -7.88 -5.59 -9.69
N TYR C 23 -8.43 -4.47 -9.27
CA TYR C 23 -7.74 -3.18 -9.48
C TYR C 23 -7.04 -2.74 -8.18
N TYR C 24 -5.77 -2.42 -8.23
CA TYR C 24 -5.08 -1.98 -6.99
C TYR C 24 -5.21 -0.46 -6.83
N CYS C 25 -5.03 0.04 -5.64
CA CYS C 25 -5.14 1.51 -5.44
C CYS C 25 -4.19 1.96 -4.33
N TYR C 26 -3.78 3.21 -4.36
CA TYR C 26 -2.85 3.70 -3.30
C TYR C 26 -3.60 4.56 -2.28
N ARG C 27 -3.69 4.11 -1.06
CA ARG C 27 -4.42 4.90 -0.02
C ARG C 27 -3.48 5.89 0.66
N ASP C 28 -3.84 7.15 0.68
CA ASP C 28 -2.99 8.17 1.33
C ASP C 28 -3.18 8.11 2.85
N PRO C 29 -2.11 8.31 3.57
CA PRO C 29 -2.17 8.26 5.06
C PRO C 29 -2.76 9.57 5.61
N ARG C 30 -2.85 10.59 4.80
CA ARG C 30 -3.42 11.87 5.29
C ARG C 30 -4.94 11.85 5.19
N THR C 31 -5.47 11.01 4.35
CA THR C 31 -6.95 10.97 4.22
C THR C 31 -7.47 9.52 4.15
N GLY C 32 -6.70 8.61 3.65
CA GLY C 32 -7.18 7.20 3.56
C GLY C 32 -7.87 6.96 2.20
N LYS C 33 -8.09 7.99 1.43
CA LYS C 33 -8.73 7.81 0.11
C LYS C 33 -7.69 7.30 -0.88
N GLU C 34 -8.04 7.00 -2.12
CA GLU C 34 -6.99 6.46 -3.02
C GLU C 34 -7.32 6.69 -4.48
N PHE C 35 -6.42 6.29 -5.34
CA PHE C 35 -6.64 6.44 -6.80
C PHE C 35 -6.27 5.12 -7.49
N GLY C 36 -6.85 4.84 -8.63
CA GLY C 36 -6.53 3.58 -9.34
C GLY C 36 -5.01 3.39 -9.42
N LEU C 37 -4.56 2.18 -9.65
CA LEU C 37 -3.09 1.94 -9.74
C LEU C 37 -2.82 0.85 -10.78
N GLY C 38 -3.67 0.72 -11.76
CA GLY C 38 -3.47 -0.32 -12.80
C GLY C 38 -3.99 -1.67 -12.29
N ARG C 39 -4.31 -2.56 -13.18
CA ARG C 39 -4.81 -3.89 -12.75
C ARG C 39 -3.64 -4.85 -12.55
N ASP C 40 -2.42 -4.40 -12.71
CA ASP C 40 -1.25 -5.30 -12.52
C ASP C 40 -0.94 -5.44 -11.03
N ARG C 41 -0.65 -6.64 -10.61
CA ARG C 41 -0.36 -6.90 -9.17
C ARG C 41 1.07 -6.48 -8.81
N ARG C 42 2.03 -7.01 -9.50
CA ARG C 42 3.44 -6.66 -9.18
C ARG C 42 3.68 -5.18 -9.42
N ILE C 43 2.96 -4.61 -10.35
CA ILE C 43 3.13 -3.17 -10.67
C ILE C 43 2.51 -2.29 -9.56
N ALA C 44 1.23 -2.38 -9.37
CA ALA C 44 0.57 -1.55 -8.32
C ALA C 44 1.24 -1.74 -6.96
N ILE C 45 1.44 -2.97 -6.55
CA ILE C 45 2.09 -3.20 -5.24
C ILE C 45 3.51 -2.62 -5.24
N THR C 46 4.25 -2.86 -6.28
CA THR C 46 5.64 -2.32 -6.36
C THR C 46 5.62 -0.80 -6.19
N GLU C 47 4.66 -0.14 -6.79
CA GLU C 47 4.58 1.34 -6.67
C GLU C 47 4.45 1.74 -5.20
N ALA C 48 3.49 1.18 -4.51
CA ALA C 48 3.31 1.53 -3.08
C ALA C 48 4.55 1.14 -2.25
N ILE C 49 5.18 0.04 -2.58
CA ILE C 49 6.38 -0.38 -1.81
C ILE C 49 7.44 0.71 -1.83
N GLN C 50 7.76 1.21 -2.99
CA GLN C 50 8.80 2.28 -3.06
C GLN C 50 8.37 3.50 -2.26
N ALA C 51 7.16 3.92 -2.43
CA ALA C 51 6.68 5.10 -1.66
C ALA C 51 6.79 4.80 -0.17
N ASN C 52 6.48 3.60 0.22
CA ASN C 52 6.58 3.22 1.66
C ASN C 52 8.01 3.41 2.15
N ILE C 53 8.98 3.19 1.30
CA ILE C 53 10.39 3.38 1.73
C ILE C 53 10.60 4.85 2.09
N GLU C 54 10.20 5.73 1.22
CA GLU C 54 10.36 7.18 1.51
C GLU C 54 9.46 7.56 2.69
N LEU C 55 8.30 6.98 2.78
CA LEU C 55 7.36 7.31 3.89
C LEU C 55 8.02 7.02 5.24
N PHE C 56 8.82 6.00 5.33
CA PHE C 56 9.49 5.68 6.63
C PHE C 56 10.90 6.29 6.69
N SER C 57 11.27 7.07 5.71
CA SER C 57 12.63 7.68 5.73
C SER C 57 12.90 8.34 7.08
N GLY C 58 11.88 8.82 7.73
CA GLY C 58 12.07 9.48 9.06
C GLY C 58 11.86 8.46 10.18
N HIS C 59 12.93 8.02 10.80
CA HIS C 59 12.79 7.03 11.90
C HIS C 59 14.12 6.84 12.63
N LYS C 60 14.11 6.93 13.93
CA LYS C 60 15.38 6.76 14.69
C LYS C 60 15.27 5.56 15.64
N HIS C 61 16.17 4.62 15.50
CA HIS C 61 16.14 3.42 16.39
C HIS C 61 17.53 3.17 16.93
N LYS C 62 18.52 3.27 16.09
CA LYS C 62 19.93 3.04 16.55
C LYS C 62 20.47 4.30 17.25
N PRO C 63 20.30 5.44 16.61
CA PRO C 63 20.78 6.70 17.20
C PRO C 63 19.79 7.21 18.26
N LEU C 64 20.28 7.58 19.41
CA LEU C 64 19.37 8.08 20.49
C LEU C 64 19.03 9.56 20.24
N MET C 1 -9.70 -4.22 13.39
CA MET C 1 -10.27 -3.04 12.70
C MET C 1 -10.79 -3.44 11.32
N GLY C 2 -12.07 -3.28 11.08
CA GLY C 2 -12.65 -3.65 9.76
C GLY C 2 -12.14 -5.04 9.35
N ARG C 3 -12.10 -5.30 8.07
CA ARG C 3 -11.59 -6.62 7.60
C ARG C 3 -10.13 -6.78 8.00
N ARG C 4 -9.75 -7.94 8.50
CA ARG C 4 -8.34 -8.13 8.94
C ARG C 4 -7.41 -8.48 7.77
N ARG C 5 -7.60 -9.64 7.18
CA ARG C 5 -6.70 -10.02 6.05
C ARG C 5 -7.46 -10.77 4.95
N SER C 6 -6.86 -10.90 3.80
CA SER C 6 -7.50 -11.63 2.67
C SER C 6 -6.45 -12.46 1.94
N HIS C 7 -6.84 -13.23 0.96
CA HIS C 7 -5.84 -14.06 0.22
C HIS C 7 -5.03 -13.17 -0.73
N GLU C 8 -5.67 -12.32 -1.48
CA GLU C 8 -4.92 -11.44 -2.41
C GLU C 8 -4.12 -10.41 -1.62
N ARG C 9 -4.58 -10.07 -0.45
CA ARG C 9 -3.84 -9.10 0.40
C ARG C 9 -2.55 -9.76 0.93
N ARG C 10 -2.44 -11.05 0.78
CA ARG C 10 -1.22 -11.75 1.27
C ARG C 10 -0.01 -11.38 0.40
N ASP C 11 -0.25 -10.92 -0.79
CA ASP C 11 0.89 -10.56 -1.69
C ASP C 11 0.93 -9.05 -1.95
N LEU C 12 -0.05 -8.31 -1.47
CA LEU C 12 -0.04 -6.84 -1.72
C LEU C 12 0.71 -6.12 -0.59
N PRO C 13 1.34 -5.04 -0.95
CA PRO C 13 2.10 -4.23 0.04
C PRO C 13 1.12 -3.37 0.83
N PRO C 14 1.64 -2.65 1.79
CA PRO C 14 0.78 -1.76 2.59
C PRO C 14 0.38 -0.55 1.72
N ASN C 15 -0.67 0.14 2.08
CA ASN C 15 -1.12 1.31 1.29
C ASN C 15 -1.59 0.88 -0.10
N LEU C 16 -1.81 -0.39 -0.31
CA LEU C 16 -2.29 -0.86 -1.64
C LEU C 16 -3.21 -2.06 -1.47
N TYR C 17 -4.41 -1.97 -1.96
CA TYR C 17 -5.37 -3.10 -1.83
C TYR C 17 -6.07 -3.35 -3.17
N ILE C 18 -6.61 -4.52 -3.36
CA ILE C 18 -7.28 -4.83 -4.66
C ILE C 18 -8.81 -4.78 -4.51
N ARG C 19 -9.48 -4.29 -5.53
CA ARG C 19 -10.96 -4.23 -5.49
C ARG C 19 -11.52 -5.51 -6.06
N ASN C 20 -12.80 -5.57 -6.29
CA ASN C 20 -13.37 -6.82 -6.83
C ASN C 20 -13.19 -6.86 -8.35
N ASN C 21 -12.91 -5.73 -8.97
CA ASN C 21 -12.72 -5.71 -10.45
C ASN C 21 -11.29 -6.13 -10.82
N GLY C 22 -10.52 -6.61 -9.88
CA GLY C 22 -9.12 -7.03 -10.20
C GLY C 22 -8.26 -5.79 -10.42
N TYR C 23 -8.67 -4.66 -9.93
CA TYR C 23 -7.85 -3.42 -10.11
C TYR C 23 -7.16 -3.06 -8.79
N TYR C 24 -5.90 -2.71 -8.83
CA TYR C 24 -5.19 -2.35 -7.58
C TYR C 24 -5.34 -0.85 -7.32
N CYS C 25 -5.27 -0.45 -6.08
CA CYS C 25 -5.40 1.00 -5.77
C CYS C 25 -4.55 1.37 -4.54
N TYR C 26 -4.14 2.61 -4.44
CA TYR C 26 -3.32 3.02 -3.26
C TYR C 26 -4.21 3.66 -2.21
N ARG C 27 -4.21 3.12 -1.01
CA ARG C 27 -5.06 3.70 0.06
C ARG C 27 -4.33 4.83 0.79
N ASP C 28 -4.84 6.03 0.72
CA ASP C 28 -4.18 7.17 1.40
C ASP C 28 -4.47 7.13 2.92
N PRO C 29 -3.42 7.26 3.69
CA PRO C 29 -3.58 7.24 5.17
C PRO C 29 -4.17 8.56 5.68
N ARG C 30 -4.36 9.51 4.82
CA ARG C 30 -4.93 10.82 5.25
C ARG C 30 -6.44 10.73 5.34
N THR C 31 -7.06 10.07 4.40
CA THR C 31 -8.55 9.96 4.45
C THR C 31 -9.03 8.55 4.09
N GLY C 32 -8.14 7.66 3.69
CA GLY C 32 -8.59 6.28 3.33
C GLY C 32 -9.13 6.25 1.90
N LYS C 33 -8.97 7.32 1.16
CA LYS C 33 -9.48 7.33 -0.24
C LYS C 33 -8.47 6.60 -1.14
N GLU C 34 -8.72 6.46 -2.42
CA GLU C 34 -7.72 5.68 -3.22
C GLU C 34 -7.56 6.19 -4.65
N PHE C 35 -6.63 5.59 -5.36
CA PHE C 35 -6.35 5.97 -6.77
C PHE C 35 -5.96 4.71 -7.56
N GLY C 36 -6.51 4.54 -8.74
CA GLY C 36 -6.15 3.33 -9.55
C GLY C 36 -4.63 3.11 -9.55
N LEU C 37 -4.20 1.90 -9.74
CA LEU C 37 -2.74 1.62 -9.75
C LEU C 37 -2.41 0.53 -10.77
N GLY C 38 -3.15 0.47 -11.84
CA GLY C 38 -2.89 -0.56 -12.87
C GLY C 38 -3.57 -1.87 -12.47
N ARG C 39 -3.96 -2.66 -13.43
CA ARG C 39 -4.61 -3.95 -13.09
C ARG C 39 -3.57 -5.07 -12.94
N ASP C 40 -2.31 -4.76 -13.09
CA ASP C 40 -1.27 -5.81 -12.94
C ASP C 40 -0.94 -6.02 -11.47
N ARG C 41 -0.70 -7.24 -11.10
CA ARG C 41 -0.39 -7.57 -9.67
C ARG C 41 1.06 -7.22 -9.33
N ARG C 42 1.98 -7.71 -10.10
CA ARG C 42 3.42 -7.41 -9.81
C ARG C 42 3.66 -5.91 -9.96
N ILE C 43 2.93 -5.30 -10.84
CA ILE C 43 3.09 -3.83 -11.06
C ILE C 43 2.51 -3.04 -9.89
N ALA C 44 1.23 -3.14 -9.67
CA ALA C 44 0.61 -2.38 -8.55
C ALA C 44 1.36 -2.64 -7.24
N ILE C 45 1.65 -3.88 -6.96
CA ILE C 45 2.38 -4.20 -5.69
C ILE C 45 3.75 -3.51 -5.68
N THR C 46 4.54 -3.73 -6.68
CA THR C 46 5.89 -3.09 -6.74
C THR C 46 5.75 -1.57 -6.62
N GLU C 47 4.78 -1.02 -7.28
CA GLU C 47 4.58 0.46 -7.22
C GLU C 47 4.31 0.91 -5.79
N ALA C 48 3.34 0.31 -5.14
CA ALA C 48 3.03 0.71 -3.74
C ALA C 48 4.22 0.46 -2.82
N ILE C 49 5.02 -0.52 -3.12
CA ILE C 49 6.21 -0.81 -2.26
C ILE C 49 7.15 0.39 -2.25
N GLN C 50 7.48 0.91 -3.40
CA GLN C 50 8.39 2.08 -3.45
C GLN C 50 7.76 3.26 -2.70
N ALA C 51 6.50 3.48 -2.92
CA ALA C 51 5.82 4.60 -2.21
C ALA C 51 5.90 4.35 -0.71
N ASN C 52 5.75 3.12 -0.29
CA ASN C 52 5.84 2.80 1.16
C ASN C 52 7.21 3.20 1.69
N ILE C 53 8.23 3.10 0.88
CA ILE C 53 9.58 3.50 1.35
C ILE C 53 9.57 4.99 1.66
N GLU C 54 8.99 5.76 0.79
CA GLU C 54 8.90 7.23 1.04
C GLU C 54 8.02 7.47 2.26
N LEU C 55 6.97 6.70 2.40
CA LEU C 55 6.07 6.87 3.57
C LEU C 55 6.87 6.70 4.88
N PHE C 56 7.70 5.70 4.93
CA PHE C 56 8.50 5.48 6.18
C PHE C 56 9.87 6.16 6.06
N SER C 57 10.11 6.90 5.02
CA SER C 57 11.43 7.59 4.88
C SER C 57 11.76 8.36 6.16
N GLY C 58 10.76 8.75 6.91
CA GLY C 58 11.01 9.51 8.16
C GLY C 58 11.85 8.65 9.11
N HIS C 59 12.82 9.24 9.75
CA HIS C 59 13.68 8.46 10.69
C HIS C 59 13.65 9.07 12.09
N LYS C 60 13.87 10.36 12.18
CA LYS C 60 13.87 11.03 13.52
C LYS C 60 12.44 11.15 14.06
N HIS C 61 12.19 10.60 15.21
CA HIS C 61 10.83 10.69 15.81
C HIS C 61 10.95 11.12 17.27
N LYS C 62 11.89 10.56 17.98
CA LYS C 62 12.10 10.93 19.40
C LYS C 62 13.49 10.49 19.86
N PRO C 63 14.49 10.88 19.10
CA PRO C 63 15.89 10.51 19.43
C PRO C 63 16.35 11.24 20.69
N LEU C 64 16.73 10.51 21.71
CA LEU C 64 17.19 11.16 22.97
C LEU C 64 18.71 11.13 23.05
N MET C 1 -10.32 -4.80 13.73
CA MET C 1 -10.74 -3.53 13.05
C MET C 1 -11.17 -3.81 11.62
N GLY C 2 -12.42 -3.60 11.32
CA GLY C 2 -12.92 -3.85 9.93
C GLY C 2 -12.44 -5.23 9.44
N ARG C 3 -11.50 -5.23 8.54
CA ARG C 3 -10.97 -6.53 8.01
C ARG C 3 -9.53 -6.72 8.49
N ARG C 4 -9.22 -7.86 9.07
CA ARG C 4 -7.83 -8.07 9.57
C ARG C 4 -6.88 -8.45 8.44
N ARG C 5 -7.09 -9.58 7.81
CA ARG C 5 -6.18 -10.00 6.70
C ARG C 5 -6.95 -10.64 5.55
N SER C 6 -6.39 -10.65 4.38
CA SER C 6 -7.09 -11.26 3.21
C SER C 6 -6.08 -12.03 2.35
N HIS C 7 -6.53 -12.68 1.32
CA HIS C 7 -5.59 -13.43 0.43
C HIS C 7 -4.80 -12.46 -0.44
N GLU C 8 -5.44 -11.47 -0.97
CA GLU C 8 -4.71 -10.49 -1.84
C GLU C 8 -3.84 -9.57 -0.98
N ARG C 9 -4.27 -9.27 0.21
CA ARG C 9 -3.45 -8.40 1.09
C ARG C 9 -2.25 -9.19 1.63
N ARG C 10 -2.19 -10.47 1.35
CA ARG C 10 -1.02 -11.27 1.83
C ARG C 10 0.20 -10.97 0.98
N ASP C 11 0.00 -10.50 -0.22
CA ASP C 11 1.15 -10.18 -1.11
C ASP C 11 1.13 -8.70 -1.51
N LEU C 12 0.33 -7.90 -0.84
CA LEU C 12 0.27 -6.45 -1.20
C LEU C 12 1.05 -5.62 -0.17
N PRO C 13 1.62 -4.54 -0.64
CA PRO C 13 2.39 -3.64 0.24
C PRO C 13 1.41 -2.76 1.02
N PRO C 14 1.94 -1.97 1.91
CA PRO C 14 1.08 -1.06 2.69
C PRO C 14 0.57 0.06 1.77
N ASN C 15 -0.65 0.49 1.98
CA ASN C 15 -1.24 1.56 1.12
C ASN C 15 -1.55 1.01 -0.28
N LEU C 16 -1.72 -0.27 -0.40
CA LEU C 16 -2.05 -0.86 -1.74
C LEU C 16 -2.97 -2.08 -1.56
N TYR C 17 -4.19 -1.97 -2.02
CA TYR C 17 -5.15 -3.10 -1.85
C TYR C 17 -5.88 -3.35 -3.18
N ILE C 18 -6.44 -4.52 -3.34
CA ILE C 18 -7.16 -4.83 -4.60
C ILE C 18 -8.67 -4.76 -4.40
N ARG C 19 -9.37 -4.21 -5.36
CA ARG C 19 -10.84 -4.10 -5.25
C ARG C 19 -11.49 -5.35 -5.85
N ASN C 20 -12.77 -5.35 -5.99
CA ASN C 20 -13.41 -6.54 -6.57
C ASN C 20 -13.29 -6.51 -8.10
N ASN C 21 -12.98 -5.36 -8.66
CA ASN C 21 -12.82 -5.27 -10.14
C ASN C 21 -11.42 -5.74 -10.58
N GLY C 22 -10.67 -6.34 -9.70
CA GLY C 22 -9.31 -6.80 -10.08
C GLY C 22 -8.37 -5.60 -10.21
N TYR C 23 -8.76 -4.45 -9.70
CA TYR C 23 -7.89 -3.24 -9.81
C TYR C 23 -7.11 -3.01 -8.51
N TYR C 24 -5.82 -2.85 -8.60
CA TYR C 24 -5.01 -2.58 -7.38
C TYR C 24 -4.91 -1.07 -7.16
N CYS C 25 -5.63 -0.53 -6.22
CA CYS C 25 -5.56 0.94 -5.98
C CYS C 25 -4.67 1.26 -4.79
N TYR C 26 -4.05 2.42 -4.80
CA TYR C 26 -3.16 2.80 -3.66
C TYR C 26 -3.88 3.80 -2.76
N ARG C 27 -3.93 3.54 -1.48
CA ARG C 27 -4.63 4.47 -0.54
C ARG C 27 -3.66 5.55 -0.07
N ASP C 28 -4.04 6.80 -0.22
CA ASP C 28 -3.13 7.90 0.23
C ASP C 28 -3.19 8.05 1.76
N PRO C 29 -2.06 8.30 2.36
CA PRO C 29 -2.00 8.45 3.82
C PRO C 29 -2.52 9.83 4.26
N ARG C 30 -2.66 10.74 3.33
CA ARG C 30 -3.15 12.10 3.69
C ARG C 30 -4.67 12.10 3.70
N THR C 31 -5.27 11.37 2.80
CA THR C 31 -6.76 11.33 2.76
C THR C 31 -7.28 9.89 2.91
N GLY C 32 -6.55 8.94 2.42
CA GLY C 32 -6.99 7.53 2.54
C GLY C 32 -7.91 7.17 1.36
N LYS C 33 -8.01 8.01 0.37
CA LYS C 33 -8.89 7.68 -0.79
C LYS C 33 -8.16 6.77 -1.76
N GLU C 34 -8.80 6.35 -2.83
CA GLU C 34 -8.13 5.37 -3.75
C GLU C 34 -7.54 6.02 -5.00
N PHE C 35 -6.69 5.29 -5.67
CA PHE C 35 -6.06 5.77 -6.93
C PHE C 35 -5.82 4.58 -7.86
N GLY C 36 -6.56 4.49 -8.93
CA GLY C 36 -6.39 3.34 -9.87
C GLY C 36 -4.91 3.13 -10.20
N LEU C 37 -4.29 2.15 -9.60
CA LEU C 37 -2.84 1.89 -9.89
C LEU C 37 -2.70 0.78 -10.94
N GLY C 38 -3.59 0.72 -11.89
CA GLY C 38 -3.49 -0.34 -12.93
C GLY C 38 -4.07 -1.64 -12.40
N ARG C 39 -4.43 -2.54 -13.26
CA ARG C 39 -5.00 -3.84 -12.80
C ARG C 39 -3.89 -4.89 -12.61
N ASP C 40 -2.65 -4.50 -12.79
CA ASP C 40 -1.54 -5.48 -12.61
C ASP C 40 -1.19 -5.64 -11.13
N ARG C 41 -0.90 -6.83 -10.72
CA ARG C 41 -0.57 -7.11 -9.29
C ARG C 41 0.87 -6.70 -8.97
N ARG C 42 1.82 -7.20 -9.72
CA ARG C 42 3.25 -6.84 -9.44
C ARG C 42 3.46 -5.35 -9.70
N ILE C 43 2.69 -4.80 -10.58
CA ILE C 43 2.84 -3.35 -10.90
C ILE C 43 2.32 -2.48 -9.74
N ALA C 44 1.06 -2.54 -9.46
CA ALA C 44 0.50 -1.70 -8.36
C ALA C 44 1.28 -1.97 -7.07
N ILE C 45 1.57 -3.21 -6.79
CA ILE C 45 2.34 -3.54 -5.56
C ILE C 45 3.74 -2.94 -5.65
N THR C 46 4.46 -3.23 -6.71
CA THR C 46 5.83 -2.66 -6.86
C THR C 46 5.78 -1.15 -6.71
N GLU C 47 4.80 -0.53 -7.32
CA GLU C 47 4.69 0.96 -7.21
C GLU C 47 4.51 1.39 -5.75
N ALA C 48 3.56 0.81 -5.07
CA ALA C 48 3.33 1.19 -3.65
C ALA C 48 4.57 0.89 -2.80
N ILE C 49 5.30 -0.15 -3.13
CA ILE C 49 6.51 -0.48 -2.32
C ILE C 49 7.51 0.67 -2.40
N GLN C 50 7.76 1.18 -3.57
CA GLN C 50 8.73 2.29 -3.70
C GLN C 50 8.27 3.50 -2.88
N ALA C 51 7.02 3.85 -3.03
CA ALA C 51 6.48 5.00 -2.26
C ALA C 51 6.65 4.73 -0.77
N ASN C 52 6.44 3.50 -0.37
CA ASN C 52 6.60 3.15 1.08
C ASN C 52 8.04 3.42 1.50
N ILE C 53 8.98 3.27 0.61
CA ILE C 53 10.40 3.53 0.98
C ILE C 53 10.54 5.00 1.34
N GLU C 54 10.07 5.87 0.49
CA GLU C 54 10.15 7.33 0.80
C GLU C 54 9.27 7.61 2.02
N LEU C 55 8.08 7.06 2.05
CA LEU C 55 7.17 7.27 3.20
C LEU C 55 7.85 6.81 4.50
N PHE C 56 8.79 5.91 4.39
CA PHE C 56 9.50 5.42 5.60
C PHE C 56 10.82 6.16 5.81
N SER C 57 11.09 7.17 5.01
CA SER C 57 12.37 7.93 5.15
C SER C 57 12.64 8.27 6.62
N GLY C 58 11.60 8.38 7.41
CA GLY C 58 11.79 8.71 8.85
C GLY C 58 12.59 7.59 9.53
N HIS C 59 13.85 7.81 9.79
CA HIS C 59 14.66 6.76 10.45
C HIS C 59 15.28 7.30 11.74
N LYS C 60 14.53 7.29 12.82
CA LYS C 60 15.07 7.81 14.10
C LYS C 60 15.76 6.69 14.88
N HIS C 61 17.02 6.87 15.19
CA HIS C 61 17.75 5.82 15.96
C HIS C 61 17.89 6.26 17.41
N LYS C 62 18.23 7.50 17.62
CA LYS C 62 18.37 8.02 19.02
C LYS C 62 17.00 8.49 19.55
N PRO C 63 16.32 9.28 18.76
CA PRO C 63 15.00 9.80 19.17
C PRO C 63 13.91 8.76 18.88
N LEU C 64 12.78 8.87 19.53
CA LEU C 64 11.68 7.91 19.29
C LEU C 64 10.33 8.63 19.23
N MET C 1 -10.13 -4.13 14.78
CA MET C 1 -10.85 -3.31 13.76
C MET C 1 -11.80 -4.20 12.94
N GLY C 2 -12.23 -3.76 11.80
CA GLY C 2 -13.16 -4.59 10.98
C GLY C 2 -12.36 -5.59 10.15
N ARG C 3 -11.24 -5.18 9.62
CA ARG C 3 -10.41 -6.11 8.80
C ARG C 3 -8.93 -5.94 9.16
N ARG C 4 -8.41 -6.80 9.98
CA ARG C 4 -6.97 -6.68 10.37
C ARG C 4 -6.05 -7.13 9.22
N ARG C 5 -6.14 -8.38 8.84
CA ARG C 5 -5.26 -8.88 7.74
C ARG C 5 -6.05 -9.79 6.80
N SER C 6 -5.61 -9.89 5.57
CA SER C 6 -6.33 -10.76 4.60
C SER C 6 -5.32 -11.62 3.82
N HIS C 7 -5.79 -12.35 2.84
CA HIS C 7 -4.86 -13.20 2.04
C HIS C 7 -4.13 -12.36 1.00
N GLU C 8 -4.84 -11.52 0.29
CA GLU C 8 -4.18 -10.67 -0.74
C GLU C 8 -3.37 -9.57 -0.06
N ARG C 9 -3.86 -9.09 1.04
CA ARG C 9 -3.12 -8.03 1.78
C ARG C 9 -1.85 -8.63 2.41
N ARG C 10 -1.71 -9.92 2.37
CA ARG C 10 -0.50 -10.57 2.97
C ARG C 10 0.73 -10.24 2.12
N ASP C 11 0.54 -9.93 0.87
CA ASP C 11 1.70 -9.62 -0.01
C ASP C 11 1.70 -8.13 -0.40
N LEU C 12 0.64 -7.41 -0.12
CA LEU C 12 0.60 -5.97 -0.47
C LEU C 12 1.39 -5.15 0.56
N PRO C 13 1.87 -4.02 0.12
CA PRO C 13 2.63 -3.11 1.01
C PRO C 13 1.65 -2.24 1.79
N PRO C 14 2.17 -1.45 2.67
CA PRO C 14 1.29 -0.55 3.45
C PRO C 14 0.75 0.54 2.52
N ASN C 15 -0.47 0.95 2.75
CA ASN C 15 -1.11 2.00 1.88
C ASN C 15 -1.48 1.42 0.51
N LEU C 16 -1.71 0.13 0.45
CA LEU C 16 -2.10 -0.50 -0.85
C LEU C 16 -3.03 -1.68 -0.58
N TYR C 17 -4.24 -1.63 -1.09
CA TYR C 17 -5.20 -2.74 -0.86
C TYR C 17 -5.83 -3.18 -2.18
N ILE C 18 -6.38 -4.36 -2.22
CA ILE C 18 -6.99 -4.84 -3.48
C ILE C 18 -8.53 -4.77 -3.38
N ARG C 19 -9.16 -4.37 -4.46
CA ARG C 19 -10.64 -4.27 -4.46
C ARG C 19 -11.24 -5.61 -4.86
N ASN C 20 -12.52 -5.64 -5.08
CA ASN C 20 -13.15 -6.92 -5.45
C ASN C 20 -12.93 -7.19 -6.94
N ASN C 21 -12.69 -6.17 -7.71
CA ASN C 21 -12.47 -6.37 -9.18
C ASN C 21 -11.00 -6.73 -9.48
N GLY C 22 -10.26 -7.15 -8.50
CA GLY C 22 -8.84 -7.51 -8.75
C GLY C 22 -8.03 -6.24 -9.06
N TYR C 23 -8.51 -5.10 -8.61
CA TYR C 23 -7.79 -3.83 -8.86
C TYR C 23 -7.02 -3.38 -7.60
N TYR C 24 -5.75 -3.07 -7.75
CA TYR C 24 -4.98 -2.60 -6.56
C TYR C 24 -5.10 -1.08 -6.45
N CYS C 25 -5.00 -0.54 -5.27
CA CYS C 25 -5.13 0.94 -5.13
C CYS C 25 -4.25 1.45 -3.98
N TYR C 26 -3.70 2.62 -4.13
CA TYR C 26 -2.83 3.18 -3.05
C TYR C 26 -3.59 4.24 -2.25
N ARG C 27 -3.65 4.08 -0.95
CA ARG C 27 -4.37 5.09 -0.12
C ARG C 27 -3.42 6.23 0.26
N ASP C 28 -3.80 7.45 0.00
CA ASP C 28 -2.91 8.59 0.34
C ASP C 28 -3.02 8.89 1.85
N PRO C 29 -1.89 9.19 2.45
CA PRO C 29 -1.87 9.50 3.90
C PRO C 29 -2.44 10.91 4.16
N ARG C 30 -2.51 11.73 3.15
CA ARG C 30 -3.05 13.09 3.36
C ARG C 30 -4.58 13.06 3.24
N THR C 31 -5.07 12.40 2.23
CA THR C 31 -6.54 12.34 2.05
C THR C 31 -7.08 11.00 2.58
N GLY C 32 -6.36 9.94 2.36
CA GLY C 32 -6.83 8.60 2.85
C GLY C 32 -7.73 7.94 1.80
N LYS C 33 -8.01 8.61 0.71
CA LYS C 33 -8.89 7.98 -0.31
C LYS C 33 -8.09 7.01 -1.19
N GLU C 34 -8.74 6.38 -2.14
CA GLU C 34 -8.03 5.37 -2.97
C GLU C 34 -7.55 5.95 -4.30
N PHE C 35 -6.68 5.22 -4.96
CA PHE C 35 -6.15 5.67 -6.29
C PHE C 35 -5.87 4.44 -7.16
N GLY C 36 -6.61 4.27 -8.23
CA GLY C 36 -6.40 3.08 -9.11
C GLY C 36 -4.91 2.87 -9.39
N LEU C 37 -4.33 1.86 -8.79
CA LEU C 37 -2.88 1.58 -9.01
C LEU C 37 -2.71 0.55 -10.14
N GLY C 38 -3.71 0.40 -10.98
CA GLY C 38 -3.61 -0.59 -12.08
C GLY C 38 -4.01 -1.97 -11.56
N ARG C 39 -4.29 -2.88 -12.43
CA ARG C 39 -4.69 -4.25 -11.99
C ARG C 39 -3.46 -5.15 -11.80
N ASP C 40 -2.28 -4.62 -11.97
CA ASP C 40 -1.06 -5.45 -11.81
C ASP C 40 -0.68 -5.54 -10.33
N ARG C 41 -0.40 -6.72 -9.87
CA ARG C 41 -0.03 -6.93 -8.43
C ARG C 41 1.42 -6.53 -8.16
N ARG C 42 2.34 -7.07 -8.91
CA ARG C 42 3.77 -6.72 -8.69
C ARG C 42 3.96 -5.23 -8.93
N ILE C 43 3.16 -4.66 -9.77
CA ILE C 43 3.26 -3.20 -10.06
C ILE C 43 2.73 -2.38 -8.88
N ALA C 44 1.48 -2.52 -8.55
CA ALA C 44 0.90 -1.73 -7.43
C ALA C 44 1.74 -1.94 -6.16
N ILE C 45 2.11 -3.16 -5.88
CA ILE C 45 2.93 -3.42 -4.66
C ILE C 45 4.28 -2.71 -4.77
N THR C 46 5.02 -2.97 -5.82
CA THR C 46 6.35 -2.33 -6.00
C THR C 46 6.20 -0.80 -5.93
N GLU C 47 5.20 -0.27 -6.57
CA GLU C 47 4.99 1.20 -6.56
C GLU C 47 4.75 1.69 -5.13
N ALA C 48 3.81 1.11 -4.44
CA ALA C 48 3.51 1.56 -3.05
C ALA C 48 4.74 1.35 -2.16
N ILE C 49 5.51 0.32 -2.40
CA ILE C 49 6.72 0.08 -1.57
C ILE C 49 7.69 1.25 -1.71
N GLN C 50 7.90 1.71 -2.93
CA GLN C 50 8.85 2.84 -3.14
C GLN C 50 8.36 4.07 -2.38
N ALA C 51 7.11 4.40 -2.55
CA ALA C 51 6.57 5.59 -1.83
C ALA C 51 6.73 5.39 -0.33
N ASN C 52 6.55 4.17 0.12
CA ASN C 52 6.71 3.90 1.57
C ASN C 52 8.14 4.22 2.01
N ILE C 53 9.10 4.05 1.13
CA ILE C 53 10.50 4.38 1.50
C ILE C 53 10.59 5.87 1.78
N GLU C 54 10.08 6.66 0.88
CA GLU C 54 10.10 8.13 1.09
C GLU C 54 9.24 8.48 2.31
N LEU C 55 8.12 7.83 2.44
CA LEU C 55 7.22 8.09 3.61
C LEU C 55 7.98 7.83 4.90
N PHE C 56 8.97 6.98 4.88
CA PHE C 56 9.74 6.69 6.11
C PHE C 56 10.94 7.64 6.25
N SER C 57 11.05 8.61 5.38
CA SER C 57 12.19 9.56 5.47
C SER C 57 12.32 10.08 6.91
N GLY C 58 11.22 10.45 7.51
CA GLY C 58 11.27 10.97 8.91
C GLY C 58 12.37 12.03 9.04
N HIS C 59 13.25 11.86 9.99
CA HIS C 59 14.35 12.85 10.18
C HIS C 59 15.53 12.18 10.89
N LYS C 60 16.23 12.90 11.71
CA LYS C 60 17.40 12.30 12.42
C LYS C 60 16.99 10.98 13.07
N HIS C 61 17.66 9.91 12.72
CA HIS C 61 17.33 8.59 13.31
C HIS C 61 18.60 7.92 13.83
N LYS C 62 19.68 8.05 13.11
CA LYS C 62 20.97 7.45 13.56
C LYS C 62 21.65 8.36 14.57
N PRO C 63 21.78 9.63 14.22
CA PRO C 63 22.43 10.60 15.12
C PRO C 63 21.45 11.07 16.20
N LEU C 64 21.95 11.46 17.34
CA LEU C 64 21.04 11.94 18.43
C LEU C 64 20.80 13.44 18.29
N MET C 1 -9.32 -3.61 14.93
CA MET C 1 -9.98 -2.79 13.87
C MET C 1 -10.99 -3.66 13.11
N GLY C 2 -11.39 -3.25 11.94
CA GLY C 2 -12.37 -4.08 11.17
C GLY C 2 -11.63 -5.20 10.46
N ARG C 3 -11.68 -5.23 9.16
CA ARG C 3 -10.95 -6.30 8.42
C ARG C 3 -9.46 -6.22 8.75
N ARG C 4 -8.95 -7.14 9.52
CA ARG C 4 -7.51 -7.10 9.89
C ARG C 4 -6.64 -7.70 8.77
N ARG C 5 -6.87 -8.94 8.45
CA ARG C 5 -6.04 -9.57 7.37
C ARG C 5 -6.92 -10.43 6.46
N SER C 6 -6.71 -10.35 5.18
CA SER C 6 -7.53 -11.16 4.23
C SER C 6 -6.61 -11.98 3.31
N HIS C 7 -7.15 -12.54 2.26
CA HIS C 7 -6.30 -13.35 1.34
C HIS C 7 -5.57 -12.44 0.35
N GLU C 8 -6.24 -11.45 -0.18
CA GLU C 8 -5.56 -10.54 -1.15
C GLU C 8 -4.55 -9.65 -0.42
N ARG C 9 -4.90 -9.19 0.73
CA ARG C 9 -3.98 -8.34 1.51
C ARG C 9 -2.76 -9.16 1.94
N ARG C 10 -2.81 -10.46 1.79
CA ARG C 10 -1.65 -11.31 2.20
C ARG C 10 -0.44 -10.99 1.30
N ASP C 11 -0.67 -10.49 0.13
CA ASP C 11 0.46 -10.16 -0.77
C ASP C 11 0.50 -8.66 -1.08
N LEU C 12 -0.22 -7.86 -0.34
CA LEU C 12 -0.21 -6.40 -0.61
C LEU C 12 0.51 -5.66 0.53
N PRO C 13 1.20 -4.62 0.15
CA PRO C 13 1.93 -3.80 1.16
C PRO C 13 0.94 -2.90 1.89
N PRO C 14 1.42 -2.19 2.87
CA PRO C 14 0.53 -1.26 3.60
C PRO C 14 0.16 -0.08 2.70
N ASN C 15 -1.01 0.47 2.89
CA ASN C 15 -1.48 1.62 2.07
C ASN C 15 -1.85 1.17 0.65
N LEU C 16 -2.10 -0.10 0.46
CA LEU C 16 -2.50 -0.58 -0.90
C LEU C 16 -3.44 -1.78 -0.78
N TYR C 17 -4.60 -1.68 -1.36
CA TYR C 17 -5.58 -2.80 -1.27
C TYR C 17 -6.19 -3.06 -2.66
N ILE C 18 -6.74 -4.23 -2.86
CA ILE C 18 -7.32 -4.54 -4.20
C ILE C 18 -8.86 -4.49 -4.14
N ARG C 19 -9.46 -4.01 -5.20
CA ARG C 19 -10.93 -3.92 -5.26
C ARG C 19 -11.48 -5.20 -5.88
N ASN C 20 -12.73 -5.24 -6.18
CA ASN C 20 -13.29 -6.47 -6.78
C ASN C 20 -13.00 -6.49 -8.29
N ASN C 21 -12.68 -5.37 -8.86
CA ASN C 21 -12.38 -5.31 -10.33
C ASN C 21 -10.92 -5.71 -10.60
N GLY C 22 -10.24 -6.26 -9.64
CA GLY C 22 -8.82 -6.64 -9.87
C GLY C 22 -7.96 -5.38 -10.02
N TYR C 23 -8.44 -4.27 -9.53
CA TYR C 23 -7.65 -3.00 -9.63
C TYR C 23 -7.05 -2.64 -8.28
N TYR C 24 -5.78 -2.39 -8.23
CA TYR C 24 -5.15 -2.03 -6.94
C TYR C 24 -5.24 -0.51 -6.73
N CYS C 25 -5.19 -0.06 -5.52
CA CYS C 25 -5.28 1.42 -5.26
C CYS C 25 -4.44 1.79 -4.04
N TYR C 26 -3.83 2.95 -4.07
CA TYR C 26 -3.01 3.37 -2.90
C TYR C 26 -3.81 4.35 -2.03
N ARG C 27 -4.07 3.98 -0.80
CA ARG C 27 -4.86 4.89 0.08
C ARG C 27 -3.96 5.88 0.80
N ASP C 28 -4.31 7.13 0.78
CA ASP C 28 -3.47 8.16 1.48
C ASP C 28 -3.78 8.17 2.98
N PRO C 29 -2.75 8.31 3.77
CA PRO C 29 -2.93 8.34 5.25
C PRO C 29 -3.48 9.70 5.71
N ARG C 30 -3.47 10.67 4.85
CA ARG C 30 -3.99 12.01 5.23
C ARG C 30 -5.50 12.05 5.10
N THR C 31 -6.06 11.14 4.34
CA THR C 31 -7.54 11.15 4.17
C THR C 31 -8.10 9.72 4.23
N GLY C 32 -7.37 8.75 3.77
CA GLY C 32 -7.90 7.35 3.80
C GLY C 32 -8.65 7.05 2.50
N LYS C 33 -8.71 7.99 1.59
CA LYS C 33 -9.42 7.73 0.30
C LYS C 33 -8.49 6.96 -0.63
N GLU C 34 -8.92 6.63 -1.83
CA GLU C 34 -8.01 5.81 -2.68
C GLU C 34 -7.93 6.32 -4.12
N PHE C 35 -6.97 5.79 -4.84
CA PHE C 35 -6.77 6.19 -6.26
C PHE C 35 -6.30 4.97 -7.06
N GLY C 36 -6.84 4.75 -8.24
CA GLY C 36 -6.42 3.57 -9.05
C GLY C 36 -4.89 3.44 -9.05
N LEU C 37 -4.38 2.26 -9.25
CA LEU C 37 -2.90 2.05 -9.26
C LEU C 37 -2.53 0.98 -10.29
N GLY C 38 -3.26 0.93 -11.36
CA GLY C 38 -2.96 -0.09 -12.42
C GLY C 38 -3.59 -1.42 -12.04
N ARG C 39 -3.88 -2.24 -13.01
CA ARG C 39 -4.50 -3.56 -12.73
C ARG C 39 -3.40 -4.61 -12.52
N ASP C 40 -2.15 -4.22 -12.60
CA ASP C 40 -1.05 -5.22 -12.41
C ASP C 40 -0.80 -5.44 -10.92
N ARG C 41 -0.53 -6.65 -10.54
CA ARG C 41 -0.29 -6.98 -9.12
C ARG C 41 1.13 -6.60 -8.69
N ARG C 42 2.11 -7.06 -9.40
CA ARG C 42 3.51 -6.73 -9.02
C ARG C 42 3.74 -5.23 -9.17
N ILE C 43 3.03 -4.61 -10.06
CA ILE C 43 3.18 -3.15 -10.28
C ILE C 43 2.56 -2.34 -9.13
N ALA C 44 1.27 -2.46 -8.96
CA ALA C 44 0.60 -1.68 -7.87
C ALA C 44 1.28 -1.95 -6.52
N ILE C 45 1.45 -3.18 -6.16
CA ILE C 45 2.10 -3.50 -4.85
C ILE C 45 3.49 -2.87 -4.79
N THR C 46 4.27 -3.01 -5.83
CA THR C 46 5.64 -2.41 -5.83
C THR C 46 5.56 -0.92 -5.55
N GLU C 47 4.58 -0.26 -6.09
CA GLU C 47 4.44 1.21 -5.87
C GLU C 47 4.25 1.53 -4.38
N ALA C 48 3.30 0.89 -3.75
CA ALA C 48 3.06 1.17 -2.31
C ALA C 48 4.29 0.83 -1.47
N ILE C 49 5.00 -0.21 -1.82
CA ILE C 49 6.20 -0.58 -1.03
C ILE C 49 7.22 0.55 -1.07
N GLN C 50 7.42 1.16 -2.21
CA GLN C 50 8.40 2.28 -2.31
C GLN C 50 7.98 3.42 -1.39
N ALA C 51 6.79 3.92 -1.58
CA ALA C 51 6.31 5.03 -0.72
C ALA C 51 6.37 4.59 0.74
N ASN C 52 6.11 3.33 0.99
CA ASN C 52 6.17 2.81 2.39
C ASN C 52 7.58 2.97 2.93
N ILE C 53 8.58 2.85 2.10
CA ILE C 53 9.97 3.02 2.62
C ILE C 53 10.13 4.45 3.12
N GLU C 54 9.71 5.40 2.33
CA GLU C 54 9.80 6.81 2.78
C GLU C 54 8.89 7.01 3.99
N LEU C 55 7.68 6.50 3.90
CA LEU C 55 6.73 6.63 5.04
C LEU C 55 7.32 5.99 6.29
N PHE C 56 8.24 5.09 6.12
CA PHE C 56 8.86 4.42 7.30
C PHE C 56 10.23 5.04 7.63
N SER C 57 10.61 6.09 6.96
CA SER C 57 11.92 6.73 7.23
C SER C 57 12.10 6.93 8.74
N GLY C 58 11.03 7.07 9.46
CA GLY C 58 11.14 7.27 10.94
C GLY C 58 11.67 5.98 11.58
N HIS C 59 11.35 4.85 11.00
CA HIS C 59 11.84 3.56 11.58
C HIS C 59 13.36 3.47 11.44
N LYS C 60 14.00 2.70 12.26
CA LYS C 60 15.48 2.58 12.16
C LYS C 60 15.88 1.16 11.75
N HIS C 61 16.59 1.03 10.67
CA HIS C 61 17.03 -0.32 10.21
C HIS C 61 18.55 -0.33 10.10
N LYS C 62 19.11 0.74 9.61
CA LYS C 62 20.59 0.82 9.48
C LYS C 62 21.22 1.16 10.84
N PRO C 63 20.71 2.18 11.49
CA PRO C 63 21.25 2.58 12.80
C PRO C 63 20.72 1.66 13.90
N LEU C 64 21.49 1.46 14.94
CA LEU C 64 21.03 0.57 16.05
C LEU C 64 20.61 1.40 17.26
N MET C 1 -10.68 -4.56 14.70
CA MET C 1 -11.17 -3.71 13.58
C MET C 1 -12.00 -4.56 12.60
N GLY C 2 -12.24 -4.06 11.42
CA GLY C 2 -13.05 -4.84 10.44
C GLY C 2 -12.16 -5.85 9.70
N ARG C 3 -11.38 -5.41 8.77
CA ARG C 3 -10.50 -6.35 8.02
C ARG C 3 -9.05 -6.19 8.48
N ARG C 4 -8.59 -7.06 9.35
CA ARG C 4 -7.19 -6.95 9.84
C ARG C 4 -6.21 -7.62 8.86
N ARG C 5 -6.34 -8.90 8.66
CA ARG C 5 -5.42 -9.59 7.72
C ARG C 5 -6.19 -10.51 6.77
N SER C 6 -5.81 -10.55 5.52
CA SER C 6 -6.53 -11.43 4.55
C SER C 6 -5.53 -12.17 3.65
N HIS C 7 -6.00 -12.82 2.62
CA HIS C 7 -5.08 -13.56 1.72
C HIS C 7 -4.44 -12.60 0.71
N GLU C 8 -5.19 -11.69 0.16
CA GLU C 8 -4.60 -10.72 -0.83
C GLU C 8 -3.67 -9.76 -0.10
N ARG C 9 -4.11 -9.28 1.02
CA ARG C 9 -3.26 -8.35 1.81
C ARG C 9 -1.96 -9.05 2.21
N ARG C 10 -1.93 -10.37 2.11
CA ARG C 10 -0.69 -11.11 2.49
C ARG C 10 0.43 -10.81 1.51
N ASP C 11 0.12 -10.40 0.31
CA ASP C 11 1.19 -10.11 -0.68
C ASP C 11 1.24 -8.61 -1.01
N LEU C 12 0.31 -7.84 -0.52
CA LEU C 12 0.32 -6.38 -0.83
C LEU C 12 1.06 -5.61 0.27
N PRO C 13 1.73 -4.57 -0.12
CA PRO C 13 2.47 -3.71 0.83
C PRO C 13 1.48 -2.83 1.59
N PRO C 14 1.98 -2.08 2.54
CA PRO C 14 1.10 -1.17 3.30
C PRO C 14 0.63 -0.03 2.39
N ASN C 15 -0.53 0.50 2.65
CA ASN C 15 -1.10 1.60 1.82
C ASN C 15 -1.55 1.08 0.44
N LEU C 16 -1.69 -0.21 0.31
CA LEU C 16 -2.15 -0.77 -1.00
C LEU C 16 -3.04 -2.00 -0.76
N TYR C 17 -4.24 -1.97 -1.25
CA TYR C 17 -5.16 -3.12 -1.05
C TYR C 17 -5.83 -3.50 -2.37
N ILE C 18 -6.35 -4.69 -2.47
CA ILE C 18 -6.99 -5.10 -3.75
C ILE C 18 -8.52 -5.07 -3.63
N ARG C 19 -9.18 -4.68 -4.69
CA ARG C 19 -10.66 -4.61 -4.69
C ARG C 19 -11.23 -5.96 -5.10
N ASN C 20 -12.50 -6.03 -5.33
CA ASN C 20 -13.09 -7.33 -5.72
C ASN C 20 -12.88 -7.58 -7.22
N ASN C 21 -12.74 -6.53 -7.99
CA ASN C 21 -12.53 -6.71 -9.46
C ASN C 21 -11.06 -6.97 -9.80
N GLY C 22 -10.26 -7.31 -8.83
CA GLY C 22 -8.81 -7.57 -9.12
C GLY C 22 -8.10 -6.25 -9.40
N TYR C 23 -8.66 -5.15 -8.96
CA TYR C 23 -8.01 -3.83 -9.19
C TYR C 23 -7.27 -3.38 -7.92
N TYR C 24 -6.01 -3.06 -8.02
CA TYR C 24 -5.25 -2.60 -6.82
C TYR C 24 -5.42 -1.10 -6.64
N CYS C 25 -5.34 -0.62 -5.43
CA CYS C 25 -5.50 0.85 -5.20
C CYS C 25 -4.64 1.29 -4.01
N TYR C 26 -4.07 2.47 -4.10
CA TYR C 26 -3.22 2.96 -2.97
C TYR C 26 -3.97 4.03 -2.18
N ARG C 27 -4.12 3.83 -0.89
CA ARG C 27 -4.84 4.84 -0.07
C ARG C 27 -3.85 5.91 0.43
N ASP C 28 -4.11 7.16 0.17
CA ASP C 28 -3.18 8.22 0.63
C ASP C 28 -3.43 8.50 2.12
N PRO C 29 -2.36 8.67 2.85
CA PRO C 29 -2.48 8.95 4.29
C PRO C 29 -2.88 10.42 4.52
N ARG C 30 -2.73 11.24 3.52
CA ARG C 30 -3.11 12.68 3.68
C ARG C 30 -4.59 12.83 3.37
N THR C 31 -5.04 12.19 2.33
CA THR C 31 -6.48 12.31 1.96
C THR C 31 -7.24 11.08 2.47
N GLY C 32 -6.65 9.92 2.36
CA GLY C 32 -7.34 8.69 2.84
C GLY C 32 -8.17 8.08 1.71
N LYS C 33 -8.27 8.73 0.59
CA LYS C 33 -9.08 8.17 -0.53
C LYS C 33 -8.28 7.14 -1.32
N GLU C 34 -8.88 6.55 -2.33
CA GLU C 34 -8.16 5.49 -3.11
C GLU C 34 -7.59 6.03 -4.41
N PHE C 35 -6.78 5.23 -5.06
CA PHE C 35 -6.19 5.64 -6.36
C PHE C 35 -6.00 4.42 -7.27
N GLY C 36 -6.70 4.36 -8.38
CA GLY C 36 -6.57 3.19 -9.29
C GLY C 36 -5.09 2.85 -9.52
N LEU C 37 -4.63 1.75 -8.98
CA LEU C 37 -3.20 1.36 -9.15
C LEU C 37 -3.05 0.39 -10.33
N GLY C 38 -4.05 0.27 -11.16
CA GLY C 38 -3.95 -0.67 -12.32
C GLY C 38 -4.27 -2.08 -11.85
N ARG C 39 -4.61 -2.96 -12.76
CA ARG C 39 -4.94 -4.35 -12.35
C ARG C 39 -3.69 -5.24 -12.34
N ASP C 40 -2.53 -4.67 -12.48
CA ASP C 40 -1.29 -5.50 -12.47
C ASP C 40 -0.89 -5.78 -11.02
N ARG C 41 -0.56 -7.02 -10.74
CA ARG C 41 -0.20 -7.42 -9.36
C ARG C 41 1.25 -7.02 -9.01
N ARG C 42 2.19 -7.46 -9.81
CA ARG C 42 3.61 -7.10 -9.52
C ARG C 42 3.79 -5.60 -9.61
N ILE C 43 3.04 -4.97 -10.46
CA ILE C 43 3.14 -3.49 -10.62
C ILE C 43 2.51 -2.77 -9.43
N ALA C 44 1.26 -3.02 -9.15
CA ALA C 44 0.59 -2.33 -8.02
C ALA C 44 1.37 -2.52 -6.72
N ILE C 45 1.73 -3.73 -6.40
CA ILE C 45 2.49 -3.97 -5.14
C ILE C 45 3.84 -3.24 -5.20
N THR C 46 4.58 -3.45 -6.25
CA THR C 46 5.90 -2.77 -6.38
C THR C 46 5.73 -1.25 -6.27
N GLU C 47 4.70 -0.73 -6.85
CA GLU C 47 4.46 0.75 -6.80
C GLU C 47 4.27 1.21 -5.36
N ALA C 48 3.37 0.59 -4.65
CA ALA C 48 3.12 1.00 -3.24
C ALA C 48 4.39 0.80 -2.39
N ILE C 49 5.19 -0.17 -2.72
CA ILE C 49 6.44 -0.40 -1.94
C ILE C 49 7.35 0.81 -2.06
N GLN C 50 7.51 1.34 -3.25
CA GLN C 50 8.38 2.53 -3.42
C GLN C 50 7.85 3.70 -2.59
N ALA C 51 6.57 3.92 -2.66
CA ALA C 51 5.98 5.02 -1.86
C ALA C 51 6.27 4.78 -0.37
N ASN C 52 6.19 3.56 0.06
CA ASN C 52 6.48 3.24 1.48
C ASN C 52 7.91 3.66 1.81
N ILE C 53 8.81 3.57 0.85
CA ILE C 53 10.21 3.97 1.14
C ILE C 53 10.21 5.46 1.47
N GLU C 54 9.52 6.24 0.69
CA GLU C 54 9.46 7.70 0.98
C GLU C 54 8.72 7.92 2.30
N LEU C 55 7.64 7.21 2.50
CA LEU C 55 6.87 7.37 3.77
C LEU C 55 7.75 7.07 4.98
N PHE C 56 8.62 6.11 4.89
CA PHE C 56 9.50 5.77 6.04
C PHE C 56 10.87 6.45 5.90
N SER C 57 11.03 7.32 4.93
CA SER C 57 12.34 8.01 4.74
C SER C 57 12.92 8.47 6.09
N GLY C 58 12.09 8.75 7.05
CA GLY C 58 12.61 9.20 8.37
C GLY C 58 13.40 8.06 9.02
N HIS C 59 14.70 8.23 9.15
CA HIS C 59 15.53 7.16 9.77
C HIS C 59 16.84 7.75 10.29
N LYS C 60 16.90 8.06 11.56
CA LYS C 60 18.15 8.63 12.13
C LYS C 60 18.87 7.58 12.98
N HIS C 61 20.09 7.29 12.64
CA HIS C 61 20.86 6.29 13.44
C HIS C 61 22.19 6.90 13.87
N LYS C 62 22.82 7.63 13.00
CA LYS C 62 24.11 8.28 13.36
C LYS C 62 23.87 9.57 14.14
N PRO C 63 23.01 10.41 13.61
CA PRO C 63 22.71 11.70 14.28
C PRO C 63 21.70 11.48 15.42
N LEU C 64 21.55 12.45 16.28
CA LEU C 64 20.59 12.30 17.40
C LEU C 64 19.15 12.33 16.87
N MET C 1 -10.55 -3.97 14.80
CA MET C 1 -11.12 -3.11 13.72
C MET C 1 -12.05 -3.93 12.82
N GLY C 2 -12.39 -3.43 11.67
CA GLY C 2 -13.31 -4.20 10.77
C GLY C 2 -12.48 -5.19 9.94
N ARG C 3 -11.42 -4.73 9.36
CA ARG C 3 -10.56 -5.63 8.53
C ARG C 3 -9.11 -5.52 8.99
N ARG C 4 -8.73 -6.29 9.98
CA ARG C 4 -7.33 -6.23 10.48
C ARG C 4 -6.35 -6.69 9.40
N ARG C 5 -6.45 -7.93 8.98
CA ARG C 5 -5.53 -8.43 7.94
C ARG C 5 -6.28 -9.34 6.95
N SER C 6 -5.73 -9.54 5.79
CA SER C 6 -6.41 -10.41 4.78
C SER C 6 -5.38 -11.29 4.07
N HIS C 7 -5.82 -12.14 3.19
CA HIS C 7 -4.86 -13.01 2.46
C HIS C 7 -4.18 -12.23 1.34
N GLU C 8 -4.90 -11.36 0.69
CA GLU C 8 -4.28 -10.57 -0.41
C GLU C 8 -3.33 -9.54 0.19
N ARG C 9 -3.72 -8.95 1.27
CA ARG C 9 -2.83 -7.94 1.92
C ARG C 9 -1.51 -8.60 2.30
N ARG C 10 -1.49 -9.91 2.37
CA ARG C 10 -0.23 -10.61 2.73
C ARG C 10 0.81 -10.40 1.63
N ASP C 11 0.36 -10.20 0.42
CA ASP C 11 1.31 -9.98 -0.71
C ASP C 11 1.39 -8.49 -1.04
N LEU C 12 0.42 -7.72 -0.63
CA LEU C 12 0.44 -6.26 -0.93
C LEU C 12 1.24 -5.50 0.13
N PRO C 13 1.85 -4.43 -0.30
CA PRO C 13 2.63 -3.57 0.62
C PRO C 13 1.68 -2.71 1.43
N PRO C 14 2.22 -1.96 2.34
CA PRO C 14 1.38 -1.06 3.15
C PRO C 14 0.86 0.08 2.27
N ASN C 15 -0.29 0.61 2.57
CA ASN C 15 -0.88 1.72 1.76
C ASN C 15 -1.36 1.22 0.38
N LEU C 16 -1.59 -0.06 0.26
CA LEU C 16 -2.08 -0.60 -1.04
C LEU C 16 -3.02 -1.78 -0.80
N TYR C 17 -4.19 -1.72 -1.36
CA TYR C 17 -5.17 -2.84 -1.16
C TYR C 17 -5.80 -3.22 -2.51
N ILE C 18 -6.37 -4.39 -2.60
CA ILE C 18 -6.97 -4.81 -3.89
C ILE C 18 -8.50 -4.72 -3.82
N ARG C 19 -9.12 -4.34 -4.90
CA ARG C 19 -10.59 -4.21 -4.95
C ARG C 19 -11.20 -5.55 -5.35
N ASN C 20 -12.46 -5.57 -5.60
CA ASN C 20 -13.09 -6.85 -5.99
C ASN C 20 -12.86 -7.11 -7.48
N ASN C 21 -12.66 -6.07 -8.25
CA ASN C 21 -12.43 -6.26 -9.72
C ASN C 21 -10.95 -6.56 -10.01
N GLY C 22 -10.18 -6.93 -9.02
CA GLY C 22 -8.74 -7.22 -9.27
C GLY C 22 -7.99 -5.92 -9.53
N TYR C 23 -8.54 -4.81 -9.11
CA TYR C 23 -7.87 -3.50 -9.32
C TYR C 23 -7.14 -3.08 -8.04
N TYR C 24 -5.89 -2.70 -8.13
CA TYR C 24 -5.15 -2.28 -6.90
C TYR C 24 -5.39 -0.79 -6.64
N CYS C 25 -5.19 -0.34 -5.43
CA CYS C 25 -5.41 1.10 -5.13
C CYS C 25 -4.44 1.57 -4.04
N TYR C 26 -4.08 2.83 -4.05
CA TYR C 26 -3.14 3.33 -3.00
C TYR C 26 -3.89 4.16 -1.95
N ARG C 27 -4.02 3.64 -0.76
CA ARG C 27 -4.73 4.39 0.31
C ARG C 27 -3.76 5.33 1.04
N ASP C 28 -4.05 6.59 1.07
CA ASP C 28 -3.15 7.54 1.77
C ASP C 28 -3.40 7.51 3.28
N PRO C 29 -2.33 7.57 4.04
CA PRO C 29 -2.45 7.54 5.51
C PRO C 29 -2.92 8.91 6.04
N ARG C 30 -2.91 9.91 5.22
CA ARG C 30 -3.36 11.25 5.68
C ARG C 30 -4.88 11.35 5.60
N THR C 31 -5.47 10.59 4.72
CA THR C 31 -6.96 10.65 4.60
C THR C 31 -7.58 9.26 4.46
N GLY C 32 -6.87 8.31 3.89
CA GLY C 32 -7.45 6.95 3.73
C GLY C 32 -8.13 6.82 2.36
N LYS C 33 -8.26 7.90 1.63
CA LYS C 33 -8.90 7.81 0.29
C LYS C 33 -7.87 7.28 -0.70
N GLU C 34 -8.21 7.05 -1.95
CA GLU C 34 -7.15 6.50 -2.85
C GLU C 34 -7.45 6.72 -4.32
N PHE C 35 -6.59 6.20 -5.15
CA PHE C 35 -6.76 6.30 -6.62
C PHE C 35 -6.41 4.94 -7.25
N GLY C 36 -6.90 4.66 -8.43
CA GLY C 36 -6.59 3.35 -9.07
C GLY C 36 -5.08 3.11 -9.01
N LEU C 37 -4.66 1.89 -9.23
CA LEU C 37 -3.20 1.60 -9.19
C LEU C 37 -2.83 0.53 -10.22
N GLY C 38 -3.62 0.42 -11.26
CA GLY C 38 -3.32 -0.60 -12.30
C GLY C 38 -3.79 -1.97 -11.83
N ARG C 39 -4.13 -2.83 -12.75
CA ARG C 39 -4.60 -4.20 -12.36
C ARG C 39 -3.41 -5.16 -12.27
N ASP C 40 -2.20 -4.67 -12.40
CA ASP C 40 -1.01 -5.57 -12.32
C ASP C 40 -0.65 -5.81 -10.85
N ARG C 41 -0.21 -7.00 -10.54
CA ARG C 41 0.14 -7.35 -9.15
C ARG C 41 1.53 -6.83 -8.77
N ARG C 42 2.53 -7.19 -9.52
CA ARG C 42 3.91 -6.73 -9.19
C ARG C 42 4.02 -5.23 -9.39
N ILE C 43 3.30 -4.71 -10.33
CA ILE C 43 3.35 -3.25 -10.62
C ILE C 43 2.70 -2.45 -9.48
N ALA C 44 1.43 -2.65 -9.26
CA ALA C 44 0.74 -1.89 -8.17
C ALA C 44 1.50 -2.07 -6.86
N ILE C 45 1.84 -3.28 -6.51
CA ILE C 45 2.58 -3.51 -5.24
C ILE C 45 3.94 -2.81 -5.29
N THR C 46 4.66 -2.98 -6.35
CA THR C 46 6.01 -2.33 -6.47
C THR C 46 5.86 -0.81 -6.28
N GLU C 47 4.83 -0.24 -6.83
CA GLU C 47 4.63 1.23 -6.69
C GLU C 47 4.47 1.61 -5.23
N ALA C 48 3.56 0.98 -4.54
CA ALA C 48 3.35 1.31 -3.11
C ALA C 48 4.62 1.03 -2.31
N ILE C 49 5.39 0.06 -2.72
CA ILE C 49 6.65 -0.26 -1.99
C ILE C 49 7.60 0.94 -2.05
N GLN C 50 7.77 1.52 -3.20
CA GLN C 50 8.69 2.69 -3.31
C GLN C 50 8.21 3.83 -2.41
N ALA C 51 6.96 4.16 -2.49
CA ALA C 51 6.44 5.25 -1.62
C ALA C 51 6.69 4.89 -0.16
N ASN C 52 6.52 3.65 0.18
CA ASN C 52 6.76 3.22 1.59
C ASN C 52 8.21 3.50 1.97
N ILE C 53 9.12 3.43 1.03
CA ILE C 53 10.54 3.71 1.37
C ILE C 53 10.65 5.17 1.80
N GLU C 54 10.07 6.05 1.04
CA GLU C 54 10.11 7.49 1.42
C GLU C 54 9.30 7.68 2.71
N LEU C 55 8.16 7.05 2.80
CA LEU C 55 7.32 7.17 4.03
C LEU C 55 8.10 6.70 5.25
N PHE C 56 9.01 5.78 5.09
CA PHE C 56 9.80 5.29 6.25
C PHE C 56 11.17 5.96 6.32
N SER C 57 11.42 6.93 5.47
CA SER C 57 12.75 7.61 5.50
C SER C 57 13.12 8.01 6.93
N GLY C 58 12.14 8.31 7.73
CA GLY C 58 12.42 8.72 9.15
C GLY C 58 13.54 9.77 9.17
N HIS C 59 14.39 9.72 10.16
CA HIS C 59 15.48 10.71 10.24
C HIS C 59 16.64 10.15 11.10
N LYS C 60 16.46 10.11 12.39
CA LYS C 60 17.54 9.58 13.27
C LYS C 60 17.68 8.08 13.08
N HIS C 61 18.84 7.62 12.71
CA HIS C 61 19.07 6.16 12.52
C HIS C 61 19.98 5.64 13.63
N LYS C 62 20.90 6.46 14.06
CA LYS C 62 21.83 6.03 15.14
C LYS C 62 22.68 7.22 15.61
N PRO C 63 22.01 8.28 15.95
CA PRO C 63 22.71 9.51 16.43
C PRO C 63 23.36 9.26 17.79
N LEU C 64 24.44 9.94 18.06
CA LEU C 64 25.13 9.74 19.38
C LEU C 64 24.21 10.16 20.52
N MET C 1 -10.75 -4.66 14.76
CA MET C 1 -11.21 -3.64 13.78
C MET C 1 -12.16 -4.27 12.76
N GLY C 2 -12.37 -3.64 11.64
CA GLY C 2 -13.30 -4.21 10.63
C GLY C 2 -12.54 -5.21 9.74
N ARG C 3 -11.40 -4.82 9.25
CA ARG C 3 -10.61 -5.73 8.38
C ARG C 3 -9.17 -5.80 8.89
N ARG C 4 -8.84 -6.80 9.67
CA ARG C 4 -7.45 -6.91 10.20
C ARG C 4 -6.48 -7.31 9.11
N ARG C 5 -6.61 -8.49 8.56
CA ARG C 5 -5.67 -8.93 7.49
C ARG C 5 -6.41 -9.72 6.40
N SER C 6 -5.78 -9.91 5.27
CA SER C 6 -6.42 -10.69 4.17
C SER C 6 -5.37 -11.57 3.49
N HIS C 7 -5.81 -12.51 2.69
CA HIS C 7 -4.82 -13.40 2.01
C HIS C 7 -4.05 -12.63 0.95
N GLU C 8 -4.71 -11.75 0.23
CA GLU C 8 -3.99 -10.97 -0.82
C GLU C 8 -3.04 -9.97 -0.16
N ARG C 9 -3.40 -9.47 0.98
CA ARG C 9 -2.52 -8.51 1.69
C ARG C 9 -1.26 -9.23 2.20
N ARG C 10 -1.25 -10.54 2.14
CA ARG C 10 -0.07 -11.31 2.62
C ARG C 10 1.17 -10.92 1.80
N ASP C 11 0.99 -10.45 0.61
CA ASP C 11 2.17 -10.07 -0.23
C ASP C 11 2.10 -8.59 -0.60
N LEU C 12 0.93 -8.03 -0.65
CA LEU C 12 0.81 -6.59 -1.03
C LEU C 12 1.41 -5.70 0.08
N PRO C 13 2.01 -4.62 -0.34
CA PRO C 13 2.63 -3.68 0.61
C PRO C 13 1.53 -2.88 1.31
N PRO C 14 1.91 -2.07 2.24
CA PRO C 14 0.92 -1.22 2.94
C PRO C 14 0.44 -0.12 2.01
N ASN C 15 -0.79 0.31 2.17
CA ASN C 15 -1.38 1.38 1.31
C ASN C 15 -1.66 0.84 -0.10
N LEU C 16 -1.95 -0.43 -0.23
CA LEU C 16 -2.26 -1.00 -1.57
C LEU C 16 -3.29 -2.13 -1.44
N TYR C 17 -4.45 -1.96 -2.02
CA TYR C 17 -5.49 -3.01 -1.91
C TYR C 17 -6.12 -3.26 -3.29
N ILE C 18 -6.74 -4.39 -3.47
CA ILE C 18 -7.37 -4.68 -4.80
C ILE C 18 -8.89 -4.56 -4.71
N ARG C 19 -9.50 -4.04 -5.75
CA ARG C 19 -10.97 -3.87 -5.74
C ARG C 19 -11.61 -5.13 -6.31
N ASN C 20 -12.89 -5.09 -6.54
CA ASN C 20 -13.55 -6.30 -7.09
C ASN C 20 -13.34 -6.35 -8.61
N ASN C 21 -12.99 -5.23 -9.21
CA ASN C 21 -12.75 -5.22 -10.68
C ASN C 21 -11.33 -5.68 -11.02
N GLY C 22 -10.62 -6.25 -10.08
CA GLY C 22 -9.23 -6.70 -10.37
C GLY C 22 -8.31 -5.48 -10.50
N TYR C 23 -8.74 -4.35 -10.02
CA TYR C 23 -7.87 -3.12 -10.11
C TYR C 23 -7.27 -2.79 -8.74
N TYR C 24 -5.98 -2.55 -8.70
CA TYR C 24 -5.34 -2.19 -7.40
C TYR C 24 -5.40 -0.68 -7.19
N CYS C 25 -5.31 -0.23 -5.98
CA CYS C 25 -5.36 1.25 -5.72
C CYS C 25 -4.47 1.60 -4.54
N TYR C 26 -4.00 2.82 -4.48
CA TYR C 26 -3.11 3.22 -3.35
C TYR C 26 -3.91 4.01 -2.30
N ARG C 27 -4.01 3.49 -1.10
CA ARG C 27 -4.77 4.22 -0.04
C ARG C 27 -3.87 5.21 0.69
N ASP C 28 -4.21 6.46 0.69
CA ASP C 28 -3.38 7.47 1.41
C ASP C 28 -3.64 7.39 2.91
N PRO C 29 -2.59 7.45 3.69
CA PRO C 29 -2.74 7.38 5.16
C PRO C 29 -3.26 8.70 5.73
N ARG C 30 -3.37 9.70 4.91
CA ARG C 30 -3.88 11.02 5.40
C ARG C 30 -5.41 11.00 5.43
N THR C 31 -6.01 10.34 4.49
CA THR C 31 -7.50 10.29 4.46
C THR C 31 -8.01 8.85 4.29
N GLY C 32 -7.22 7.97 3.74
CA GLY C 32 -7.70 6.58 3.55
C GLY C 32 -8.38 6.43 2.18
N LYS C 33 -8.44 7.49 1.41
CA LYS C 33 -9.08 7.40 0.07
C LYS C 33 -8.12 6.74 -0.91
N GLU C 34 -8.48 6.54 -2.15
CA GLU C 34 -7.51 5.83 -3.04
C GLU C 34 -7.55 6.35 -4.46
N PHE C 35 -6.65 5.83 -5.27
CA PHE C 35 -6.58 6.23 -6.69
C PHE C 35 -6.16 5.01 -7.52
N GLY C 36 -6.86 4.73 -8.58
CA GLY C 36 -6.51 3.54 -9.41
C GLY C 36 -5.00 3.54 -9.70
N LEU C 37 -4.31 2.53 -9.24
CA LEU C 37 -2.84 2.46 -9.49
C LEU C 37 -2.59 1.73 -10.81
N GLY C 38 -2.82 0.45 -10.84
CA GLY C 38 -2.61 -0.31 -12.11
C GLY C 38 -3.37 -1.63 -12.03
N ARG C 39 -3.65 -2.22 -13.15
CA ARG C 39 -4.40 -3.51 -13.15
C ARG C 39 -3.41 -4.67 -12.96
N ASP C 40 -2.14 -4.41 -13.14
CA ASP C 40 -1.13 -5.49 -12.96
C ASP C 40 -0.83 -5.68 -11.48
N ARG C 41 -0.49 -6.86 -11.08
CA ARG C 41 -0.18 -7.13 -9.64
C ARG C 41 1.20 -6.61 -9.28
N ARG C 42 2.19 -6.98 -10.05
CA ARG C 42 3.57 -6.50 -9.74
C ARG C 42 3.65 -4.99 -9.93
N ILE C 43 2.80 -4.46 -10.76
CA ILE C 43 2.81 -3.00 -11.02
C ILE C 43 2.21 -2.20 -9.84
N ALA C 44 0.96 -2.39 -9.56
CA ALA C 44 0.33 -1.64 -8.43
C ALA C 44 1.10 -1.88 -7.13
N ILE C 45 1.46 -3.11 -6.85
CA ILE C 45 2.21 -3.40 -5.61
C ILE C 45 3.55 -2.67 -5.62
N THR C 46 4.28 -2.78 -6.70
CA THR C 46 5.60 -2.08 -6.78
C THR C 46 5.43 -0.60 -6.51
N GLU C 47 4.38 -0.02 -7.02
CA GLU C 47 4.14 1.44 -6.79
C GLU C 47 4.02 1.73 -5.29
N ALA C 48 3.18 1.00 -4.61
CA ALA C 48 2.99 1.23 -3.15
C ALA C 48 4.31 0.99 -2.41
N ILE C 49 5.09 0.04 -2.86
CA ILE C 49 6.40 -0.24 -2.18
C ILE C 49 7.30 0.99 -2.25
N GLN C 50 7.41 1.59 -3.40
CA GLN C 50 8.28 2.80 -3.54
C GLN C 50 7.77 3.91 -2.62
N ALA C 51 6.51 4.22 -2.70
CA ALA C 51 5.95 5.28 -1.83
C ALA C 51 6.20 4.92 -0.37
N ASN C 52 6.09 3.66 -0.04
CA ASN C 52 6.34 3.23 1.36
C ASN C 52 7.78 3.58 1.76
N ILE C 53 8.69 3.56 0.82
CA ILE C 53 10.09 3.92 1.17
C ILE C 53 10.13 5.37 1.60
N GLU C 54 9.51 6.23 0.83
CA GLU C 54 9.49 7.67 1.21
C GLU C 54 8.70 7.85 2.50
N LEU C 55 7.68 7.06 2.68
CA LEU C 55 6.85 7.16 3.92
C LEU C 55 7.73 6.99 5.17
N PHE C 56 8.69 6.11 5.11
CA PHE C 56 9.57 5.89 6.28
C PHE C 56 10.80 6.79 6.22
N SER C 57 10.87 7.68 5.27
CA SER C 57 12.06 8.58 5.16
C SER C 57 12.30 9.29 6.49
N GLY C 58 11.26 9.50 7.26
CA GLY C 58 11.44 10.21 8.56
C GLY C 58 11.57 9.17 9.68
N HIS C 59 12.75 8.63 9.88
CA HIS C 59 12.93 7.62 10.95
C HIS C 59 14.43 7.42 11.23
N LYS C 60 14.78 6.36 11.90
CA LYS C 60 16.22 6.11 12.21
C LYS C 60 16.69 4.82 11.55
N HIS C 61 17.70 4.89 10.73
CA HIS C 61 18.23 3.68 10.07
C HIS C 61 19.64 3.39 10.60
N LYS C 62 20.40 4.43 10.80
CA LYS C 62 21.79 4.24 11.33
C LYS C 62 22.38 5.61 11.70
N PRO C 63 21.64 6.34 12.51
CA PRO C 63 22.10 7.68 12.95
C PRO C 63 23.28 7.55 13.91
N LEU C 64 24.20 8.48 13.86
CA LEU C 64 25.38 8.42 14.77
C LEU C 64 25.31 9.54 15.80
N MET C 1 -9.42 -4.07 14.71
CA MET C 1 -10.14 -3.16 13.78
C MET C 1 -11.21 -3.94 13.01
N GLY C 2 -11.64 -3.45 11.88
CA GLY C 2 -12.67 -4.19 11.09
C GLY C 2 -11.99 -5.22 10.21
N ARG C 3 -10.90 -4.86 9.59
CA ARG C 3 -10.18 -5.83 8.71
C ARG C 3 -8.67 -5.75 8.98
N ARG C 4 -8.15 -6.67 9.75
CA ARG C 4 -6.69 -6.64 10.05
C ARG C 4 -5.89 -7.21 8.88
N ARG C 5 -6.09 -8.46 8.55
CA ARG C 5 -5.35 -9.07 7.42
C ARG C 5 -6.27 -9.97 6.59
N SER C 6 -5.97 -10.13 5.33
CA SER C 6 -6.83 -11.00 4.47
C SER C 6 -5.95 -11.85 3.55
N HIS C 7 -6.55 -12.56 2.64
CA HIS C 7 -5.75 -13.41 1.71
C HIS C 7 -5.10 -12.56 0.62
N GLU C 8 -5.85 -11.67 0.01
CA GLU C 8 -5.26 -10.81 -1.06
C GLU C 8 -4.31 -9.80 -0.46
N ARG C 9 -4.70 -9.20 0.63
CA ARG C 9 -3.81 -8.20 1.29
C ARG C 9 -2.57 -8.89 1.85
N ARG C 10 -2.54 -10.20 1.87
CA ARG C 10 -1.34 -10.91 2.41
C ARG C 10 -0.14 -10.65 1.49
N ASP C 11 -0.39 -10.34 0.25
CA ASP C 11 0.72 -10.08 -0.70
C ASP C 11 0.84 -8.59 -0.99
N LEU C 12 -0.15 -7.81 -0.61
CA LEU C 12 -0.08 -6.34 -0.87
C LEU C 12 0.67 -5.64 0.25
N PRO C 13 1.32 -4.57 -0.11
CA PRO C 13 2.08 -3.76 0.87
C PRO C 13 1.11 -2.89 1.66
N PRO C 14 1.64 -2.17 2.61
CA PRO C 14 0.79 -1.26 3.40
C PRO C 14 0.40 -0.06 2.53
N ASN C 15 -0.74 0.52 2.79
CA ASN C 15 -1.23 1.69 1.99
C ASN C 15 -1.68 1.25 0.58
N LEU C 16 -1.87 -0.02 0.38
CA LEU C 16 -2.33 -0.49 -0.97
C LEU C 16 -3.23 -1.72 -0.80
N TYR C 17 -4.43 -1.64 -1.28
CA TYR C 17 -5.36 -2.78 -1.16
C TYR C 17 -6.07 -3.04 -2.49
N ILE C 18 -6.59 -4.22 -2.69
CA ILE C 18 -7.27 -4.52 -3.99
C ILE C 18 -8.78 -4.52 -3.83
N ARG C 19 -9.48 -4.06 -4.83
CA ARG C 19 -10.96 -4.03 -4.79
C ARG C 19 -11.50 -5.32 -5.38
N ASN C 20 -12.77 -5.40 -5.58
CA ASN C 20 -13.33 -6.65 -6.16
C ASN C 20 -13.15 -6.63 -7.68
N ASN C 21 -12.87 -5.48 -8.25
CA ASN C 21 -12.69 -5.41 -9.73
C ASN C 21 -11.26 -5.79 -10.12
N GLY C 22 -10.50 -6.35 -9.22
CA GLY C 22 -9.10 -6.74 -9.57
C GLY C 22 -8.26 -5.48 -9.77
N TYR C 23 -8.71 -4.36 -9.27
CA TYR C 23 -7.93 -3.10 -9.44
C TYR C 23 -7.24 -2.73 -8.13
N TYR C 24 -5.97 -2.39 -8.18
CA TYR C 24 -5.26 -2.01 -6.94
C TYR C 24 -5.36 -0.50 -6.73
N CYS C 25 -5.31 -0.04 -5.52
CA CYS C 25 -5.40 1.42 -5.28
C CYS C 25 -4.57 1.81 -4.05
N TYR C 26 -3.97 2.97 -4.08
CA TYR C 26 -3.13 3.39 -2.92
C TYR C 26 -3.94 4.31 -2.00
N ARG C 27 -4.11 3.92 -0.76
CA ARG C 27 -4.90 4.78 0.19
C ARG C 27 -4.00 5.81 0.86
N ASP C 28 -4.33 7.07 0.72
CA ASP C 28 -3.49 8.13 1.37
C ASP C 28 -3.87 8.27 2.85
N PRO C 29 -2.87 8.34 3.69
CA PRO C 29 -3.12 8.47 5.15
C PRO C 29 -3.61 9.88 5.50
N ARG C 30 -3.62 10.78 4.56
CA ARG C 30 -4.08 12.16 4.85
C ARG C 30 -5.61 12.22 4.73
N THR C 31 -6.18 11.39 3.91
CA THR C 31 -7.66 11.41 3.74
C THR C 31 -8.25 9.99 3.79
N GLY C 32 -7.52 9.00 3.37
CA GLY C 32 -8.06 7.61 3.40
C GLY C 32 -8.71 7.25 2.07
N LYS C 33 -8.72 8.14 1.11
CA LYS C 33 -9.33 7.80 -0.21
C LYS C 33 -8.32 7.01 -1.03
N GLU C 34 -8.64 6.61 -2.23
CA GLU C 34 -7.64 5.80 -2.99
C GLU C 34 -7.69 6.08 -4.49
N PHE C 35 -6.54 6.17 -5.10
CA PHE C 35 -6.49 6.42 -6.57
C PHE C 35 -6.13 5.11 -7.29
N GLY C 36 -6.74 4.86 -8.42
CA GLY C 36 -6.44 3.60 -9.17
C GLY C 36 -4.92 3.44 -9.32
N LEU C 37 -4.36 2.44 -8.69
CA LEU C 37 -2.89 2.21 -8.79
C LEU C 37 -2.59 1.23 -9.94
N GLY C 38 -3.38 1.25 -10.97
CA GLY C 38 -3.14 0.33 -12.12
C GLY C 38 -3.79 -1.03 -11.82
N ARG C 39 -4.03 -1.80 -12.85
CA ARG C 39 -4.65 -3.13 -12.64
C ARG C 39 -3.58 -4.20 -12.40
N ASP C 40 -2.33 -3.84 -12.50
CA ASP C 40 -1.25 -4.85 -12.28
C ASP C 40 -1.02 -5.04 -10.79
N ARG C 41 -0.89 -6.27 -10.38
CA ARG C 41 -0.69 -6.58 -8.93
C ARG C 41 0.77 -6.32 -8.52
N ARG C 42 1.70 -6.90 -9.23
CA ARG C 42 3.14 -6.69 -8.86
C ARG C 42 3.48 -5.21 -9.01
N ILE C 43 2.82 -4.55 -9.90
CA ILE C 43 3.07 -3.10 -10.12
C ILE C 43 2.51 -2.27 -8.96
N ALA C 44 1.22 -2.30 -8.75
CA ALA C 44 0.63 -1.51 -7.64
C ALA C 44 1.33 -1.86 -6.32
N ILE C 45 1.58 -3.11 -6.09
CA ILE C 45 2.28 -3.52 -4.84
C ILE C 45 3.68 -2.90 -4.80
N THR C 46 4.47 -3.15 -5.80
CA THR C 46 5.85 -2.58 -5.82
C THR C 46 5.78 -1.06 -5.65
N GLU C 47 4.84 -0.43 -6.29
CA GLU C 47 4.71 1.05 -6.18
C GLU C 47 4.45 1.46 -4.72
N ALA C 48 3.45 0.89 -4.10
CA ALA C 48 3.14 1.25 -2.69
C ALA C 48 4.34 0.95 -1.79
N ILE C 49 5.11 -0.06 -2.12
CA ILE C 49 6.29 -0.41 -1.28
C ILE C 49 7.26 0.76 -1.25
N GLN C 50 7.55 1.33 -2.39
CA GLN C 50 8.50 2.48 -2.42
C GLN C 50 7.94 3.63 -1.59
N ALA C 51 6.68 3.89 -1.73
CA ALA C 51 6.06 4.99 -0.94
C ALA C 51 6.24 4.70 0.56
N ASN C 52 6.09 3.46 0.93
CA ASN C 52 6.27 3.09 2.37
C ASN C 52 7.69 3.42 2.81
N ILE C 53 8.63 3.33 1.92
CA ILE C 53 10.04 3.65 2.29
C ILE C 53 10.10 5.12 2.69
N GLU C 54 9.52 5.97 1.90
CA GLU C 54 9.51 7.41 2.23
C GLU C 54 8.68 7.62 3.49
N LEU C 55 7.55 6.96 3.59
CA LEU C 55 6.69 7.11 4.80
C LEU C 55 7.45 6.70 6.06
N PHE C 56 8.23 5.65 5.98
CA PHE C 56 8.99 5.19 7.17
C PHE C 56 10.46 5.63 7.09
N SER C 57 10.80 6.44 6.11
CA SER C 57 12.21 6.90 5.97
C SER C 57 12.80 7.30 7.34
N GLY C 58 11.97 7.74 8.25
CA GLY C 58 12.50 8.14 9.58
C GLY C 58 13.09 6.91 10.28
N HIS C 59 14.32 6.59 9.98
CA HIS C 59 14.96 5.41 10.63
C HIS C 59 16.43 5.70 10.93
N LYS C 60 17.03 4.91 11.78
CA LYS C 60 18.47 5.14 12.12
C LYS C 60 19.32 3.97 11.64
N HIS C 61 20.29 4.23 10.81
CA HIS C 61 21.18 3.14 10.31
C HIS C 61 22.61 3.62 10.31
N LYS C 62 23.00 4.31 11.35
CA LYS C 62 24.39 4.84 11.42
C LYS C 62 24.53 5.76 12.65
N PRO C 63 23.65 6.73 12.75
CA PRO C 63 23.71 7.67 13.90
C PRO C 63 23.05 7.05 15.13
N LEU C 64 23.72 7.04 16.24
CA LEU C 64 23.12 6.44 17.47
C LEU C 64 22.98 7.52 18.56
N MET C 1 -9.49 -4.08 14.63
CA MET C 1 -10.23 -3.11 13.78
C MET C 1 -11.30 -3.85 12.96
N GLY C 2 -11.72 -3.29 11.85
CA GLY C 2 -12.77 -3.97 11.03
C GLY C 2 -12.09 -5.01 10.13
N ARG C 3 -11.07 -4.62 9.42
CA ARG C 3 -10.36 -5.58 8.54
C ARG C 3 -8.86 -5.57 8.90
N ARG C 4 -8.45 -6.46 9.76
CA ARG C 4 -7.02 -6.50 10.18
C ARG C 4 -6.15 -7.16 9.11
N ARG C 5 -6.38 -8.42 8.83
CA ARG C 5 -5.54 -9.10 7.80
C ARG C 5 -6.42 -9.89 6.83
N SER C 6 -6.26 -9.66 5.55
CA SER C 6 -7.06 -10.41 4.54
C SER C 6 -6.15 -11.31 3.71
N HIS C 7 -6.71 -12.25 3.00
CA HIS C 7 -5.86 -13.14 2.17
C HIS C 7 -5.15 -12.35 1.08
N GLU C 8 -5.83 -11.44 0.44
CA GLU C 8 -5.19 -10.64 -0.65
C GLU C 8 -4.17 -9.67 -0.04
N ARG C 9 -4.54 -9.02 1.03
CA ARG C 9 -3.60 -8.08 1.67
C ARG C 9 -2.35 -8.82 2.15
N ARG C 10 -2.40 -10.12 2.20
CA ARG C 10 -1.20 -10.89 2.65
C ARG C 10 -0.08 -10.73 1.62
N ASP C 11 -0.41 -10.46 0.40
CA ASP C 11 0.63 -10.30 -0.65
C ASP C 11 0.77 -8.81 -1.04
N LEU C 12 -0.05 -7.95 -0.52
CA LEU C 12 0.05 -6.52 -0.88
C LEU C 12 0.87 -5.75 0.16
N PRO C 13 1.45 -4.67 -0.28
CA PRO C 13 2.25 -3.81 0.62
C PRO C 13 1.32 -2.93 1.42
N PRO C 14 1.87 -2.19 2.33
CA PRO C 14 1.05 -1.27 3.14
C PRO C 14 0.60 -0.09 2.26
N ASN C 15 -0.57 0.44 2.49
CA ASN C 15 -1.09 1.57 1.66
C ASN C 15 -1.44 1.08 0.24
N LEU C 16 -1.72 -0.19 0.09
CA LEU C 16 -2.09 -0.73 -1.26
C LEU C 16 -3.11 -1.86 -1.10
N TYR C 17 -4.25 -1.71 -1.70
CA TYR C 17 -5.29 -2.78 -1.57
C TYR C 17 -5.90 -3.09 -2.93
N ILE C 18 -6.49 -4.25 -3.08
CA ILE C 18 -7.11 -4.61 -4.39
C ILE C 18 -8.64 -4.52 -4.28
N ARG C 19 -9.27 -4.04 -5.31
CA ARG C 19 -10.75 -3.93 -5.28
C ARG C 19 -11.35 -5.21 -5.83
N ASN C 20 -12.63 -5.24 -6.03
CA ASN C 20 -13.23 -6.47 -6.56
C ASN C 20 -13.04 -6.52 -8.08
N ASN C 21 -12.71 -5.40 -8.68
CA ASN C 21 -12.49 -5.37 -10.15
C ASN C 21 -11.06 -5.79 -10.50
N GLY C 22 -10.36 -6.40 -9.58
CA GLY C 22 -8.96 -6.81 -9.88
C GLY C 22 -8.07 -5.57 -10.03
N TYR C 23 -8.55 -4.43 -9.60
CA TYR C 23 -7.75 -3.18 -9.73
C TYR C 23 -7.14 -2.80 -8.38
N TYR C 24 -5.87 -2.48 -8.35
CA TYR C 24 -5.23 -2.11 -7.05
C TYR C 24 -5.37 -0.60 -6.81
N CYS C 25 -5.23 -0.17 -5.60
CA CYS C 25 -5.35 1.29 -5.31
C CYS C 25 -4.42 1.68 -4.15
N TYR C 26 -3.95 2.90 -4.14
CA TYR C 26 -3.05 3.33 -3.03
C TYR C 26 -3.82 4.17 -2.01
N ARG C 27 -3.97 3.67 -0.82
CA ARG C 27 -4.71 4.43 0.23
C ARG C 27 -3.77 5.37 0.97
N ASP C 28 -4.05 6.65 0.97
CA ASP C 28 -3.17 7.61 1.68
C ASP C 28 -3.45 7.57 3.19
N PRO C 29 -2.41 7.60 3.98
CA PRO C 29 -2.57 7.56 5.45
C PRO C 29 -3.05 8.91 5.98
N ARG C 30 -3.12 9.91 5.14
CA ARG C 30 -3.57 11.25 5.59
C ARG C 30 -5.09 11.32 5.57
N THR C 31 -5.71 10.59 4.68
CA THR C 31 -7.20 10.65 4.62
C THR C 31 -7.81 9.24 4.50
N GLY C 32 -7.11 8.31 3.92
CA GLY C 32 -7.67 6.94 3.79
C GLY C 32 -8.39 6.78 2.44
N LYS C 33 -8.37 7.80 1.61
CA LYS C 33 -9.03 7.70 0.28
C LYS C 33 -8.09 6.98 -0.68
N GLU C 34 -8.45 6.77 -1.93
CA GLU C 34 -7.51 6.00 -2.79
C GLU C 34 -7.53 6.46 -4.24
N PHE C 35 -6.60 5.94 -5.00
CA PHE C 35 -6.50 6.29 -6.44
C PHE C 35 -6.14 5.03 -7.23
N GLY C 36 -6.79 4.82 -8.35
CA GLY C 36 -6.50 3.61 -9.16
C GLY C 36 -4.99 3.53 -9.45
N LEU C 37 -4.34 2.50 -9.00
CA LEU C 37 -2.88 2.36 -9.26
C LEU C 37 -2.66 1.63 -10.58
N GLY C 38 -2.88 0.34 -10.60
CA GLY C 38 -2.69 -0.42 -11.87
C GLY C 38 -3.43 -1.75 -11.76
N ARG C 39 -3.75 -2.35 -12.87
CA ARG C 39 -4.46 -3.65 -12.83
C ARG C 39 -3.44 -4.79 -12.69
N ASP C 40 -2.19 -4.50 -12.87
CA ASP C 40 -1.15 -5.56 -12.73
C ASP C 40 -0.83 -5.75 -11.24
N ARG C 41 -0.49 -6.94 -10.87
CA ARG C 41 -0.19 -7.23 -9.43
C ARG C 41 1.19 -6.74 -9.05
N ARG C 42 2.19 -7.12 -9.80
CA ARG C 42 3.57 -6.68 -9.48
C ARG C 42 3.71 -5.17 -9.68
N ILE C 43 2.88 -4.62 -10.53
CA ILE C 43 2.94 -3.15 -10.81
C ILE C 43 2.35 -2.33 -9.66
N ALA C 44 1.09 -2.48 -9.39
CA ALA C 44 0.45 -1.67 -8.30
C ALA C 44 1.18 -1.90 -6.98
N ILE C 45 1.42 -3.14 -6.63
CA ILE C 45 2.12 -3.42 -5.34
C ILE C 45 3.52 -2.80 -5.34
N THR C 46 4.22 -2.93 -6.44
CA THR C 46 5.60 -2.36 -6.52
C THR C 46 5.57 -0.86 -6.20
N GLU C 47 4.62 -0.16 -6.75
CA GLU C 47 4.53 1.31 -6.49
C GLU C 47 4.35 1.59 -4.99
N ALA C 48 3.42 0.93 -4.37
CA ALA C 48 3.19 1.17 -2.92
C ALA C 48 4.45 0.84 -2.11
N ILE C 49 5.19 -0.15 -2.53
CA ILE C 49 6.42 -0.53 -1.77
C ILE C 49 7.41 0.65 -1.79
N GLN C 50 7.58 1.29 -2.91
CA GLN C 50 8.52 2.44 -2.99
C GLN C 50 8.10 3.55 -2.03
N ALA C 51 6.87 3.97 -2.12
CA ALA C 51 6.40 5.05 -1.22
C ALA C 51 6.63 4.63 0.23
N ASN C 52 6.40 3.38 0.52
CA ASN C 52 6.62 2.89 1.91
C ASN C 52 8.08 3.07 2.30
N ILE C 53 8.99 3.00 1.35
CA ILE C 53 10.42 3.19 1.70
C ILE C 53 10.59 4.61 2.21
N GLU C 54 10.07 5.56 1.51
CA GLU C 54 10.16 6.97 1.97
C GLU C 54 9.37 7.14 3.26
N LEU C 55 8.17 6.61 3.30
CA LEU C 55 7.33 6.72 4.54
C LEU C 55 8.07 6.10 5.73
N PHE C 56 8.91 5.13 5.49
CA PHE C 56 9.65 4.48 6.61
C PHE C 56 11.10 4.98 6.68
N SER C 57 11.45 5.97 5.88
CA SER C 57 12.85 6.48 5.89
C SER C 57 13.39 6.63 7.33
N GLY C 58 12.53 6.88 8.28
CA GLY C 58 13.00 7.04 9.68
C GLY C 58 12.97 5.67 10.37
N HIS C 59 14.06 5.26 10.96
CA HIS C 59 14.08 3.94 11.65
C HIS C 59 15.35 3.78 12.48
N LYS C 60 15.78 2.56 12.69
CA LYS C 60 17.00 2.31 13.49
C LYS C 60 18.14 3.23 13.06
N HIS C 61 18.67 4.01 13.96
CA HIS C 61 19.79 4.92 13.60
C HIS C 61 21.10 4.34 14.15
N LYS C 62 21.02 3.68 15.27
CA LYS C 62 22.26 3.08 15.87
C LYS C 62 21.88 2.15 17.04
N PRO C 63 20.98 1.24 16.76
CA PRO C 63 20.55 0.28 17.81
C PRO C 63 21.68 -0.70 18.15
N LEU C 64 21.44 -1.63 19.03
CA LEU C 64 22.50 -2.61 19.40
C LEU C 64 22.91 -3.42 18.18
N MET C 1 -10.20 -3.93 15.19
CA MET C 1 -10.71 -3.08 14.07
C MET C 1 -11.48 -3.95 13.07
N GLY C 2 -11.61 -3.52 11.85
CA GLY C 2 -12.36 -4.34 10.86
C GLY C 2 -11.43 -5.41 10.27
N ARG C 3 -11.36 -5.50 8.98
CA ARG C 3 -10.48 -6.52 8.34
C ARG C 3 -9.02 -6.30 8.77
N ARG C 4 -8.50 -7.17 9.59
CA ARG C 4 -7.09 -7.01 10.05
C ARG C 4 -6.11 -7.59 9.03
N ARG C 5 -6.19 -8.87 8.77
CA ARG C 5 -5.26 -9.49 7.78
C ARG C 5 -6.04 -10.20 6.68
N SER C 6 -5.48 -10.30 5.50
CA SER C 6 -6.18 -10.98 4.39
C SER C 6 -5.21 -11.89 3.63
N HIS C 7 -5.70 -12.70 2.74
CA HIS C 7 -4.80 -13.61 1.97
C HIS C 7 -4.03 -12.80 0.92
N GLU C 8 -4.67 -11.90 0.25
CA GLU C 8 -3.95 -11.09 -0.78
C GLU C 8 -3.02 -10.10 -0.09
N ARG C 9 -3.45 -9.58 1.03
CA ARG C 9 -2.59 -8.63 1.78
C ARG C 9 -1.33 -9.34 2.29
N ARG C 10 -1.32 -10.65 2.25
CA ARG C 10 -0.14 -11.39 2.73
C ARG C 10 1.10 -11.06 1.88
N ASP C 11 0.87 -10.73 0.63
CA ASP C 11 2.02 -10.40 -0.27
C ASP C 11 1.99 -8.90 -0.59
N LEU C 12 0.82 -8.34 -0.73
CA LEU C 12 0.72 -6.89 -1.04
C LEU C 12 1.31 -6.07 0.09
N PRO C 13 1.97 -5.00 -0.27
CA PRO C 13 2.59 -4.11 0.75
C PRO C 13 1.50 -3.28 1.40
N PRO C 14 1.88 -2.52 2.38
CA PRO C 14 0.90 -1.64 3.05
C PRO C 14 0.59 -0.47 2.12
N ASN C 15 -0.44 0.28 2.42
CA ASN C 15 -0.80 1.46 1.59
C ASN C 15 -1.28 1.01 0.19
N LEU C 16 -1.61 -0.25 0.03
CA LEU C 16 -2.09 -0.72 -1.31
C LEU C 16 -3.11 -1.85 -1.13
N TYR C 17 -4.27 -1.70 -1.70
CA TYR C 17 -5.32 -2.75 -1.57
C TYR C 17 -5.96 -3.03 -2.93
N ILE C 18 -6.58 -4.17 -3.09
CA ILE C 18 -7.20 -4.49 -4.41
C ILE C 18 -8.73 -4.38 -4.33
N ARG C 19 -9.35 -3.94 -5.38
CA ARG C 19 -10.82 -3.81 -5.41
C ARG C 19 -11.42 -5.12 -5.88
N ASN C 20 -12.69 -5.15 -6.12
CA ASN C 20 -13.31 -6.41 -6.59
C ASN C 20 -13.11 -6.54 -8.11
N ASN C 21 -12.83 -5.44 -8.78
CA ASN C 21 -12.62 -5.50 -10.25
C ASN C 21 -11.18 -5.90 -10.59
N GLY C 22 -10.45 -6.41 -9.65
CA GLY C 22 -9.04 -6.81 -9.93
C GLY C 22 -8.16 -5.56 -10.08
N TYR C 23 -8.64 -4.43 -9.64
CA TYR C 23 -7.83 -3.18 -9.76
C TYR C 23 -7.14 -2.86 -8.44
N TYR C 24 -5.87 -2.52 -8.48
CA TYR C 24 -5.16 -2.20 -7.21
C TYR C 24 -5.30 -0.70 -6.92
N CYS C 25 -5.19 -0.30 -5.68
CA CYS C 25 -5.34 1.14 -5.35
C CYS C 25 -4.45 1.50 -4.16
N TYR C 26 -3.90 2.68 -4.16
CA TYR C 26 -3.03 3.09 -3.04
C TYR C 26 -3.78 4.05 -2.11
N ARG C 27 -3.83 3.74 -0.84
CA ARG C 27 -4.56 4.63 0.12
C ARG C 27 -3.62 5.73 0.61
N ASP C 28 -3.96 6.97 0.37
CA ASP C 28 -3.07 8.07 0.84
C ASP C 28 -3.26 8.30 2.34
N PRO C 29 -2.17 8.51 3.02
CA PRO C 29 -2.23 8.74 4.49
C PRO C 29 -2.77 10.14 4.81
N ARG C 30 -2.86 10.99 3.82
CA ARG C 30 -3.37 12.35 4.06
C ARG C 30 -4.90 12.33 4.04
N THR C 31 -5.46 11.73 3.03
CA THR C 31 -6.95 11.66 2.94
C THR C 31 -7.44 10.25 3.27
N GLY C 32 -6.70 9.24 2.89
CA GLY C 32 -7.13 7.85 3.17
C GLY C 32 -7.99 7.32 2.01
N LYS C 33 -8.20 8.09 0.98
CA LYS C 33 -9.02 7.60 -0.15
C LYS C 33 -8.19 6.72 -1.08
N GLU C 34 -8.78 6.19 -2.12
CA GLU C 34 -8.02 5.27 -3.02
C GLU C 34 -7.62 5.93 -4.33
N PHE C 35 -6.72 5.29 -5.04
CA PHE C 35 -6.27 5.83 -6.36
C PHE C 35 -5.92 4.66 -7.29
N GLY C 36 -6.52 4.58 -8.45
CA GLY C 36 -6.22 3.46 -9.39
C GLY C 36 -4.70 3.26 -9.51
N LEU C 37 -4.18 2.24 -8.88
CA LEU C 37 -2.72 1.97 -8.96
C LEU C 37 -2.40 1.00 -10.10
N GLY C 38 -3.16 1.04 -11.16
CA GLY C 38 -2.91 0.12 -12.30
C GLY C 38 -3.58 -1.22 -12.04
N ARG C 39 -3.87 -1.96 -13.08
CA ARG C 39 -4.53 -3.28 -12.90
C ARG C 39 -3.49 -4.39 -12.78
N ASP C 40 -2.22 -4.08 -12.90
CA ASP C 40 -1.18 -5.14 -12.78
C ASP C 40 -0.89 -5.43 -11.31
N ARG C 41 -0.68 -6.67 -10.99
CA ARG C 41 -0.41 -7.07 -9.59
C ARG C 41 1.03 -6.76 -9.21
N ARG C 42 1.97 -7.21 -9.99
CA ARG C 42 3.40 -6.94 -9.66
C ARG C 42 3.65 -5.44 -9.73
N ILE C 43 2.92 -4.76 -10.55
CA ILE C 43 3.10 -3.29 -10.68
C ILE C 43 2.57 -2.54 -9.46
N ALA C 44 1.30 -2.62 -9.20
CA ALA C 44 0.73 -1.90 -8.02
C ALA C 44 1.48 -2.27 -6.74
N ILE C 45 1.79 -3.54 -6.58
CA ILE C 45 2.53 -3.96 -5.35
C ILE C 45 3.91 -3.32 -5.33
N THR C 46 4.67 -3.51 -6.37
CA THR C 46 6.05 -2.92 -6.41
C THR C 46 5.97 -1.40 -6.18
N GLU C 47 5.00 -0.77 -6.77
CA GLU C 47 4.87 0.71 -6.60
C GLU C 47 4.67 1.06 -5.12
N ALA C 48 3.71 0.44 -4.50
CA ALA C 48 3.44 0.73 -3.06
C ALA C 48 4.66 0.38 -2.20
N ILE C 49 5.41 -0.63 -2.58
CA ILE C 49 6.59 -1.01 -1.79
C ILE C 49 7.62 0.12 -1.76
N GLN C 50 8.00 0.61 -2.91
CA GLN C 50 9.00 1.72 -2.95
C GLN C 50 8.49 2.93 -2.19
N ALA C 51 7.24 3.26 -2.36
CA ALA C 51 6.68 4.43 -1.64
C ALA C 51 6.80 4.19 -0.13
N ASN C 52 6.55 2.99 0.30
CA ASN C 52 6.67 2.68 1.76
C ASN C 52 8.10 2.92 2.22
N ILE C 53 9.07 2.72 1.36
CA ILE C 53 10.47 2.96 1.77
C ILE C 53 10.66 4.44 2.08
N GLU C 54 10.23 5.29 1.18
CA GLU C 54 10.34 6.75 1.43
C GLU C 54 9.45 7.12 2.61
N LEU C 55 8.25 6.59 2.63
CA LEU C 55 7.31 6.91 3.76
C LEU C 55 7.96 6.52 5.09
N PHE C 56 8.81 5.53 5.08
CA PHE C 56 9.48 5.10 6.35
C PHE C 56 10.92 5.63 6.41
N SER C 57 11.32 6.44 5.47
CA SER C 57 12.72 6.97 5.47
C SER C 57 13.13 7.42 6.86
N GLY C 58 12.29 8.12 7.56
CA GLY C 58 12.64 8.59 8.93
C GLY C 58 13.72 9.66 8.84
N HIS C 59 14.94 9.33 9.19
CA HIS C 59 16.04 10.34 9.13
C HIS C 59 17.40 9.65 9.26
N LYS C 60 17.66 9.05 10.38
CA LYS C 60 18.98 8.37 10.56
C LYS C 60 19.03 7.05 9.77
N HIS C 61 19.98 6.93 8.89
CA HIS C 61 20.11 5.69 8.10
C HIS C 61 21.51 5.10 8.31
N LYS C 62 21.90 4.99 9.56
CA LYS C 62 23.25 4.44 9.86
C LYS C 62 24.34 5.41 9.36
N PRO C 63 24.21 6.66 9.74
CA PRO C 63 25.19 7.68 9.33
C PRO C 63 26.53 7.46 10.05
N LEU C 64 27.59 7.30 9.32
CA LEU C 64 28.92 7.09 9.97
C LEU C 64 29.53 8.43 10.37
N MET C 1 -10.05 -4.00 13.72
CA MET C 1 -10.50 -2.84 12.90
C MET C 1 -11.06 -3.33 11.55
N GLY C 2 -12.34 -3.18 11.34
CA GLY C 2 -12.97 -3.63 10.07
C GLY C 2 -12.52 -5.05 9.75
N ARG C 3 -11.83 -5.22 8.66
CA ARG C 3 -11.34 -6.59 8.28
C ARG C 3 -9.90 -6.76 8.75
N ARG C 4 -9.54 -7.92 9.23
CA ARG C 4 -8.14 -8.11 9.72
C ARG C 4 -7.19 -8.39 8.55
N ARG C 5 -7.34 -9.52 7.91
CA ARG C 5 -6.42 -9.84 6.77
C ARG C 5 -7.17 -10.56 5.64
N SER C 6 -6.60 -10.61 4.47
CA SER C 6 -7.26 -11.32 3.33
C SER C 6 -6.21 -12.12 2.57
N HIS C 7 -6.57 -12.72 1.47
CA HIS C 7 -5.58 -13.51 0.70
C HIS C 7 -4.73 -12.58 -0.18
N GLU C 8 -5.37 -11.69 -0.91
CA GLU C 8 -4.58 -10.77 -1.77
C GLU C 8 -3.87 -9.74 -0.90
N ARG C 9 -4.51 -9.30 0.14
CA ARG C 9 -3.87 -8.31 1.04
C ARG C 9 -2.68 -8.96 1.76
N ARG C 10 -2.53 -10.25 1.67
CA ARG C 10 -1.39 -10.92 2.35
C ARG C 10 -0.12 -10.73 1.53
N ASP C 11 -0.27 -10.65 0.23
CA ASP C 11 0.92 -10.47 -0.65
C ASP C 11 1.10 -8.99 -1.03
N LEU C 12 0.19 -8.13 -0.63
CA LEU C 12 0.33 -6.69 -0.98
C LEU C 12 1.11 -5.94 0.10
N PRO C 13 1.73 -4.87 -0.33
CA PRO C 13 2.52 -4.02 0.59
C PRO C 13 1.56 -3.16 1.41
N PRO C 14 2.10 -2.41 2.32
CA PRO C 14 1.25 -1.51 3.14
C PRO C 14 0.73 -0.38 2.26
N ASN C 15 -0.49 0.05 2.49
CA ASN C 15 -1.10 1.15 1.68
C ASN C 15 -1.41 0.67 0.25
N LEU C 16 -1.64 -0.60 0.08
CA LEU C 16 -1.98 -1.13 -1.28
C LEU C 16 -2.95 -2.31 -1.14
N TYR C 17 -4.13 -2.18 -1.69
CA TYR C 17 -5.12 -3.28 -1.58
C TYR C 17 -5.77 -3.54 -2.95
N ILE C 18 -6.33 -4.70 -3.14
CA ILE C 18 -6.96 -5.01 -4.46
C ILE C 18 -8.49 -4.98 -4.35
N ARG C 19 -9.14 -4.50 -5.38
CA ARG C 19 -10.62 -4.45 -5.38
C ARG C 19 -11.17 -5.72 -5.99
N ASN C 20 -12.43 -5.77 -6.24
CA ASN C 20 -13.00 -7.00 -6.82
C ASN C 20 -12.76 -7.04 -8.34
N ASN C 21 -12.46 -5.92 -8.93
CA ASN C 21 -12.21 -5.90 -10.40
C ASN C 21 -10.76 -6.29 -10.73
N GLY C 22 -10.05 -6.86 -9.79
CA GLY C 22 -8.64 -7.24 -10.06
C GLY C 22 -7.80 -5.98 -10.26
N TYR C 23 -8.26 -4.87 -9.76
CA TYR C 23 -7.49 -3.60 -9.91
C TYR C 23 -6.79 -3.25 -8.59
N TYR C 24 -5.50 -3.08 -8.60
CA TYR C 24 -4.77 -2.73 -7.36
C TYR C 24 -4.77 -1.21 -7.19
N CYS C 25 -4.87 -0.73 -5.99
CA CYS C 25 -4.89 0.75 -5.77
C CYS C 25 -4.15 1.10 -4.49
N TYR C 26 -3.61 2.29 -4.39
CA TYR C 26 -2.89 2.68 -3.16
C TYR C 26 -3.82 3.50 -2.26
N ARG C 27 -4.00 3.09 -1.04
CA ARG C 27 -4.91 3.83 -0.12
C ARG C 27 -4.16 4.98 0.58
N ASP C 28 -4.65 6.17 0.45
CA ASP C 28 -3.96 7.32 1.11
C ASP C 28 -4.29 7.34 2.62
N PRO C 29 -3.26 7.49 3.42
CA PRO C 29 -3.44 7.52 4.89
C PRO C 29 -4.03 8.86 5.34
N ARG C 30 -4.24 9.78 4.44
CA ARG C 30 -4.80 11.10 4.82
C ARG C 30 -6.30 10.98 5.02
N THR C 31 -7.00 10.38 4.09
CA THR C 31 -8.47 10.25 4.25
C THR C 31 -8.97 8.85 3.91
N GLY C 32 -8.12 7.98 3.43
CA GLY C 32 -8.55 6.60 3.09
C GLY C 32 -9.07 6.54 1.65
N LYS C 33 -8.77 7.52 0.85
CA LYS C 33 -9.23 7.49 -0.56
C LYS C 33 -8.33 6.54 -1.35
N GLU C 34 -8.59 6.35 -2.62
CA GLU C 34 -7.72 5.37 -3.35
C GLU C 34 -7.27 5.89 -4.72
N PHE C 35 -6.31 5.23 -5.30
CA PHE C 35 -5.78 5.65 -6.63
C PHE C 35 -5.48 4.41 -7.49
N GLY C 36 -6.25 4.18 -8.52
CA GLY C 36 -6.00 2.98 -9.38
C GLY C 36 -4.53 2.93 -9.79
N LEU C 37 -3.82 1.93 -9.36
CA LEU C 37 -2.38 1.81 -9.73
C LEU C 37 -2.27 1.05 -11.06
N GLY C 38 -2.45 -0.24 -11.01
CA GLY C 38 -2.36 -1.05 -12.24
C GLY C 38 -3.06 -2.39 -12.02
N ARG C 39 -3.42 -3.08 -13.07
CA ARG C 39 -4.10 -4.38 -12.90
C ARG C 39 -3.05 -5.49 -12.69
N ASP C 40 -1.79 -5.17 -12.81
CA ASP C 40 -0.73 -6.19 -12.60
C ASP C 40 -0.45 -6.33 -11.11
N ARG C 41 -0.07 -7.50 -10.69
CA ARG C 41 0.20 -7.76 -9.25
C ARG C 41 1.58 -7.23 -8.86
N ARG C 42 2.59 -7.63 -9.57
CA ARG C 42 3.97 -7.17 -9.24
C ARG C 42 4.11 -5.69 -9.52
N ILE C 43 3.36 -5.19 -10.45
CA ILE C 43 3.44 -3.74 -10.81
C ILE C 43 2.81 -2.86 -9.73
N ALA C 44 1.53 -2.98 -9.50
CA ALA C 44 0.86 -2.14 -8.47
C ALA C 44 1.57 -2.27 -7.13
N ILE C 45 1.86 -3.48 -6.73
CA ILE C 45 2.55 -3.68 -5.42
C ILE C 45 3.92 -2.99 -5.45
N THR C 46 4.71 -3.26 -6.45
CA THR C 46 6.06 -2.63 -6.54
C THR C 46 5.94 -1.12 -6.37
N GLU C 47 4.96 -0.52 -7.00
CA GLU C 47 4.79 0.95 -6.87
C GLU C 47 4.53 1.34 -5.41
N ALA C 48 3.65 0.63 -4.75
CA ALA C 48 3.34 0.96 -3.33
C ALA C 48 4.60 0.80 -2.47
N ILE C 49 5.44 -0.15 -2.79
CA ILE C 49 6.68 -0.34 -1.98
C ILE C 49 7.54 0.92 -2.07
N GLN C 50 7.70 1.46 -3.24
CA GLN C 50 8.51 2.70 -3.36
C GLN C 50 7.88 3.81 -2.53
N ALA C 51 6.59 3.94 -2.61
CA ALA C 51 5.89 4.97 -1.81
C ALA C 51 6.14 4.72 -0.32
N ASN C 52 6.17 3.48 0.07
CA ASN C 52 6.43 3.17 1.50
C ASN C 52 7.82 3.69 1.89
N ILE C 53 8.74 3.70 0.97
CA ILE C 53 10.09 4.22 1.30
C ILE C 53 9.98 5.69 1.66
N GLU C 54 9.34 6.46 0.82
CA GLU C 54 9.16 7.90 1.12
C GLU C 54 8.27 8.05 2.36
N LEU C 55 7.24 7.26 2.45
CA LEU C 55 6.32 7.33 3.63
C LEU C 55 7.11 7.12 4.92
N PHE C 56 8.15 6.34 4.85
CA PHE C 56 8.97 6.09 6.07
C PHE C 56 10.07 7.15 6.22
N SER C 57 10.06 8.16 5.39
CA SER C 57 11.10 9.23 5.47
C SER C 57 11.35 9.64 6.92
N GLY C 58 10.36 9.50 7.78
CA GLY C 58 10.55 9.89 9.20
C GLY C 58 11.04 8.68 10.00
N HIS C 59 12.32 8.62 10.29
CA HIS C 59 12.85 7.46 11.06
C HIS C 59 13.47 7.93 12.37
N LYS C 60 13.01 7.41 13.48
CA LYS C 60 13.59 7.83 14.80
C LYS C 60 14.71 6.89 15.21
N HIS C 61 15.88 7.42 15.42
CA HIS C 61 17.03 6.57 15.84
C HIS C 61 17.79 7.26 16.98
N LYS C 62 17.98 8.54 16.87
CA LYS C 62 18.70 9.28 17.95
C LYS C 62 17.75 9.58 19.12
N PRO C 63 16.59 10.10 18.82
CA PRO C 63 15.62 10.44 19.88
C PRO C 63 14.90 9.17 20.36
N LEU C 64 14.60 9.10 21.63
CA LEU C 64 13.88 7.90 22.17
C LEU C 64 12.40 7.95 21.80
N MET C 1 -9.49 -3.79 13.56
CA MET C 1 -10.07 -2.69 12.73
C MET C 1 -10.60 -3.26 11.40
N GLY C 2 -11.89 -3.18 11.18
CA GLY C 2 -12.47 -3.71 9.92
C GLY C 2 -11.95 -5.11 9.63
N ARG C 3 -11.35 -5.28 8.49
CA ARG C 3 -10.80 -6.61 8.12
C ARG C 3 -9.40 -6.80 8.74
N ARG C 4 -9.24 -7.79 9.58
CA ARG C 4 -7.92 -8.02 10.23
C ARG C 4 -6.86 -8.42 9.21
N ARG C 5 -7.02 -9.55 8.58
CA ARG C 5 -5.99 -9.99 7.58
C ARG C 5 -6.65 -10.65 6.37
N SER C 6 -5.95 -10.68 5.26
CA SER C 6 -6.52 -11.32 4.04
C SER C 6 -5.42 -12.11 3.32
N HIS C 7 -5.75 -13.27 2.81
CA HIS C 7 -4.73 -14.09 2.10
C HIS C 7 -3.95 -13.24 1.09
N GLU C 8 -4.62 -12.37 0.38
CA GLU C 8 -3.91 -11.52 -0.62
C GLU C 8 -3.09 -10.45 0.11
N ARG C 9 -3.64 -9.92 1.17
CA ARG C 9 -2.90 -8.89 1.93
C ARG C 9 -1.64 -9.51 2.56
N ARG C 10 -1.55 -10.82 2.58
CA ARG C 10 -0.35 -11.46 3.19
C ARG C 10 0.88 -11.22 2.31
N ASP C 11 0.68 -11.00 1.05
CA ASP C 11 1.83 -10.76 0.14
C ASP C 11 1.87 -9.31 -0.36
N LEU C 12 0.87 -8.53 -0.02
CA LEU C 12 0.85 -7.10 -0.48
C LEU C 12 1.44 -6.19 0.60
N PRO C 13 2.03 -5.11 0.15
CA PRO C 13 2.62 -4.12 1.08
C PRO C 13 1.51 -3.27 1.69
N PRO C 14 1.88 -2.41 2.59
CA PRO C 14 0.89 -1.50 3.21
C PRO C 14 0.44 -0.45 2.20
N ASN C 15 -0.78 0.00 2.30
CA ASN C 15 -1.33 1.03 1.37
C ASN C 15 -1.59 0.43 -0.02
N LEU C 16 -1.88 -0.84 -0.09
CA LEU C 16 -2.16 -1.47 -1.41
C LEU C 16 -3.20 -2.59 -1.23
N TYR C 17 -4.35 -2.44 -1.81
CA TYR C 17 -5.42 -3.47 -1.67
C TYR C 17 -6.03 -3.79 -3.03
N ILE C 18 -6.68 -4.92 -3.16
CA ILE C 18 -7.30 -5.27 -4.47
C ILE C 18 -8.81 -5.08 -4.41
N ARG C 19 -9.38 -4.59 -5.48
CA ARG C 19 -10.86 -4.38 -5.51
C ARG C 19 -11.52 -5.65 -6.02
N ASN C 20 -12.79 -5.59 -6.29
CA ASN C 20 -13.47 -6.81 -6.80
C ASN C 20 -13.21 -6.96 -8.29
N ASN C 21 -12.90 -5.87 -8.96
CA ASN C 21 -12.64 -5.94 -10.43
C ASN C 21 -11.18 -6.33 -10.71
N GLY C 22 -10.48 -6.85 -9.75
CA GLY C 22 -9.06 -7.24 -9.98
C GLY C 22 -8.21 -5.98 -10.15
N TYR C 23 -8.70 -4.85 -9.71
CA TYR C 23 -7.93 -3.59 -9.83
C TYR C 23 -7.28 -3.23 -8.48
N TYR C 24 -5.98 -3.04 -8.45
CA TYR C 24 -5.32 -2.69 -7.18
C TYR C 24 -5.38 -1.17 -6.98
N CYS C 25 -5.26 -0.71 -5.78
CA CYS C 25 -5.32 0.76 -5.53
C CYS C 25 -4.42 1.14 -4.36
N TYR C 26 -3.97 2.36 -4.30
CA TYR C 26 -3.11 2.78 -3.17
C TYR C 26 -3.95 3.47 -2.10
N ARG C 27 -3.75 3.14 -0.85
CA ARG C 27 -4.56 3.76 0.23
C ARG C 27 -3.91 5.07 0.67
N ASP C 28 -4.64 6.16 0.61
CA ASP C 28 -4.08 7.47 1.03
C ASP C 28 -4.10 7.60 2.56
N PRO C 29 -2.99 8.00 3.12
CA PRO C 29 -2.89 8.17 4.59
C PRO C 29 -3.64 9.42 5.05
N ARG C 30 -4.14 10.21 4.13
CA ARG C 30 -4.86 11.45 4.52
C ARG C 30 -6.29 11.10 4.93
N THR C 31 -6.95 10.28 4.16
CA THR C 31 -8.36 9.92 4.52
C THR C 31 -8.67 8.45 4.20
N GLY C 32 -7.70 7.68 3.80
CA GLY C 32 -7.98 6.26 3.48
C GLY C 32 -8.63 6.14 2.09
N LYS C 33 -8.57 7.18 1.31
CA LYS C 33 -9.18 7.13 -0.05
C LYS C 33 -8.23 6.40 -1.00
N GLU C 34 -8.55 6.24 -2.26
CA GLU C 34 -7.61 5.45 -3.11
C GLU C 34 -7.45 5.98 -4.53
N PHE C 35 -6.58 5.35 -5.26
CA PHE C 35 -6.32 5.75 -6.68
C PHE C 35 -6.02 4.48 -7.51
N GLY C 36 -6.63 4.36 -8.66
CA GLY C 36 -6.40 3.16 -9.50
C GLY C 36 -4.89 2.92 -9.69
N LEU C 37 -4.36 1.89 -9.08
CA LEU C 37 -2.90 1.60 -9.24
C LEU C 37 -2.68 0.62 -10.40
N GLY C 38 -3.62 0.54 -11.30
CA GLY C 38 -3.47 -0.41 -12.44
C GLY C 38 -3.93 -1.80 -12.01
N ARG C 39 -4.19 -2.67 -12.95
CA ARG C 39 -4.66 -4.03 -12.57
C ARG C 39 -3.46 -4.98 -12.39
N ASP C 40 -2.26 -4.45 -12.42
CA ASP C 40 -1.06 -5.33 -12.24
C ASP C 40 -0.82 -5.57 -10.75
N ARG C 41 -0.56 -6.80 -10.39
CA ARG C 41 -0.34 -7.14 -8.95
C ARG C 41 1.07 -6.76 -8.50
N ARG C 42 2.07 -7.25 -9.18
CA ARG C 42 3.47 -6.90 -8.77
C ARG C 42 3.68 -5.40 -8.90
N ILE C 43 3.02 -4.80 -9.83
CA ILE C 43 3.16 -3.33 -10.02
C ILE C 43 2.53 -2.57 -8.86
N ALA C 44 1.24 -2.74 -8.66
CA ALA C 44 0.57 -2.03 -7.54
C ALA C 44 1.30 -2.33 -6.24
N ILE C 45 1.74 -3.55 -6.05
CA ILE C 45 2.48 -3.89 -4.80
C ILE C 45 3.79 -3.10 -4.75
N THR C 46 4.66 -3.34 -5.69
CA THR C 46 5.98 -2.63 -5.71
C THR C 46 5.76 -1.12 -5.59
N GLU C 47 4.76 -0.60 -6.26
CA GLU C 47 4.51 0.87 -6.19
C GLU C 47 4.26 1.30 -4.74
N ALA C 48 3.40 0.60 -4.05
CA ALA C 48 3.10 0.98 -2.63
C ALA C 48 4.36 0.86 -1.76
N ILE C 49 5.21 -0.08 -2.05
CA ILE C 49 6.45 -0.25 -1.23
C ILE C 49 7.30 1.02 -1.31
N GLN C 50 7.60 1.47 -2.50
CA GLN C 50 8.43 2.70 -2.63
C GLN C 50 7.72 3.87 -1.95
N ALA C 51 6.43 3.93 -2.08
CA ALA C 51 5.66 5.02 -1.43
C ALA C 51 5.86 4.95 0.08
N ASN C 52 5.86 3.76 0.62
CA ASN C 52 6.07 3.60 2.09
C ASN C 52 7.44 4.18 2.47
N ILE C 53 8.39 4.08 1.59
CA ILE C 53 9.74 4.64 1.91
C ILE C 53 9.60 6.16 2.09
N GLU C 54 8.96 6.80 1.17
CA GLU C 54 8.77 8.27 1.29
C GLU C 54 7.88 8.55 2.51
N LEU C 55 6.87 7.76 2.70
CA LEU C 55 5.97 7.95 3.87
C LEU C 55 6.77 7.86 5.17
N PHE C 56 7.90 7.22 5.13
CA PHE C 56 8.74 7.09 6.36
C PHE C 56 9.81 8.20 6.41
N SER C 57 9.77 9.12 5.49
CA SER C 57 10.77 10.22 5.50
C SER C 57 10.91 10.83 6.90
N GLY C 58 9.88 10.74 7.69
CA GLY C 58 9.95 11.30 9.07
C GLY C 58 10.50 10.25 10.04
N HIS C 59 11.50 10.61 10.79
CA HIS C 59 12.07 9.62 11.76
C HIS C 59 13.15 10.30 12.61
N LYS C 60 12.81 11.35 13.30
CA LYS C 60 13.82 12.05 14.15
C LYS C 60 13.38 12.01 15.62
N HIS C 61 14.21 11.47 16.46
CA HIS C 61 13.87 11.42 17.91
C HIS C 61 14.76 12.41 18.66
N LYS C 62 14.84 13.62 18.17
CA LYS C 62 15.69 14.65 18.82
C LYS C 62 17.17 14.25 18.71
N PRO C 63 17.58 13.93 17.51
CA PRO C 63 19.00 13.52 17.28
C PRO C 63 19.92 14.74 17.38
N LEU C 64 20.95 14.64 18.17
CA LEU C 64 21.89 15.80 18.33
C LEU C 64 21.10 17.08 18.62
N MET C 1 -9.81 -4.37 13.30
CA MET C 1 -10.22 -3.15 12.54
C MET C 1 -10.77 -3.55 11.17
N GLY C 2 -12.03 -3.33 10.94
CA GLY C 2 -12.62 -3.70 9.61
C GLY C 2 -12.23 -5.13 9.26
N ARG C 3 -11.54 -5.31 8.17
CA ARG C 3 -11.11 -6.68 7.77
C ARG C 3 -9.69 -6.93 8.26
N ARG C 4 -9.42 -8.09 8.82
CA ARG C 4 -8.06 -8.36 9.34
C ARG C 4 -7.09 -8.76 8.21
N ARG C 5 -7.32 -9.88 7.58
CA ARG C 5 -6.40 -10.29 6.49
C ARG C 5 -7.18 -10.95 5.35
N SER C 6 -6.62 -10.96 4.16
CA SER C 6 -7.32 -11.59 3.01
C SER C 6 -6.32 -12.38 2.17
N HIS C 7 -6.76 -12.95 1.07
CA HIS C 7 -5.83 -13.73 0.21
C HIS C 7 -4.97 -12.78 -0.63
N GLU C 8 -5.58 -11.80 -1.26
CA GLU C 8 -4.79 -10.85 -2.10
C GLU C 8 -4.04 -9.88 -1.18
N ARG C 9 -4.64 -9.49 -0.11
CA ARG C 9 -3.96 -8.57 0.83
C ARG C 9 -2.83 -9.30 1.54
N ARG C 10 -2.74 -10.60 1.39
CA ARG C 10 -1.63 -11.35 2.06
C ARG C 10 -0.32 -11.08 1.33
N ASP C 11 -0.41 -10.83 0.05
CA ASP C 11 0.84 -10.56 -0.74
C ASP C 11 0.96 -9.06 -1.05
N LEU C 12 -0.04 -8.28 -0.77
CA LEU C 12 0.05 -6.82 -1.05
C LEU C 12 0.79 -6.09 0.07
N PRO C 13 1.32 -4.94 -0.28
CA PRO C 13 2.06 -4.11 0.69
C PRO C 13 1.08 -3.22 1.44
N PRO C 14 1.59 -2.48 2.38
CA PRO C 14 0.73 -1.55 3.14
C PRO C 14 0.37 -0.37 2.25
N ASN C 15 -0.79 0.22 2.47
CA ASN C 15 -1.24 1.37 1.64
C ASN C 15 -1.64 0.92 0.22
N LEU C 16 -1.81 -0.36 0.02
CA LEU C 16 -2.22 -0.85 -1.33
C LEU C 16 -3.16 -2.04 -1.15
N TYR C 17 -4.34 -1.95 -1.70
CA TYR C 17 -5.33 -3.07 -1.55
C TYR C 17 -5.96 -3.38 -2.91
N ILE C 18 -6.52 -4.56 -3.03
CA ILE C 18 -7.13 -4.94 -4.33
C ILE C 18 -8.66 -4.87 -4.26
N ARG C 19 -9.29 -4.45 -5.33
CA ARG C 19 -10.77 -4.35 -5.36
C ARG C 19 -11.34 -5.69 -5.83
N ASN C 20 -12.61 -5.74 -6.08
CA ASN C 20 -13.19 -7.02 -6.53
C ASN C 20 -12.96 -7.20 -8.04
N ASN C 21 -12.67 -6.13 -8.75
CA ASN C 21 -12.42 -6.25 -10.21
C ASN C 21 -10.97 -6.63 -10.50
N GLY C 22 -10.25 -7.12 -9.53
CA GLY C 22 -8.83 -7.50 -9.77
C GLY C 22 -8.00 -6.22 -10.00
N TYR C 23 -8.49 -5.10 -9.57
CA TYR C 23 -7.74 -3.83 -9.74
C TYR C 23 -7.06 -3.42 -8.42
N TYR C 24 -5.79 -3.09 -8.46
CA TYR C 24 -5.11 -2.68 -7.20
C TYR C 24 -5.26 -1.16 -7.02
N CYS C 25 -5.24 -0.70 -5.79
CA CYS C 25 -5.38 0.77 -5.56
C CYS C 25 -4.58 1.19 -4.33
N TYR C 26 -3.91 2.30 -4.40
CA TYR C 26 -3.11 2.77 -3.23
C TYR C 26 -3.88 3.87 -2.49
N ARG C 27 -4.15 3.68 -1.24
CA ARG C 27 -4.90 4.72 -0.47
C ARG C 27 -3.93 5.76 0.11
N ASP C 28 -4.23 7.02 -0.06
CA ASP C 28 -3.32 8.06 0.48
C ASP C 28 -3.60 8.25 1.98
N PRO C 29 -2.55 8.42 2.74
CA PRO C 29 -2.71 8.62 4.20
C PRO C 29 -3.18 10.03 4.51
N ARG C 30 -3.05 10.93 3.57
CA ARG C 30 -3.50 12.33 3.80
C ARG C 30 -4.99 12.44 3.51
N THR C 31 -5.42 11.84 2.43
CA THR C 31 -6.86 11.91 2.08
C THR C 31 -7.57 10.63 2.55
N GLY C 32 -6.91 9.51 2.43
CA GLY C 32 -7.53 8.23 2.86
C GLY C 32 -8.33 7.62 1.72
N LYS C 33 -8.49 8.32 0.62
CA LYS C 33 -9.27 7.74 -0.51
C LYS C 33 -8.39 6.82 -1.36
N GLU C 34 -8.95 6.23 -2.38
CA GLU C 34 -8.15 5.26 -3.20
C GLU C 34 -7.71 5.84 -4.55
N PHE C 35 -6.80 5.14 -5.20
CA PHE C 35 -6.31 5.58 -6.53
C PHE C 35 -5.92 4.36 -7.36
N GLY C 36 -6.60 4.12 -8.46
CA GLY C 36 -6.29 2.94 -9.31
C GLY C 36 -4.78 2.82 -9.54
N LEU C 37 -4.16 1.80 -9.01
CA LEU C 37 -2.71 1.60 -9.21
C LEU C 37 -2.46 0.64 -10.37
N GLY C 38 -3.37 0.57 -11.30
CA GLY C 38 -3.20 -0.35 -12.46
C GLY C 38 -3.72 -1.73 -12.10
N ARG C 39 -3.93 -2.57 -13.08
CA ARG C 39 -4.46 -3.94 -12.79
C ARG C 39 -3.30 -4.92 -12.56
N ASP C 40 -2.08 -4.48 -12.70
CA ASP C 40 -0.92 -5.39 -12.49
C ASP C 40 -0.62 -5.52 -10.99
N ARG C 41 -0.48 -6.72 -10.51
CA ARG C 41 -0.23 -6.95 -9.06
C ARG C 41 1.23 -6.69 -8.68
N ARG C 42 2.17 -7.26 -9.37
CA ARG C 42 3.60 -7.00 -9.02
C ARG C 42 3.90 -5.52 -9.23
N ILE C 43 3.23 -4.93 -10.17
CA ILE C 43 3.44 -3.49 -10.46
C ILE C 43 2.85 -2.63 -9.33
N ALA C 44 1.56 -2.69 -9.14
CA ALA C 44 0.94 -1.87 -8.06
C ALA C 44 1.61 -2.20 -6.73
N ILE C 45 1.89 -3.45 -6.48
CA ILE C 45 2.55 -3.83 -5.20
C ILE C 45 3.95 -3.20 -5.13
N THR C 46 4.75 -3.40 -6.14
CA THR C 46 6.13 -2.82 -6.14
C THR C 46 6.08 -1.31 -5.92
N GLU C 47 5.20 -0.64 -6.61
CA GLU C 47 5.10 0.85 -6.45
C GLU C 47 4.71 1.22 -5.03
N ALA C 48 3.74 0.54 -4.47
CA ALA C 48 3.30 0.87 -3.08
C ALA C 48 4.44 0.65 -2.08
N ILE C 49 5.20 -0.40 -2.22
CA ILE C 49 6.31 -0.66 -1.26
C ILE C 49 7.32 0.49 -1.30
N GLN C 50 7.75 0.88 -2.48
CA GLN C 50 8.73 1.99 -2.56
C GLN C 50 8.14 3.25 -1.94
N ALA C 51 6.88 3.46 -2.13
CA ALA C 51 6.22 4.66 -1.53
C ALA C 51 6.33 4.59 -0.01
N ASN C 52 6.14 3.42 0.55
CA ASN C 52 6.25 3.28 2.02
C ASN C 52 7.65 3.68 2.49
N ILE C 53 8.63 3.43 1.67
CA ILE C 53 10.02 3.82 2.06
C ILE C 53 10.10 5.34 2.19
N GLU C 54 9.64 6.03 1.18
CA GLU C 54 9.65 7.52 1.24
C GLU C 54 8.72 7.99 2.37
N LEU C 55 7.64 7.28 2.58
CA LEU C 55 6.69 7.68 3.65
C LEU C 55 7.40 7.72 5.00
N PHE C 56 8.34 6.83 5.21
CA PHE C 56 9.07 6.83 6.51
C PHE C 56 10.43 7.54 6.36
N SER C 57 11.17 7.21 5.34
CA SER C 57 12.50 7.87 5.14
C SER C 57 12.35 9.08 4.21
N GLY C 58 11.16 9.61 4.11
CA GLY C 58 10.95 10.79 3.21
C GLY C 58 11.77 11.98 3.71
N HIS C 59 11.21 13.16 3.63
CA HIS C 59 11.96 14.37 4.10
C HIS C 59 12.12 14.36 5.62
N LYS C 60 12.72 15.39 6.16
CA LYS C 60 12.91 15.45 7.64
C LYS C 60 11.57 15.26 8.36
N HIS C 61 11.49 14.28 9.21
CA HIS C 61 10.24 14.03 9.96
C HIS C 61 10.50 14.14 11.46
N LYS C 62 11.60 13.58 11.90
CA LYS C 62 11.94 13.65 13.35
C LYS C 62 13.41 13.26 13.56
N PRO C 63 14.28 13.89 12.80
CA PRO C 63 15.73 13.61 12.92
C PRO C 63 16.28 14.14 14.25
N LEU C 64 17.57 14.07 14.43
CA LEU C 64 18.16 14.58 15.71
C LEU C 64 18.82 15.95 15.47
N MET C 1 -10.47 -4.25 14.99
CA MET C 1 -10.96 -3.35 13.90
C MET C 1 -11.89 -4.13 12.96
N GLY C 2 -12.09 -3.66 11.76
CA GLY C 2 -13.00 -4.39 10.82
C GLY C 2 -12.23 -5.52 10.14
N ARG C 3 -11.21 -5.20 9.39
CA ARG C 3 -10.43 -6.27 8.70
C ARG C 3 -8.94 -6.11 9.04
N ARG C 4 -8.41 -6.99 9.83
CA ARG C 4 -6.97 -6.91 10.20
C ARG C 4 -6.08 -7.33 9.03
N ARG C 5 -6.21 -8.55 8.59
CA ARG C 5 -5.37 -9.01 7.45
C ARG C 5 -6.20 -9.90 6.51
N SER C 6 -5.76 -10.07 5.29
CA SER C 6 -6.52 -10.92 4.34
C SER C 6 -5.55 -11.78 3.52
N HIS C 7 -6.04 -12.44 2.51
CA HIS C 7 -5.15 -13.30 1.67
C HIS C 7 -4.37 -12.44 0.66
N GLU C 8 -5.06 -11.69 -0.15
CA GLU C 8 -4.36 -10.83 -1.13
C GLU C 8 -3.45 -9.83 -0.41
N ARG C 9 -3.84 -9.42 0.78
CA ARG C 9 -3.01 -8.47 1.54
C ARG C 9 -1.75 -9.18 2.06
N ARG C 10 -1.67 -10.47 1.89
CA ARG C 10 -0.48 -11.21 2.37
C ARG C 10 0.75 -10.82 1.55
N ASP C 11 0.55 -10.33 0.35
CA ASP C 11 1.71 -9.93 -0.50
C ASP C 11 1.61 -8.46 -0.89
N LEU C 12 0.79 -7.70 -0.22
CA LEU C 12 0.66 -6.25 -0.58
C LEU C 12 1.26 -5.37 0.52
N PRO C 13 1.97 -4.35 0.11
CA PRO C 13 2.59 -3.41 1.08
C PRO C 13 1.52 -2.51 1.67
N PRO C 14 1.92 -1.68 2.60
CA PRO C 14 0.96 -0.74 3.21
C PRO C 14 0.56 0.31 2.18
N ASN C 15 -0.62 0.85 2.30
CA ASN C 15 -1.12 1.89 1.33
C ASN C 15 -1.43 1.25 -0.02
N LEU C 16 -1.70 -0.04 -0.05
CA LEU C 16 -2.03 -0.70 -1.34
C LEU C 16 -3.08 -1.79 -1.07
N TYR C 17 -4.27 -1.60 -1.58
CA TYR C 17 -5.34 -2.61 -1.35
C TYR C 17 -6.08 -2.90 -2.66
N ILE C 18 -6.73 -4.03 -2.75
CA ILE C 18 -7.46 -4.38 -4.00
C ILE C 18 -8.96 -4.25 -3.81
N ARG C 19 -9.64 -3.75 -4.81
CA ARG C 19 -11.11 -3.60 -4.73
C ARG C 19 -11.77 -4.86 -5.28
N ASN C 20 -13.04 -4.83 -5.45
CA ASN C 20 -13.72 -6.04 -5.98
C ASN C 20 -13.57 -6.10 -7.51
N ASN C 21 -13.21 -5.01 -8.13
CA ASN C 21 -13.05 -5.01 -9.60
C ASN C 21 -11.66 -5.51 -10.00
N GLY C 22 -10.91 -6.04 -9.07
CA GLY C 22 -9.55 -6.54 -9.42
C GLY C 22 -8.61 -5.35 -9.64
N TYR C 23 -8.96 -4.20 -9.14
CA TYR C 23 -8.08 -3.00 -9.31
C TYR C 23 -7.41 -2.62 -7.99
N TYR C 24 -6.12 -2.43 -7.99
CA TYR C 24 -5.42 -2.03 -6.74
C TYR C 24 -5.46 -0.50 -6.60
N CYS C 25 -5.28 0.01 -5.41
CA CYS C 25 -5.33 1.50 -5.24
C CYS C 25 -4.36 1.95 -4.13
N TYR C 26 -3.97 3.20 -4.17
CA TYR C 26 -3.02 3.71 -3.13
C TYR C 26 -3.76 4.52 -2.07
N ARG C 27 -3.79 4.05 -0.85
CA ARG C 27 -4.49 4.81 0.22
C ARG C 27 -3.54 5.81 0.88
N ASP C 28 -3.90 7.07 0.91
CA ASP C 28 -3.02 8.09 1.54
C ASP C 28 -3.21 8.06 3.06
N PRO C 29 -2.13 8.21 3.78
CA PRO C 29 -2.19 8.20 5.27
C PRO C 29 -2.75 9.52 5.81
N ARG C 30 -2.84 10.52 4.97
CA ARG C 30 -3.36 11.83 5.43
C ARG C 30 -4.89 11.82 5.40
N THR C 31 -5.46 11.03 4.54
CA THR C 31 -6.95 11.00 4.47
C THR C 31 -7.49 9.57 4.36
N GLY C 32 -6.73 8.66 3.83
CA GLY C 32 -7.23 7.25 3.69
C GLY C 32 -7.93 7.06 2.34
N LYS C 33 -8.11 8.11 1.58
CA LYS C 33 -8.77 7.96 0.26
C LYS C 33 -7.76 7.39 -0.74
N GLU C 34 -8.13 7.12 -1.96
CA GLU C 34 -7.10 6.53 -2.87
C GLU C 34 -7.41 6.73 -4.34
N PHE C 35 -6.53 6.26 -5.17
CA PHE C 35 -6.73 6.40 -6.64
C PHE C 35 -6.36 5.06 -7.31
N GLY C 36 -6.93 4.78 -8.45
CA GLY C 36 -6.63 3.50 -9.14
C GLY C 36 -5.14 3.42 -9.49
N LEU C 37 -4.46 2.43 -8.99
CA LEU C 37 -3.01 2.29 -9.29
C LEU C 37 -2.84 1.45 -10.56
N GLY C 38 -3.03 0.17 -10.47
CA GLY C 38 -2.90 -0.71 -11.66
C GLY C 38 -3.61 -2.02 -11.40
N ARG C 39 -3.96 -2.75 -12.42
CA ARG C 39 -4.65 -4.05 -12.20
C ARG C 39 -3.60 -5.16 -11.97
N ASP C 40 -2.37 -4.89 -12.28
CA ASP C 40 -1.30 -5.91 -12.07
C ASP C 40 -0.84 -5.86 -10.60
N ARG C 41 -0.78 -6.99 -9.98
CA ARG C 41 -0.36 -7.05 -8.54
C ARG C 41 1.07 -6.52 -8.36
N ARG C 42 2.02 -7.08 -9.08
CA ARG C 42 3.42 -6.59 -8.93
C ARG C 42 3.47 -5.11 -9.31
N ILE C 43 2.58 -4.68 -10.14
CA ILE C 43 2.54 -3.26 -10.56
C ILE C 43 2.01 -2.37 -9.43
N ALA C 44 0.77 -2.56 -9.06
CA ALA C 44 0.20 -1.72 -7.96
C ALA C 44 1.03 -1.88 -6.69
N ILE C 45 1.44 -3.09 -6.38
CA ILE C 45 2.25 -3.32 -5.15
C ILE C 45 3.59 -2.57 -5.29
N THR C 46 4.26 -2.74 -6.40
CA THR C 46 5.56 -2.05 -6.61
C THR C 46 5.41 -0.56 -6.35
N GLU C 47 4.31 0.01 -6.78
CA GLU C 47 4.10 1.47 -6.58
C GLU C 47 4.06 1.81 -5.09
N ALA C 48 3.27 1.10 -4.33
CA ALA C 48 3.18 1.38 -2.86
C ALA C 48 4.53 1.16 -2.18
N ILE C 49 5.27 0.16 -2.59
CA ILE C 49 6.58 -0.09 -1.94
C ILE C 49 7.51 1.10 -2.12
N GLN C 50 7.56 1.65 -3.31
CA GLN C 50 8.46 2.82 -3.54
C GLN C 50 8.04 3.98 -2.64
N ALA C 51 6.79 4.29 -2.63
CA ALA C 51 6.31 5.40 -1.77
C ALA C 51 6.66 5.09 -0.31
N ASN C 52 6.54 3.85 0.08
CA ASN C 52 6.89 3.47 1.47
C ASN C 52 8.35 3.80 1.73
N ILE C 53 9.17 3.75 0.71
CA ILE C 53 10.61 4.08 0.92
C ILE C 53 10.70 5.55 1.32
N GLU C 54 10.05 6.41 0.58
CA GLU C 54 10.06 7.85 0.94
C GLU C 54 9.37 8.04 2.29
N LEU C 55 8.25 7.39 2.49
CA LEU C 55 7.52 7.51 3.77
C LEU C 55 8.42 7.10 4.94
N PHE C 56 9.20 6.06 4.76
CA PHE C 56 10.11 5.62 5.85
C PHE C 56 11.55 6.07 5.61
N SER C 57 11.77 6.87 4.59
CA SER C 57 13.17 7.34 4.30
C SER C 57 13.84 7.85 5.57
N GLY C 58 13.06 8.34 6.51
CA GLY C 58 13.66 8.86 7.77
C GLY C 58 13.16 8.02 8.95
N HIS C 59 13.91 7.02 9.34
CA HIS C 59 13.47 6.17 10.49
C HIS C 59 14.69 5.60 11.22
N LYS C 60 14.47 4.76 12.19
CA LYS C 60 15.61 4.17 12.94
C LYS C 60 16.35 3.14 12.06
N HIS C 61 17.61 3.36 11.85
CA HIS C 61 18.40 2.40 11.02
C HIS C 61 19.62 1.94 11.81
N LYS C 62 20.25 2.84 12.50
CA LYS C 62 21.45 2.47 13.32
C LYS C 62 21.00 1.81 14.64
N PRO C 63 20.09 2.45 15.33
CA PRO C 63 19.60 1.90 16.61
C PRO C 63 18.60 0.76 16.37
N LEU C 64 18.80 -0.35 16.99
CA LEU C 64 17.86 -1.50 16.80
C LEU C 64 16.58 -1.28 17.61
#